data_4YGI
# 
_entry.id   4YGI 
# 
_audit_conform.dict_name       mmcif_pdbx.dic 
_audit_conform.dict_version    5.380 
_audit_conform.dict_location   http://mmcif.pdb.org/dictionaries/ascii/mmcif_pdbx.dic 
# 
loop_
_database_2.database_id 
_database_2.database_code 
_database_2.pdbx_database_accession 
_database_2.pdbx_DOI 
PDB   4YGI         pdb_00004ygi 10.2210/pdb4ygi/pdb 
WWPDB D_1000207324 ?            ?                   
# 
loop_
_pdbx_database_related.db_name 
_pdbx_database_related.details 
_pdbx_database_related.db_id 
_pdbx_database_related.content_type 
PDB '3Q0B contains the same SUVH5 SRA complexed with fully methylated CG DNA in space group P42212.' 3Q0B unspecified 
PDB '3Q0C contains the same SUVH5 SRA complexed with fully methylated CG DNA in space group P6122.'  3Q0C unspecified 
PDB '3Q0D contains the same SUVH5 SRA complexed with hemi methylated CG DNA.'                        3Q0D unspecified 
PDB '3Q0F contains the same SUVH5 SRA complexed with methylated CHH DNA.'                            3Q0F unspecified 
# 
_pdbx_database_status.status_code                     REL 
_pdbx_database_status.status_code_sf                  REL 
_pdbx_database_status.status_code_mr                  ? 
_pdbx_database_status.entry_id                        4YGI 
_pdbx_database_status.recvd_initial_deposition_date   2015-02-26 
_pdbx_database_status.SG_entry                        N 
_pdbx_database_status.deposit_site                    RCSB 
_pdbx_database_status.process_site                    PDBJ 
_pdbx_database_status.status_code_cs                  ? 
_pdbx_database_status.methods_development_category    ? 
_pdbx_database_status.pdb_format_compatible           Y 
_pdbx_database_status.status_code_nmr_data            ? 
# 
_audit_author.name           'Rajakumara, E.' 
_audit_author.pdbx_ordinal   1 
# 
_citation.abstract                  ? 
_citation.abstract_id_CAS           ? 
_citation.book_id_ISBN              ? 
_citation.book_publisher            ? 
_citation.book_publisher_city       ? 
_citation.book_title                ? 
_citation.coordinate_linkage        ? 
_citation.country                   UK 
_citation.database_id_Medline       ? 
_citation.details                   ? 
_citation.id                        primary 
_citation.journal_abbrev            'Sci Rep' 
_citation.journal_id_ASTM           ? 
_citation.journal_id_CSD            ? 
_citation.journal_id_ISSN           2045-2322 
_citation.journal_full              ? 
_citation.journal_issue             ? 
_citation.journal_volume            6 
_citation.language                  ? 
_citation.page_first                20161 
_citation.page_last                 20161 
_citation.title                     
'Mechanistic insights into the recognition of 5-methylcytosine oxidation derivatives by the SUVH5 SRA domain' 
_citation.year                      2016 
_citation.database_id_CSD           ? 
_citation.pdbx_database_id_DOI      10.1038/srep20161 
_citation.pdbx_database_id_PubMed   26841909 
_citation.unpublished_flag          ? 
# 
loop_
_citation_author.citation_id 
_citation_author.name 
_citation_author.ordinal 
_citation_author.identifier_ORCID 
primary 'Rajakumara, E.'    1 ? 
primary 'Nakarakanti, N.K.' 2 ? 
primary 'Nivya, M.A.'       3 ? 
primary 'Satish, M.'        4 ? 
# 
_cell.length_a           76.980 
_cell.length_b           76.980 
_cell.length_c           72.111 
_cell.angle_alpha        90.000 
_cell.angle_beta         90.000 
_cell.angle_gamma        90.000 
_cell.entry_id           4YGI 
_cell.Z_PDB              8 
_cell.pdbx_unique_axis   ? 
# 
_symmetry.space_group_name_H-M             'P 42 21 2' 
_symmetry.entry_id                         4YGI 
_symmetry.pdbx_full_space_group_name_H-M   ? 
_symmetry.cell_setting                     ? 
_symmetry.Int_Tables_number                94 
# 
loop_
_entity.id 
_entity.type 
_entity.src_method 
_entity.pdbx_description 
_entity.formula_weight 
_entity.pdbx_number_of_molecules 
_entity.pdbx_ec 
_entity.pdbx_mutation 
_entity.pdbx_fragment 
_entity.details 
1 polymer     man 'Histone-lysine N-methyltransferase, H3 lysine-9 specific SUVH5' 18515.920 1  2.1.1.43 ? 
'SUVH5 SRA DOMAIN, UNP residues 362-528' ? 
2 polymer     syn Polydeoxyribonucleotide                                          3378.235  1  ?        ? ? ? 
3 non-polymer syn 'MAGNESIUM ION'                                                  24.305    3  ?        ? ? ? 
4 water       nat water                                                            18.015    16 ?        ? ? ? 
# 
_entity_name_com.entity_id   1 
_entity_name_com.name        
;Histone H3-K9 methyltransferase 5,H3-K9-HMTase 5,Protein SET DOMAIN GROUP 9,Suppressor of variegation 3-9 homolog protein 5,Su(var)3-9 homolog protein 5
;
# 
loop_
_entity_poly.entity_id 
_entity_poly.type 
_entity_poly.nstd_linkage 
_entity_poly.nstd_monomer 
_entity_poly.pdbx_seq_one_letter_code 
_entity_poly.pdbx_seq_one_letter_code_can 
_entity_poly.pdbx_strand_id 
_entity_poly.pdbx_target_identifier 
1 'polypeptide(L)'        no no  
;QIIGTVPGVEVGDEFQYRMELNLLGIHRPSQSGIDYMKDDGGELVATSIVSSGGYNDVLDNSDVLIYTGQGGNVGKKKNN
EPPKDQQLVTGNLALKNSINKKNPVRVIRGIKNTTLQSSVVAKNYVYDGLYLVEEYWEETGSHGKLVFKFKLRRIPGQPE
LPWKEVA
;
;QIIGTVPGVEVGDEFQYRMELNLLGIHRPSQSGIDYMKDDGGELVATSIVSSGGYNDVLDNSDVLIYTGQGGNVGKKKNN
EPPKDQQLVTGNLALKNSINKKNPVRVIRGIKNTTLQSSVVAKNYVYDGLYLVEEYWEETGSHGKLVFKFKLRRIPGQPE
LPWKEVA
;
A ? 
2 polydeoxyribonucleotide no yes '(DA)(DC)(DT)(DA)(5HC)(DG)(DT)(DA)(DG)(DT)(DT)' ACTAXGTAGTT B ? 
# 
loop_
_entity_poly_seq.entity_id 
_entity_poly_seq.num 
_entity_poly_seq.mon_id 
_entity_poly_seq.hetero 
1 1   GLN n 
1 2   ILE n 
1 3   ILE n 
1 4   GLY n 
1 5   THR n 
1 6   VAL n 
1 7   PRO n 
1 8   GLY n 
1 9   VAL n 
1 10  GLU n 
1 11  VAL n 
1 12  GLY n 
1 13  ASP n 
1 14  GLU n 
1 15  PHE n 
1 16  GLN n 
1 17  TYR n 
1 18  ARG n 
1 19  MET n 
1 20  GLU n 
1 21  LEU n 
1 22  ASN n 
1 23  LEU n 
1 24  LEU n 
1 25  GLY n 
1 26  ILE n 
1 27  HIS n 
1 28  ARG n 
1 29  PRO n 
1 30  SER n 
1 31  GLN n 
1 32  SER n 
1 33  GLY n 
1 34  ILE n 
1 35  ASP n 
1 36  TYR n 
1 37  MET n 
1 38  LYS n 
1 39  ASP n 
1 40  ASP n 
1 41  GLY n 
1 42  GLY n 
1 43  GLU n 
1 44  LEU n 
1 45  VAL n 
1 46  ALA n 
1 47  THR n 
1 48  SER n 
1 49  ILE n 
1 50  VAL n 
1 51  SER n 
1 52  SER n 
1 53  GLY n 
1 54  GLY n 
1 55  TYR n 
1 56  ASN n 
1 57  ASP n 
1 58  VAL n 
1 59  LEU n 
1 60  ASP n 
1 61  ASN n 
1 62  SER n 
1 63  ASP n 
1 64  VAL n 
1 65  LEU n 
1 66  ILE n 
1 67  TYR n 
1 68  THR n 
1 69  GLY n 
1 70  GLN n 
1 71  GLY n 
1 72  GLY n 
1 73  ASN n 
1 74  VAL n 
1 75  GLY n 
1 76  LYS n 
1 77  LYS n 
1 78  LYS n 
1 79  ASN n 
1 80  ASN n 
1 81  GLU n 
1 82  PRO n 
1 83  PRO n 
1 84  LYS n 
1 85  ASP n 
1 86  GLN n 
1 87  GLN n 
1 88  LEU n 
1 89  VAL n 
1 90  THR n 
1 91  GLY n 
1 92  ASN n 
1 93  LEU n 
1 94  ALA n 
1 95  LEU n 
1 96  LYS n 
1 97  ASN n 
1 98  SER n 
1 99  ILE n 
1 100 ASN n 
1 101 LYS n 
1 102 LYS n 
1 103 ASN n 
1 104 PRO n 
1 105 VAL n 
1 106 ARG n 
1 107 VAL n 
1 108 ILE n 
1 109 ARG n 
1 110 GLY n 
1 111 ILE n 
1 112 LYS n 
1 113 ASN n 
1 114 THR n 
1 115 THR n 
1 116 LEU n 
1 117 GLN n 
1 118 SER n 
1 119 SER n 
1 120 VAL n 
1 121 VAL n 
1 122 ALA n 
1 123 LYS n 
1 124 ASN n 
1 125 TYR n 
1 126 VAL n 
1 127 TYR n 
1 128 ASP n 
1 129 GLY n 
1 130 LEU n 
1 131 TYR n 
1 132 LEU n 
1 133 VAL n 
1 134 GLU n 
1 135 GLU n 
1 136 TYR n 
1 137 TRP n 
1 138 GLU n 
1 139 GLU n 
1 140 THR n 
1 141 GLY n 
1 142 SER n 
1 143 HIS n 
1 144 GLY n 
1 145 LYS n 
1 146 LEU n 
1 147 VAL n 
1 148 PHE n 
1 149 LYS n 
1 150 PHE n 
1 151 LYS n 
1 152 LEU n 
1 153 ARG n 
1 154 ARG n 
1 155 ILE n 
1 156 PRO n 
1 157 GLY n 
1 158 GLN n 
1 159 PRO n 
1 160 GLU n 
1 161 LEU n 
1 162 PRO n 
1 163 TRP n 
1 164 LYS n 
1 165 GLU n 
1 166 VAL n 
1 167 ALA n 
2 1   DA  n 
2 2   DC  n 
2 3   DT  n 
2 4   DA  n 
2 5   5HC n 
2 6   DG  n 
2 7   DT  n 
2 8   DA  n 
2 9   DG  n 
2 10  DT  n 
2 11  DT  n 
# 
_entity_src_gen.entity_id                          1 
_entity_src_gen.pdbx_src_id                        1 
_entity_src_gen.pdbx_alt_source_flag               sample 
_entity_src_gen.pdbx_seq_type                      'Biological sequence' 
_entity_src_gen.pdbx_beg_seq_num                   1 
_entity_src_gen.pdbx_end_seq_num                   167 
_entity_src_gen.gene_src_common_name               'Mouse-ear cress' 
_entity_src_gen.gene_src_genus                     ? 
_entity_src_gen.pdbx_gene_src_gene                 'SUVH5, SDG9, SET9, At2g35160, T4C15.17' 
_entity_src_gen.gene_src_species                   ? 
_entity_src_gen.gene_src_strain                    ? 
_entity_src_gen.gene_src_tissue                    ? 
_entity_src_gen.gene_src_tissue_fraction           ? 
_entity_src_gen.gene_src_details                   ? 
_entity_src_gen.pdbx_gene_src_fragment             ? 
_entity_src_gen.pdbx_gene_src_scientific_name      'Arabidopsis thaliana' 
_entity_src_gen.pdbx_gene_src_ncbi_taxonomy_id     3702 
_entity_src_gen.pdbx_gene_src_variant              ? 
_entity_src_gen.pdbx_gene_src_cell_line            ? 
_entity_src_gen.pdbx_gene_src_atcc                 ? 
_entity_src_gen.pdbx_gene_src_organ                ? 
_entity_src_gen.pdbx_gene_src_organelle            ? 
_entity_src_gen.pdbx_gene_src_cell                 ? 
_entity_src_gen.pdbx_gene_src_cellular_location    ? 
_entity_src_gen.host_org_common_name               ? 
_entity_src_gen.pdbx_host_org_scientific_name      'ESCHERICHIA COLI' 
_entity_src_gen.pdbx_host_org_ncbi_taxonomy_id     562 
_entity_src_gen.host_org_genus                     ? 
_entity_src_gen.pdbx_host_org_gene                 ? 
_entity_src_gen.pdbx_host_org_organ                ? 
_entity_src_gen.host_org_species                   ? 
_entity_src_gen.pdbx_host_org_tissue               ? 
_entity_src_gen.pdbx_host_org_tissue_fraction      ? 
_entity_src_gen.pdbx_host_org_strain               'Rosetta2 DE3' 
_entity_src_gen.pdbx_host_org_variant              ? 
_entity_src_gen.pdbx_host_org_cell_line            ? 
_entity_src_gen.pdbx_host_org_atcc                 ? 
_entity_src_gen.pdbx_host_org_culture_collection   ? 
_entity_src_gen.pdbx_host_org_cell                 ? 
_entity_src_gen.pdbx_host_org_organelle            ? 
_entity_src_gen.pdbx_host_org_cellular_location    ? 
_entity_src_gen.pdbx_host_org_vector_type          Plasmid 
_entity_src_gen.pdbx_host_org_vector               ? 
_entity_src_gen.host_org_details                   ? 
_entity_src_gen.expression_system_id               ? 
_entity_src_gen.plasmid_name                       PETSUMO 
_entity_src_gen.plasmid_details                    ? 
_entity_src_gen.pdbx_description                   ? 
# 
_pdbx_entity_src_syn.entity_id              2 
_pdbx_entity_src_syn.pdbx_src_id            1 
_pdbx_entity_src_syn.pdbx_alt_source_flag   sample 
_pdbx_entity_src_syn.pdbx_beg_seq_num       1 
_pdbx_entity_src_syn.pdbx_end_seq_num       11 
_pdbx_entity_src_syn.organism_scientific    'synthetic construct' 
_pdbx_entity_src_syn.organism_common_name   ? 
_pdbx_entity_src_syn.ncbi_taxonomy_id       32630 
_pdbx_entity_src_syn.details                'CHEMICALLY SYNTHESIZED' 
# 
loop_
_struct_ref.id 
_struct_ref.db_name 
_struct_ref.db_code 
_struct_ref.pdbx_db_accession 
_struct_ref.pdbx_db_isoform 
_struct_ref.entity_id 
_struct_ref.pdbx_seq_one_letter_code 
_struct_ref.pdbx_align_begin 
1 UNP SUVH5_ARATH O82175 ? 1 
;QIIGTVPGVEVGDEFQYRMELNLLGIHRPSQSGIDYMKDDGGELVATSIVSSGGYNDVLDNSDVLIYTGQGGNVGKKKNN
EPPKDQQLVTGNLALKNSINKKNPVRVIRGIKNTTLQSSVVAKNYVYDGLYLVEEYWEETGSHGKLVFKFKLRRIPGQPE
LPWKEVA
;
362 
2 PDB 4YGI        4YGI   ? 2 ? 1   
# 
loop_
_struct_ref_seq.align_id 
_struct_ref_seq.ref_id 
_struct_ref_seq.pdbx_PDB_id_code 
_struct_ref_seq.pdbx_strand_id 
_struct_ref_seq.seq_align_beg 
_struct_ref_seq.pdbx_seq_align_beg_ins_code 
_struct_ref_seq.seq_align_end 
_struct_ref_seq.pdbx_seq_align_end_ins_code 
_struct_ref_seq.pdbx_db_accession 
_struct_ref_seq.db_align_beg 
_struct_ref_seq.pdbx_db_align_beg_ins_code 
_struct_ref_seq.db_align_end 
_struct_ref_seq.pdbx_db_align_end_ins_code 
_struct_ref_seq.pdbx_auth_seq_align_beg 
_struct_ref_seq.pdbx_auth_seq_align_end 
1 1 4YGI A 1 ? 167 ? O82175 362 ? 528 ? 362 528 
2 2 4YGI B 1 ? 11  ? 4YGI   1   ? 11  ? 1   11  
# 
loop_
_chem_comp.id 
_chem_comp.type 
_chem_comp.mon_nstd_flag 
_chem_comp.name 
_chem_comp.pdbx_synonyms 
_chem_comp.formula 
_chem_comp.formula_weight 
5HC 'DNA linking'       n 
;2'-deoxy-5-(hydroxymethyl)cytidine 5'-(dihydrogen phosphate)
;
? 'C10 H16 N3 O8 P' 337.223 
ALA 'L-peptide linking' y ALANINE                                                        ? 'C3 H7 N O2'      89.093  
ARG 'L-peptide linking' y ARGININE                                                       ? 'C6 H15 N4 O2 1'  175.209 
ASN 'L-peptide linking' y ASPARAGINE                                                     ? 'C4 H8 N2 O3'     132.118 
ASP 'L-peptide linking' y 'ASPARTIC ACID'                                                ? 'C4 H7 N O4'      133.103 
DA  'DNA linking'       y "2'-DEOXYADENOSINE-5'-MONOPHOSPHATE"                           ? 'C10 H14 N5 O6 P' 331.222 
DC  'DNA linking'       y "2'-DEOXYCYTIDINE-5'-MONOPHOSPHATE"                            ? 'C9 H14 N3 O7 P'  307.197 
DG  'DNA linking'       y "2'-DEOXYGUANOSINE-5'-MONOPHOSPHATE"                           ? 'C10 H14 N5 O7 P' 347.221 
DT  'DNA linking'       y "THYMIDINE-5'-MONOPHOSPHATE"                                   ? 'C10 H15 N2 O8 P' 322.208 
GLN 'L-peptide linking' y GLUTAMINE                                                      ? 'C5 H10 N2 O3'    146.144 
GLU 'L-peptide linking' y 'GLUTAMIC ACID'                                                ? 'C5 H9 N O4'      147.129 
GLY 'peptide linking'   y GLYCINE                                                        ? 'C2 H5 N O2'      75.067  
HIS 'L-peptide linking' y HISTIDINE                                                      ? 'C6 H10 N3 O2 1'  156.162 
HOH non-polymer         . WATER                                                          ? 'H2 O'            18.015  
ILE 'L-peptide linking' y ISOLEUCINE                                                     ? 'C6 H13 N O2'     131.173 
LEU 'L-peptide linking' y LEUCINE                                                        ? 'C6 H13 N O2'     131.173 
LYS 'L-peptide linking' y LYSINE                                                         ? 'C6 H15 N2 O2 1'  147.195 
MET 'L-peptide linking' y METHIONINE                                                     ? 'C5 H11 N O2 S'   149.211 
MG  non-polymer         . 'MAGNESIUM ION'                                                ? 'Mg 2'            24.305  
PHE 'L-peptide linking' y PHENYLALANINE                                                  ? 'C9 H11 N O2'     165.189 
PRO 'L-peptide linking' y PROLINE                                                        ? 'C5 H9 N O2'      115.130 
SER 'L-peptide linking' y SERINE                                                         ? 'C3 H7 N O3'      105.093 
THR 'L-peptide linking' y THREONINE                                                      ? 'C4 H9 N O3'      119.119 
TRP 'L-peptide linking' y TRYPTOPHAN                                                     ? 'C11 H12 N2 O2'   204.225 
TYR 'L-peptide linking' y TYROSINE                                                       ? 'C9 H11 N O3'     181.189 
VAL 'L-peptide linking' y VALINE                                                         ? 'C5 H11 N O2'     117.146 
# 
_exptl.absorpt_coefficient_mu     ? 
_exptl.absorpt_correction_T_max   ? 
_exptl.absorpt_correction_T_min   ? 
_exptl.absorpt_correction_type    ? 
_exptl.absorpt_process_details    ? 
_exptl.entry_id                   4YGI 
_exptl.crystals_number            1 
_exptl.details                    ? 
_exptl.method                     'X-RAY DIFFRACTION' 
_exptl.method_details             ? 
# 
_exptl_crystal.colour                      ? 
_exptl_crystal.density_diffrn              ? 
_exptl_crystal.density_Matthews            2.46 
_exptl_crystal.density_method              ? 
_exptl_crystal.density_percent_sol         49.96 
_exptl_crystal.description                 ? 
_exptl_crystal.F_000                       ? 
_exptl_crystal.id                          1 
_exptl_crystal.preparation                 ? 
_exptl_crystal.size_max                    ? 
_exptl_crystal.size_mid                    ? 
_exptl_crystal.size_min                    ? 
_exptl_crystal.size_rad                    ? 
_exptl_crystal.colour_lustre               ? 
_exptl_crystal.colour_modifier             ? 
_exptl_crystal.colour_primary              ? 
_exptl_crystal.density_meas                ? 
_exptl_crystal.density_meas_esd            ? 
_exptl_crystal.density_meas_gt             ? 
_exptl_crystal.density_meas_lt             ? 
_exptl_crystal.density_meas_temp           ? 
_exptl_crystal.density_meas_temp_esd       ? 
_exptl_crystal.density_meas_temp_gt        ? 
_exptl_crystal.density_meas_temp_lt        ? 
_exptl_crystal.pdbx_crystal_image_url      ? 
_exptl_crystal.pdbx_crystal_image_format   ? 
_exptl_crystal.pdbx_mosaicity              ? 
_exptl_crystal.pdbx_mosaicity_esd          ? 
# 
_exptl_crystal_grow.apparatus       ? 
_exptl_crystal_grow.atmosphere      ? 
_exptl_crystal_grow.crystal_id      1 
_exptl_crystal_grow.details         ? 
_exptl_crystal_grow.method          'VAPOR DIFFUSION, SITTING DROP' 
_exptl_crystal_grow.method_ref      ? 
_exptl_crystal_grow.pH              6.5 
_exptl_crystal_grow.pressure        ? 
_exptl_crystal_grow.pressure_esd    ? 
_exptl_crystal_grow.seeding         ? 
_exptl_crystal_grow.seeding_ref     ? 
_exptl_crystal_grow.temp            291 
_exptl_crystal_grow.temp_details    ? 
_exptl_crystal_grow.temp_esd        ? 
_exptl_crystal_grow.time            ? 
_exptl_crystal_grow.pdbx_details    '0.2M Sodium chloride, 0.1M BIS-TRIS pH 6.5, 25%(w/v) Polyethylene glycol 3,350' 
_exptl_crystal_grow.pdbx_pH_range   ? 
# 
_diffrn.ambient_environment    ? 
_diffrn.ambient_temp           100 
_diffrn.ambient_temp_details   ? 
_diffrn.ambient_temp_esd       ? 
_diffrn.crystal_id             1 
_diffrn.crystal_support        ? 
_diffrn.crystal_treatment      ? 
_diffrn.details                ? 
_diffrn.id                     1 
_diffrn.ambient_pressure       ? 
_diffrn.ambient_pressure_esd   ? 
_diffrn.ambient_pressure_gt    ? 
_diffrn.ambient_pressure_lt    ? 
_diffrn.ambient_temp_gt        ? 
_diffrn.ambient_temp_lt        ? 
# 
_diffrn_detector.details                      ? 
_diffrn_detector.detector                     CCD 
_diffrn_detector.diffrn_id                    1 
_diffrn_detector.type                         'ADSC QUANTUM 315r' 
_diffrn_detector.area_resol_mean              ? 
_diffrn_detector.dtime                        ? 
_diffrn_detector.pdbx_frames_total            ? 
_diffrn_detector.pdbx_collection_time_total   ? 
_diffrn_detector.pdbx_collection_date         2011-11-08 
# 
_diffrn_radiation.collimation                      ? 
_diffrn_radiation.diffrn_id                        1 
_diffrn_radiation.filter_edge                      ? 
_diffrn_radiation.inhomogeneity                    ? 
_diffrn_radiation.monochromator                    'Si(111)' 
_diffrn_radiation.polarisn_norm                    ? 
_diffrn_radiation.polarisn_ratio                   ? 
_diffrn_radiation.probe                            ? 
_diffrn_radiation.type                             ? 
_diffrn_radiation.xray_symbol                      ? 
_diffrn_radiation.wavelength_id                    1 
_diffrn_radiation.pdbx_monochromatic_or_laue_m_l   M 
_diffrn_radiation.pdbx_wavelength_list             ? 
_diffrn_radiation.pdbx_wavelength                  ? 
_diffrn_radiation.pdbx_diffrn_protocol             'SINGLE WAVELENGTH' 
_diffrn_radiation.pdbx_analyzer                    ? 
_diffrn_radiation.pdbx_scattering_type             x-ray 
# 
_diffrn_radiation_wavelength.id           1 
_diffrn_radiation_wavelength.wavelength   1.0718 
_diffrn_radiation_wavelength.wt           1.0 
# 
_diffrn_source.current                     ? 
_diffrn_source.details                     ? 
_diffrn_source.diffrn_id                   1 
_diffrn_source.power                       ? 
_diffrn_source.size                        ? 
_diffrn_source.source                      SYNCHROTRON 
_diffrn_source.target                      ? 
_diffrn_source.type                        'NSLS BEAMLINE X29A' 
_diffrn_source.voltage                     ? 
_diffrn_source.take-off_angle              ? 
_diffrn_source.pdbx_wavelength_list        1.0718 
_diffrn_source.pdbx_wavelength             ? 
_diffrn_source.pdbx_synchrotron_beamline   X29A 
_diffrn_source.pdbx_synchrotron_site       NSLS 
# 
_reflns.B_iso_Wilson_estimate            70.400 
_reflns.entry_id                         4YGI 
_reflns.data_reduction_details           ? 
_reflns.data_reduction_method            ? 
_reflns.d_resolution_high                2.600 
_reflns.d_resolution_low                 50.000 
_reflns.details                          ? 
_reflns.limit_h_max                      ? 
_reflns.limit_h_min                      ? 
_reflns.limit_k_max                      ? 
_reflns.limit_k_min                      ? 
_reflns.limit_l_max                      ? 
_reflns.limit_l_min                      ? 
_reflns.number_all                       ? 
_reflns.number_obs                       7060 
_reflns.observed_criterion               ? 
_reflns.observed_criterion_F_max         ? 
_reflns.observed_criterion_F_min         ? 
_reflns.observed_criterion_I_max         ? 
_reflns.observed_criterion_I_min         ? 
_reflns.observed_criterion_sigma_F       ? 
_reflns.observed_criterion_sigma_I       ? 
_reflns.percent_possible_obs             98.800 
_reflns.R_free_details                   ? 
_reflns.Rmerge_F_all                     ? 
_reflns.Rmerge_F_obs                     ? 
_reflns.Friedel_coverage                 ? 
_reflns.number_gt                        ? 
_reflns.threshold_expression             ? 
_reflns.pdbx_redundancy                  4.600 
_reflns.pdbx_Rmerge_I_obs                0.066 
_reflns.pdbx_Rmerge_I_all                ? 
_reflns.pdbx_Rsym_value                  ? 
_reflns.pdbx_netI_over_av_sigmaI         35.506 
_reflns.pdbx_netI_over_sigmaI            21.700 
_reflns.pdbx_res_netI_over_av_sigmaI_2   ? 
_reflns.pdbx_res_netI_over_sigmaI_2      ? 
_reflns.pdbx_chi_squared                 2.579 
_reflns.pdbx_scaling_rejects             ? 
_reflns.pdbx_d_res_high_opt              ? 
_reflns.pdbx_d_res_low_opt               ? 
_reflns.pdbx_d_res_opt_method            ? 
_reflns.phase_calculation_details        ? 
_reflns.pdbx_Rrim_I_all                  ? 
_reflns.pdbx_Rpim_I_all                  ? 
_reflns.pdbx_d_opt                       ? 
_reflns.pdbx_number_measured_all         32545 
_reflns.pdbx_diffrn_id                   1 
_reflns.pdbx_ordinal                     1 
_reflns.pdbx_CC_half                     ? 
_reflns.pdbx_R_split                     ? 
# 
loop_
_reflns_shell.d_res_high 
_reflns_shell.d_res_low 
_reflns_shell.meanI_over_sigI_all 
_reflns_shell.meanI_over_sigI_obs 
_reflns_shell.number_measured_all 
_reflns_shell.number_measured_obs 
_reflns_shell.number_possible 
_reflns_shell.number_unique_all 
_reflns_shell.number_unique_obs 
_reflns_shell.percent_possible_all 
_reflns_shell.percent_possible_obs 
_reflns_shell.Rmerge_F_all 
_reflns_shell.Rmerge_F_obs 
_reflns_shell.Rmerge_I_all 
_reflns_shell.Rmerge_I_obs 
_reflns_shell.meanI_over_sigI_gt 
_reflns_shell.meanI_over_uI_all 
_reflns_shell.meanI_over_uI_gt 
_reflns_shell.number_measured_gt 
_reflns_shell.number_unique_gt 
_reflns_shell.percent_possible_gt 
_reflns_shell.Rmerge_F_gt 
_reflns_shell.Rmerge_I_gt 
_reflns_shell.pdbx_redundancy 
_reflns_shell.pdbx_Rsym_value 
_reflns_shell.pdbx_chi_squared 
_reflns_shell.pdbx_netI_over_sigmaI_all 
_reflns_shell.pdbx_netI_over_sigmaI_obs 
_reflns_shell.pdbx_Rrim_I_all 
_reflns_shell.pdbx_Rpim_I_all 
_reflns_shell.pdbx_rejects 
_reflns_shell.pdbx_ordinal 
_reflns_shell.pdbx_diffrn_id 
_reflns_shell.pdbx_CC_half 
_reflns_shell.pdbx_R_split 
2.600 2.690  ? 2.4 ? ? ? 682 ? 99.100 ? ? ? ? 0.75  ? ? ? ? ? ? ? ? 4.700 ? 1.931 ? ? ? ? 0 1  1 ? ? 
2.690 2.800  ? ?   ? ? ? 680 ? 99.000 ? ? ? ? 0.572 ? ? ? ? ? ? ? ? 4.800 ? 1.724 ? ? ? ? 0 2  1 ? ? 
2.800 2.930  ? ?   ? ? ? 701 ? 99.900 ? ? ? ? 0.387 ? ? ? ? ? ? ? ? 4.800 ? 1.761 ? ? ? ? 0 3  1 ? ? 
2.930 3.080  ? ?   ? ? ? 695 ? 99.900 ? ? ? ? 0.260 ? ? ? ? ? ? ? ? 4.800 ? 1.907 ? ? ? ? 0 4  1 ? ? 
3.080 3.280  ? ?   ? ? ? 700 ? 99.600 ? ? ? ? 0.132 ? ? ? ? ? ? ? ? 4.800 ? 2.304 ? ? ? ? 0 5  1 ? ? 
3.280 3.530  ? ?   ? ? ? 700 ? 99.300 ? ? ? ? 0.085 ? ? ? ? ? ? ? ? 4.600 ? 2.893 ? ? ? ? 0 6  1 ? ? 
3.530 3.880  ? ?   ? ? ? 700 ? 99.300 ? ? ? ? 0.066 ? ? ? ? ? ? ? ? 4.600 ? 3.139 ? ? ? ? 0 7  1 ? ? 
3.880 4.450  ? ?   ? ? ? 707 ? 99.000 ? ? ? ? 0.054 ? ? ? ? ? ? ? ? 4.500 ? 3.561 ? ? ? ? 0 8  1 ? ? 
4.450 5.600  ? ?   ? ? ? 726 ? 98.100 ? ? ? ? 0.049 ? ? ? ? ? ? ? ? 4.300 ? 3.848 ? ? ? ? 0 9  1 ? ? 
5.600 50.000 ? ?   ? ? ? 769 ? 95.800 ? ? ? ? 0.035 ? ? ? ? ? ? ? ? 4.100 ? 2.957 ? ? ? ? 0 10 1 ? ? 
# 
_refine.entry_id                                 4YGI 
_refine.pdbx_refine_id                           'X-RAY DIFFRACTION' 
_refine.ls_d_res_high                            2.600 
_refine.ls_d_res_low                             33.9560 
_refine.pdbx_ls_sigma_F                          1.350 
_refine.pdbx_data_cutoff_high_absF               ? 
_refine.pdbx_data_cutoff_low_absF                ? 
_refine.ls_percent_reflns_obs                    98.9700 
_refine.ls_number_reflns_obs                     7039 
_refine.ls_number_reflns_all                     ? 
_refine.pdbx_ls_cross_valid_method               'FREE R-VALUE' 
_refine.ls_matrix_type                           ? 
_refine.pdbx_R_Free_selection_details            Random 
_refine.details                                  ? 
_refine.ls_R_factor_all                          ? 
_refine.ls_R_factor_obs                          0.2367 
_refine.ls_R_factor_R_work                       0.2345 
_refine.ls_wR_factor_R_work                      ? 
_refine.ls_R_factor_R_free                       0.2826 
_refine.ls_wR_factor_R_free                      ? 
_refine.ls_percent_reflns_R_free                 4.7000 
_refine.ls_number_reflns_R_free                  331 
_refine.ls_number_reflns_R_work                  6708 
_refine.ls_R_factor_R_free_error                 ? 
_refine.B_iso_mean                               68.3830 
_refine.solvent_model_param_bsol                 ? 
_refine.solvent_model_param_ksol                 ? 
_refine.pdbx_isotropic_thermal_model             ? 
_refine.aniso_B[1][1]                            ? 
_refine.aniso_B[2][2]                            ? 
_refine.aniso_B[3][3]                            ? 
_refine.aniso_B[1][2]                            ? 
_refine.aniso_B[1][3]                            ? 
_refine.aniso_B[2][3]                            ? 
_refine.correlation_coeff_Fo_to_Fc               ? 
_refine.correlation_coeff_Fo_to_Fc_free          ? 
_refine.overall_SU_R_Cruickshank_DPI             ? 
_refine.pdbx_overall_SU_R_free_Cruickshank_DPI   ? 
_refine.pdbx_overall_SU_R_Blow_DPI               ? 
_refine.pdbx_overall_SU_R_free_Blow_DPI          ? 
_refine.overall_SU_R_free                        ? 
_refine.pdbx_overall_ESU_R                       ? 
_refine.pdbx_overall_ESU_R_Free                  ? 
_refine.overall_SU_ML                            0.4100 
_refine.overall_SU_B                             ? 
_refine.solvent_model_details                    'FLAT BULK SOLVENT MODEL' 
_refine.pdbx_solvent_vdw_probe_radii             1.1100 
_refine.pdbx_solvent_ion_probe_radii             ? 
_refine.pdbx_solvent_shrinkage_radii             0.9000 
_refine.ls_number_parameters                     ? 
_refine.ls_number_restraints                     ? 
_refine.pdbx_starting_model                      3Q0B 
_refine.pdbx_method_to_determine_struct          'MOLECULAR REPLACEMENT' 
_refine.pdbx_stereochemistry_target_values       ML 
_refine.pdbx_stereochem_target_val_spec_case     ? 
_refine.overall_FOM_work_R_set                   ? 
_refine.B_iso_max                                106.930 
_refine.B_iso_min                                44.570 
_refine.pdbx_overall_phase_error                 35.3200 
_refine.occupancy_max                            ? 
_refine.occupancy_min                            ? 
_refine.pdbx_diffrn_id                           1 
_refine.pdbx_TLS_residual_ADP_flag               ? 
_refine.pdbx_ls_sigma_I                          ? 
_refine.pdbx_data_cutoff_high_rms_absF           ? 
_refine.ls_R_factor_R_free_error_details         ? 
# 
_refine_hist.cycle_id                         final 
_refine_hist.pdbx_refine_id                   'X-RAY DIFFRACTION' 
_refine_hist.d_res_high                       2.600 
_refine_hist.d_res_low                        33.9560 
_refine_hist.pdbx_number_atoms_ligand         207 
_refine_hist.number_atoms_solvent             16 
_refine_hist.number_atoms_total               1560 
_refine_hist.pdbx_number_residues_total       150 
_refine_hist.pdbx_B_iso_mean_ligand           63.99 
_refine_hist.pdbx_B_iso_mean_solvent          68.10 
_refine_hist.pdbx_number_atoms_protein        1133 
_refine_hist.pdbx_number_atoms_nucleic_acid   204 
# 
loop_
_refine_ls_restr.pdbx_refine_id 
_refine_ls_restr.type 
_refine_ls_restr.number 
_refine_ls_restr.dev_ideal 
_refine_ls_restr.dev_ideal_target 
_refine_ls_restr.weight 
_refine_ls_restr.pdbx_restraint_function 
'X-RAY DIFFRACTION' f_bond_d           1381 0.003  ? ? ? 
'X-RAY DIFFRACTION' f_angle_d          1910 0.607  ? ? ? 
'X-RAY DIFFRACTION' f_chiral_restr     211  0.024  ? ? ? 
'X-RAY DIFFRACTION' f_plane_restr      215  0.003  ? ? ? 
'X-RAY DIFFRACTION' f_dihedral_angle_d 515  17.280 ? ? ? 
# 
loop_
_refine_ls_shell.d_res_high 
_refine_ls_shell.d_res_low 
_refine_ls_shell.pdbx_total_number_of_bins_used 
_refine_ls_shell.percent_reflns_obs 
_refine_ls_shell.number_reflns_R_work 
_refine_ls_shell.R_factor_all 
_refine_ls_shell.R_factor_R_work 
_refine_ls_shell.R_factor_R_free 
_refine_ls_shell.percent_reflns_R_free 
_refine_ls_shell.number_reflns_R_free 
_refine_ls_shell.R_factor_R_free_error 
_refine_ls_shell.number_reflns_all 
_refine_ls_shell.number_reflns_obs 
_refine_ls_shell.pdbx_refine_id 
_refine_ls_shell.R_factor_obs 
2.5956 3.2698  2 99.0000 3278 . 0.2979 0.3905 . 172 . 3450 . 'X-RAY DIFFRACTION' . 
3.2698 33.9586 2 98.0000 3430 . 0.2188 0.2544 . 159 . 3589 . 'X-RAY DIFFRACTION' . 
# 
_struct.entry_id                     4YGI 
_struct.title                        'Crystal Structure of SUVH5 SRA bound to fully hydroxymethylated CG DNA' 
_struct.pdbx_model_details           ? 
_struct.pdbx_formula_weight          ? 
_struct.pdbx_formula_weight_method   ? 
_struct.pdbx_model_type_details      ? 
_struct.pdbx_CASP_flag               ? 
# 
_struct_keywords.entry_id        4YGI 
_struct_keywords.text            
'SUVH5 SRA, Fully hydroxymethylated CG, 5-hydroxymethylcytosine, 5hmC binding protein., TRANSFERASE-DNA complex' 
_struct_keywords.pdbx_keywords   TRANSFERASE/DNA 
# 
loop_
_struct_asym.id 
_struct_asym.pdbx_blank_PDB_chainid_flag 
_struct_asym.pdbx_modified 
_struct_asym.entity_id 
_struct_asym.details 
A N N 1 ? 
B N N 2 ? 
C N N 3 ? 
D N N 3 ? 
E N N 3 ? 
F N N 4 ? 
G N N 4 ? 
# 
loop_
_struct_conf.conf_type_id 
_struct_conf.id 
_struct_conf.pdbx_PDB_helix_id 
_struct_conf.beg_label_comp_id 
_struct_conf.beg_label_asym_id 
_struct_conf.beg_label_seq_id 
_struct_conf.pdbx_beg_PDB_ins_code 
_struct_conf.end_label_comp_id 
_struct_conf.end_label_asym_id 
_struct_conf.end_label_seq_id 
_struct_conf.pdbx_end_PDB_ins_code 
_struct_conf.beg_auth_comp_id 
_struct_conf.beg_auth_asym_id 
_struct_conf.beg_auth_seq_id 
_struct_conf.end_auth_comp_id 
_struct_conf.end_auth_asym_id 
_struct_conf.end_auth_seq_id 
_struct_conf.pdbx_PDB_helix_class 
_struct_conf.details 
_struct_conf.pdbx_PDB_helix_length 
HELX_P HELX_P1 AA1 TYR A 17 ? LEU A 24  ? TYR A 378 LEU A 385 1 ? 8  
HELX_P HELX_P2 AA2 VAL A 89 ? LYS A 102 ? VAL A 450 LYS A 463 1 ? 14 
# 
_struct_conf_type.id          HELX_P 
_struct_conf_type.criteria    ? 
_struct_conf_type.reference   ? 
# 
loop_
_struct_conn.id 
_struct_conn.conn_type_id 
_struct_conn.pdbx_leaving_atom_flag 
_struct_conn.pdbx_PDB_id 
_struct_conn.ptnr1_label_asym_id 
_struct_conn.ptnr1_label_comp_id 
_struct_conn.ptnr1_label_seq_id 
_struct_conn.ptnr1_label_atom_id 
_struct_conn.pdbx_ptnr1_label_alt_id 
_struct_conn.pdbx_ptnr1_PDB_ins_code 
_struct_conn.pdbx_ptnr1_standard_comp_id 
_struct_conn.ptnr1_symmetry 
_struct_conn.ptnr2_label_asym_id 
_struct_conn.ptnr2_label_comp_id 
_struct_conn.ptnr2_label_seq_id 
_struct_conn.ptnr2_label_atom_id 
_struct_conn.pdbx_ptnr2_label_alt_id 
_struct_conn.pdbx_ptnr2_PDB_ins_code 
_struct_conn.ptnr1_auth_asym_id 
_struct_conn.ptnr1_auth_comp_id 
_struct_conn.ptnr1_auth_seq_id 
_struct_conn.ptnr2_auth_asym_id 
_struct_conn.ptnr2_auth_comp_id 
_struct_conn.ptnr2_auth_seq_id 
_struct_conn.ptnr2_symmetry 
_struct_conn.pdbx_ptnr3_label_atom_id 
_struct_conn.pdbx_ptnr3_label_seq_id 
_struct_conn.pdbx_ptnr3_label_comp_id 
_struct_conn.pdbx_ptnr3_label_asym_id 
_struct_conn.pdbx_ptnr3_label_alt_id 
_struct_conn.pdbx_ptnr3_PDB_ins_code 
_struct_conn.details 
_struct_conn.pdbx_dist_value 
_struct_conn.pdbx_value_order 
_struct_conn.pdbx_role 
covale1  covale both ? B DA  4  "O3'" ? ? ? 1_555 B 5HC 5  P  ? ? B DA  4  B 5HC 5  1_555 ? ? ? ? ? ? ?            1.607 ? ? 
covale2  covale both ? B 5HC 5  "O3'" ? ? ? 1_555 B DG  6  P  ? ? B 5HC 5  B DG  6  1_555 ? ? ? ? ? ? ?            1.609 ? ? 
hydrog1  hydrog ?    ? B DA  1  N1    ? ? ? 1_555 B DT  10 N3 ? ? B DA  1  B DT  10 7_555 ? ? ? ? ? ? WATSON-CRICK ?     ? ? 
hydrog2  hydrog ?    ? B DA  1  N6    ? ? ? 1_555 B DT  10 O4 ? ? B DA  1  B DT  10 7_555 ? ? ? ? ? ? WATSON-CRICK ?     ? ? 
hydrog3  hydrog ?    ? B DC  2  N3    ? ? ? 1_555 B DG  9  N1 ? ? B DC  2  B DG  9  7_555 ? ? ? ? ? ? WATSON-CRICK ?     ? ? 
hydrog4  hydrog ?    ? B DC  2  N4    ? ? ? 1_555 B DG  9  O6 ? ? B DC  2  B DG  9  7_555 ? ? ? ? ? ? WATSON-CRICK ?     ? ? 
hydrog5  hydrog ?    ? B DC  2  O2    ? ? ? 1_555 B DG  9  N2 ? ? B DC  2  B DG  9  7_555 ? ? ? ? ? ? WATSON-CRICK ?     ? ? 
hydrog6  hydrog ?    ? B DT  3  N3    ? ? ? 1_555 B DA  8  N1 ? ? B DT  3  B DA  8  7_555 ? ? ? ? ? ? WATSON-CRICK ?     ? ? 
hydrog7  hydrog ?    ? B DT  3  O4    ? ? ? 1_555 B DA  8  N6 ? ? B DT  3  B DA  8  7_555 ? ? ? ? ? ? WATSON-CRICK ?     ? ? 
hydrog8  hydrog ?    ? B DA  4  N1    ? ? ? 1_555 B DT  7  N3 ? ? B DA  4  B DT  7  7_555 ? ? ? ? ? ? WATSON-CRICK ?     ? ? 
hydrog9  hydrog ?    ? B DA  4  N6    ? ? ? 1_555 B DT  7  O4 ? ? B DA  4  B DT  7  7_555 ? ? ? ? ? ? WATSON-CRICK ?     ? ? 
hydrog10 hydrog ?    ? B DT  7  N3    ? ? ? 1_555 B DA  4  N1 ? ? B DT  7  B DA  4  7_555 ? ? ? ? ? ? WATSON-CRICK ?     ? ? 
hydrog11 hydrog ?    ? B DT  7  O4    ? ? ? 1_555 B DA  4  N6 ? ? B DT  7  B DA  4  7_555 ? ? ? ? ? ? WATSON-CRICK ?     ? ? 
hydrog12 hydrog ?    ? B DA  8  N1    ? ? ? 1_555 B DT  3  N3 ? ? B DA  8  B DT  3  7_555 ? ? ? ? ? ? WATSON-CRICK ?     ? ? 
hydrog13 hydrog ?    ? B DA  8  N6    ? ? ? 1_555 B DT  3  O4 ? ? B DA  8  B DT  3  7_555 ? ? ? ? ? ? WATSON-CRICK ?     ? ? 
hydrog14 hydrog ?    ? B DG  9  N1    ? ? ? 1_555 B DC  2  N3 ? ? B DG  9  B DC  2  7_555 ? ? ? ? ? ? WATSON-CRICK ?     ? ? 
hydrog15 hydrog ?    ? B DG  9  N2    ? ? ? 1_555 B DC  2  O2 ? ? B DG  9  B DC  2  7_555 ? ? ? ? ? ? WATSON-CRICK ?     ? ? 
hydrog16 hydrog ?    ? B DG  9  O6    ? ? ? 1_555 B DC  2  N4 ? ? B DG  9  B DC  2  7_555 ? ? ? ? ? ? WATSON-CRICK ?     ? ? 
hydrog17 hydrog ?    ? B DT  10 N3    ? ? ? 1_555 B DA  1  N1 ? ? B DT  10 B DA  1  7_555 ? ? ? ? ? ? WATSON-CRICK ?     ? ? 
hydrog18 hydrog ?    ? B DT  10 O4    ? ? ? 1_555 B DA  1  N6 ? ? B DT  10 B DA  1  7_555 ? ? ? ? ? ? WATSON-CRICK ?     ? ? 
# 
loop_
_struct_conn_type.id 
_struct_conn_type.criteria 
_struct_conn_type.reference 
covale ? ? 
hydrog ? ? 
# 
loop_
_struct_sheet.id 
_struct_sheet.type 
_struct_sheet.number_strands 
_struct_sheet.details 
AA1 ? 5 ? 
AA2 ? 4 ? 
# 
loop_
_struct_sheet_order.sheet_id 
_struct_sheet_order.range_id_1 
_struct_sheet_order.range_id_2 
_struct_sheet_order.offset 
_struct_sheet_order.sense 
AA1 1 2 ? anti-parallel 
AA1 2 3 ? anti-parallel 
AA1 3 4 ? parallel      
AA1 4 5 ? anti-parallel 
AA2 1 2 ? anti-parallel 
AA2 2 3 ? anti-parallel 
AA2 3 4 ? anti-parallel 
# 
loop_
_struct_sheet_range.sheet_id 
_struct_sheet_range.id 
_struct_sheet_range.beg_label_comp_id 
_struct_sheet_range.beg_label_asym_id 
_struct_sheet_range.beg_label_seq_id 
_struct_sheet_range.pdbx_beg_PDB_ins_code 
_struct_sheet_range.end_label_comp_id 
_struct_sheet_range.end_label_asym_id 
_struct_sheet_range.end_label_seq_id 
_struct_sheet_range.pdbx_end_PDB_ins_code 
_struct_sheet_range.beg_auth_comp_id 
_struct_sheet_range.beg_auth_asym_id 
_struct_sheet_range.beg_auth_seq_id 
_struct_sheet_range.end_auth_comp_id 
_struct_sheet_range.end_auth_asym_id 
_struct_sheet_range.end_auth_seq_id 
AA1 1 GLU A 14  ? PHE A 15  ? GLU A 375 PHE A 376 
AA1 2 TYR A 125 ? THR A 140 ? TYR A 486 THR A 501 
AA1 3 VAL A 105 ? GLY A 110 ? VAL A 466 GLY A 471 
AA1 4 LEU A 44  ? SER A 51  ? LEU A 405 SER A 412 
AA1 5 ILE A 34  ? LYS A 38  ? ILE A 395 LYS A 399 
AA2 1 GLU A 14  ? PHE A 15  ? GLU A 375 PHE A 376 
AA2 2 TYR A 125 ? THR A 140 ? TYR A 486 THR A 501 
AA2 3 LEU A 146 ? ARG A 154 ? LEU A 507 ARG A 515 
AA2 4 VAL A 64  ? THR A 68  ? VAL A 425 THR A 429 
# 
loop_
_pdbx_struct_sheet_hbond.sheet_id 
_pdbx_struct_sheet_hbond.range_id_1 
_pdbx_struct_sheet_hbond.range_id_2 
_pdbx_struct_sheet_hbond.range_1_label_atom_id 
_pdbx_struct_sheet_hbond.range_1_label_comp_id 
_pdbx_struct_sheet_hbond.range_1_label_asym_id 
_pdbx_struct_sheet_hbond.range_1_label_seq_id 
_pdbx_struct_sheet_hbond.range_1_PDB_ins_code 
_pdbx_struct_sheet_hbond.range_1_auth_atom_id 
_pdbx_struct_sheet_hbond.range_1_auth_comp_id 
_pdbx_struct_sheet_hbond.range_1_auth_asym_id 
_pdbx_struct_sheet_hbond.range_1_auth_seq_id 
_pdbx_struct_sheet_hbond.range_2_label_atom_id 
_pdbx_struct_sheet_hbond.range_2_label_comp_id 
_pdbx_struct_sheet_hbond.range_2_label_asym_id 
_pdbx_struct_sheet_hbond.range_2_label_seq_id 
_pdbx_struct_sheet_hbond.range_2_PDB_ins_code 
_pdbx_struct_sheet_hbond.range_2_auth_atom_id 
_pdbx_struct_sheet_hbond.range_2_auth_comp_id 
_pdbx_struct_sheet_hbond.range_2_auth_asym_id 
_pdbx_struct_sheet_hbond.range_2_auth_seq_id 
AA1 1 2 N PHE A 15  ? N PHE A 376 O TYR A 125 ? O TYR A 486 
AA1 2 3 O TYR A 131 ? O TYR A 492 N VAL A 105 ? N VAL A 466 
AA1 3 4 O ARG A 106 ? O ARG A 467 N ILE A 49  ? N ILE A 410 
AA1 4 5 O VAL A 45  ? O VAL A 406 N MET A 37  ? N MET A 398 
AA2 1 2 N PHE A 15  ? N PHE A 376 O TYR A 125 ? O TYR A 486 
AA2 2 3 N GLU A 139 ? N GLU A 500 O VAL A 147 ? O VAL A 508 
AA2 3 4 O PHE A 150 ? O PHE A 511 N TYR A 67  ? N TYR A 428 
# 
loop_
_struct_site.id 
_struct_site.pdbx_evidence_code 
_struct_site.pdbx_auth_asym_id 
_struct_site.pdbx_auth_comp_id 
_struct_site.pdbx_auth_seq_id 
_struct_site.pdbx_auth_ins_code 
_struct_site.pdbx_num_residues 
_struct_site.details 
AC1 Software A MG 601 ? 3 'binding site for residue MG A 601' 
AC2 Software B MG 101 ? 1 'binding site for residue MG B 101' 
AC3 Software B MG 102 ? 1 'binding site for residue MG B 102' 
# 
loop_
_struct_site_gen.id 
_struct_site_gen.site_id 
_struct_site_gen.pdbx_num_res 
_struct_site_gen.label_comp_id 
_struct_site_gen.label_asym_id 
_struct_site_gen.label_seq_id 
_struct_site_gen.pdbx_auth_ins_code 
_struct_site_gen.auth_comp_id 
_struct_site_gen.auth_asym_id 
_struct_site_gen.auth_seq_id 
_struct_site_gen.label_atom_id 
_struct_site_gen.label_alt_id 
_struct_site_gen.symmetry 
_struct_site_gen.details 
1 AC1 3 ASP A 60  ? ASP A 421 . ? 2_565 ? 
2 AC1 3 VAL A 64  ? VAL A 425 . ? 2_565 ? 
3 AC1 3 GLU A 139 ? GLU A 500 . ? 1_555 ? 
4 AC2 1 DT  B 10  ? DT  B 10  . ? 1_555 ? 
5 AC3 1 DG  B 9   ? DG  B 9   . ? 1_555 ? 
# 
_atom_sites.entry_id                    4YGI 
_atom_sites.fract_transf_matrix[1][1]   -0.01225955 
_atom_sites.fract_transf_matrix[1][2]   -0.00394817 
_atom_sites.fract_transf_matrix[1][3]   0.00168978 
_atom_sites.fract_transf_matrix[2][1]   0.00110656 
_atom_sites.fract_transf_matrix[2][2]   -0.00784262 
_atom_sites.fract_transf_matrix[2][3]   -0.01029607 
_atom_sites.fract_transf_matrix[3][1]   0.00443004 
_atom_sites.fract_transf_matrix[3][2]   -0.01022021 
_atom_sites.fract_transf_matrix[3][3]   0.00826095 
_atom_sites.fract_transf_vector[1]      0.181852 
_atom_sites.fract_transf_vector[2]      0.439724 
_atom_sites.fract_transf_vector[3]      0.182771 
# 
loop_
_atom_type.symbol 
C  
MG 
N  
O  
P  
S  
# 
loop_
_atom_site.group_PDB 
_atom_site.id 
_atom_site.type_symbol 
_atom_site.label_atom_id 
_atom_site.label_alt_id 
_atom_site.label_comp_id 
_atom_site.label_asym_id 
_atom_site.label_entity_id 
_atom_site.label_seq_id 
_atom_site.pdbx_PDB_ins_code 
_atom_site.Cartn_x 
_atom_site.Cartn_y 
_atom_site.Cartn_z 
_atom_site.occupancy 
_atom_site.B_iso_or_equiv 
_atom_site.pdbx_formal_charge 
_atom_site.auth_seq_id 
_atom_site.auth_comp_id 
_atom_site.auth_asym_id 
_atom_site.auth_atom_id 
_atom_site.pdbx_PDB_model_num 
ATOM   1    N  N     . GLN A 1 1   ? -13.067 -7.339  7.786   1.00 77.76  ? 362 GLN A N     1 
ATOM   2    C  CA    . GLN A 1 1   ? -11.896 -7.154  6.937   1.00 86.27  ? 362 GLN A CA    1 
ATOM   3    C  C     . GLN A 1 1   ? -11.233 -8.497  6.641   1.00 91.60  ? 362 GLN A C     1 
ATOM   4    O  O     . GLN A 1 1   ? -11.201 -9.384  7.494   1.00 91.98  ? 362 GLN A O     1 
ATOM   5    C  CB    . GLN A 1 1   ? -10.905 -6.197  7.602   1.00 88.18  ? 362 GLN A CB    1 
ATOM   6    C  CG    . GLN A 1 1   ? -9.774  -5.736  6.705   1.00 74.60  ? 362 GLN A CG    1 
ATOM   7    C  CD    . GLN A 1 1   ? -8.706  -4.973  7.465   1.00 78.47  ? 362 GLN A CD    1 
ATOM   8    O  OE1   . GLN A 1 1   ? -8.687  -4.966  8.695   1.00 79.46  ? 362 GLN A OE1   1 
ATOM   9    N  NE2   . GLN A 1 1   ? -7.809  -4.323  6.732   1.00 78.58  ? 362 GLN A NE2   1 
ATOM   10   N  N     . ILE A 1 2   ? -10.703 -8.642  5.430   1.00 83.16  ? 363 ILE A N     1 
ATOM   11   C  CA    . ILE A 1 2   ? -10.142 -9.916  4.991   1.00 84.26  ? 363 ILE A CA    1 
ATOM   12   C  C     . ILE A 1 2   ? -8.699  -9.764  4.508   1.00 82.12  ? 363 ILE A C     1 
ATOM   13   O  O     . ILE A 1 2   ? -8.263  -8.668  4.155   1.00 77.11  ? 363 ILE A O     1 
ATOM   14   C  CB    . ILE A 1 2   ? -11.001 -10.538 3.862   1.00 88.37  ? 363 ILE A CB    1 
ATOM   15   C  CG1   . ILE A 1 2   ? -10.806 -12.055 3.795   1.00 83.21  ? 363 ILE A CG1   1 
ATOM   16   C  CG2   . ILE A 1 2   ? -10.703 -9.876  2.520   1.00 81.83  ? 363 ILE A CG2   1 
ATOM   17   C  CD1   . ILE A 1 2   ? -11.715 -12.742 2.798   1.00 91.18  ? 363 ILE A CD1   1 
ATOM   18   N  N     . ILE A 1 3   ? -7.958  -10.870 4.507   1.00 79.61  ? 364 ILE A N     1 
ATOM   19   C  CA    . ILE A 1 3   ? -6.591  -10.883 4.000   1.00 69.74  ? 364 ILE A CA    1 
ATOM   20   C  C     . ILE A 1 3   ? -6.504  -11.674 2.698   1.00 70.04  ? 364 ILE A C     1 
ATOM   21   O  O     . ILE A 1 3   ? -6.779  -12.873 2.670   1.00 77.19  ? 364 ILE A O     1 
ATOM   22   C  CB    . ILE A 1 3   ? -5.607  -11.489 5.019   1.00 73.30  ? 364 ILE A CB    1 
ATOM   23   C  CG1   . ILE A 1 3   ? -5.586  -10.658 6.303   1.00 82.83  ? 364 ILE A CG1   1 
ATOM   24   C  CG2   . ILE A 1 3   ? -4.209  -11.580 4.422   1.00 68.29  ? 364 ILE A CG2   1 
ATOM   25   C  CD1   . ILE A 1 3   ? -4.635  -11.186 7.356   1.00 81.97  ? 364 ILE A CD1   1 
ATOM   26   N  N     . GLY A 1 4   ? -6.122  -10.995 1.622   1.00 71.52  ? 365 GLY A N     1 
ATOM   27   C  CA    . GLY A 1 4   ? -5.987  -11.636 0.328   1.00 65.12  ? 365 GLY A CA    1 
ATOM   28   C  C     . GLY A 1 4   ? -7.070  -11.228 -0.650  1.00 70.22  ? 365 GLY A C     1 
ATOM   29   O  O     . GLY A 1 4   ? -7.530  -10.085 -0.643  1.00 71.33  ? 365 GLY A O     1 
ATOM   30   N  N     . THR A 1 5   ? -7.479  -12.170 -1.493  1.00 75.01  ? 366 THR A N     1 
ATOM   31   C  CA    . THR A 1 5   ? -8.475  -11.911 -2.527  1.00 73.17  ? 366 THR A CA    1 
ATOM   32   C  C     . THR A 1 5   ? -9.841  -11.582 -1.931  1.00 75.58  ? 366 THR A C     1 
ATOM   33   O  O     . THR A 1 5   ? -10.276 -12.210 -0.966  1.00 77.64  ? 366 THR A O     1 
ATOM   34   C  CB    . THR A 1 5   ? -8.619  -13.117 -3.478  1.00 75.63  ? 366 THR A CB    1 
ATOM   35   O  OG1   . THR A 1 5   ? -7.321  -13.562 -3.892  1.00 86.06  ? 366 THR A OG1   1 
ATOM   36   C  CG2   . THR A 1 5   ? -9.441  -12.744 -4.705  1.00 67.52  ? 366 THR A CG2   1 
ATOM   37   N  N     . VAL A 1 6   ? -10.508 -10.588 -2.509  1.00 77.72  ? 367 VAL A N     1 
ATOM   38   C  CA    . VAL A 1 6   ? -11.856 -10.225 -2.097  1.00 76.26  ? 367 VAL A CA    1 
ATOM   39   C  C     . VAL A 1 6   ? -12.869 -10.707 -3.130  1.00 76.95  ? 367 VAL A C     1 
ATOM   40   O  O     . VAL A 1 6   ? -12.763 -10.366 -4.309  1.00 77.47  ? 367 VAL A O     1 
ATOM   41   C  CB    . VAL A 1 6   ? -12.004 -8.705  -1.904  1.00 75.31  ? 367 VAL A CB    1 
ATOM   42   C  CG1   . VAL A 1 6   ? -13.436 -8.352  -1.537  1.00 72.13  ? 367 VAL A CG1   1 
ATOM   43   C  CG2   . VAL A 1 6   ? -11.037 -8.210  -0.840  1.00 65.25  ? 367 VAL A CG2   1 
ATOM   44   N  N     . PRO A 1 7   ? -13.850 -11.509 -2.689  1.00 78.82  ? 368 PRO A N     1 
ATOM   45   C  CA    . PRO A 1 7   ? -14.886 -12.082 -3.557  1.00 77.27  ? 368 PRO A CA    1 
ATOM   46   C  C     . PRO A 1 7   ? -15.630 -11.030 -4.377  1.00 76.99  ? 368 PRO A C     1 
ATOM   47   O  O     . PRO A 1 7   ? -16.200 -10.095 -3.813  1.00 71.39  ? 368 PRO A O     1 
ATOM   48   C  CB    . PRO A 1 7   ? -15.833 -12.763 -2.566  1.00 76.00  ? 368 PRO A CB    1 
ATOM   49   C  CG    . PRO A 1 7   ? -14.970 -13.097 -1.402  1.00 72.75  ? 368 PRO A CG    1 
ATOM   50   C  CD    . PRO A 1 7   ? -13.992 -11.963 -1.294  1.00 78.17  ? 368 PRO A CD    1 
ATOM   51   N  N     . GLY A 1 8   ? -15.618 -11.188 -5.696  1.00 77.34  ? 369 GLY A N     1 
ATOM   52   C  CA    . GLY A 1 8   ? -16.312 -10.271 -6.581  1.00 77.75  ? 369 GLY A CA    1 
ATOM   53   C  C     . GLY A 1 8   ? -15.439 -9.124  -7.051  1.00 81.87  ? 369 GLY A C     1 
ATOM   54   O  O     . GLY A 1 8   ? -15.902 -8.232  -7.760  1.00 84.57  ? 369 GLY A O     1 
ATOM   55   N  N     . VAL A 1 9   ? -14.171 -9.146  -6.652  1.00 77.17  ? 370 VAL A N     1 
ATOM   56   C  CA    . VAL A 1 9   ? -13.225 -8.109  -7.049  1.00 78.09  ? 370 VAL A CA    1 
ATOM   57   C  C     . VAL A 1 9   ? -12.114 -8.690  -7.917  1.00 72.99  ? 370 VAL A C     1 
ATOM   58   O  O     . VAL A 1 9   ? -11.234 -9.396  -7.425  1.00 73.90  ? 370 VAL A O     1 
ATOM   59   C  CB    . VAL A 1 9   ? -12.601 -7.413  -5.827  1.00 78.38  ? 370 VAL A CB    1 
ATOM   60   C  CG1   . VAL A 1 9   ? -11.659 -6.308  -6.273  1.00 70.12  ? 370 VAL A CG1   1 
ATOM   61   C  CG2   . VAL A 1 9   ? -13.690 -6.856  -4.924  1.00 65.79  ? 370 VAL A CG2   1 
ATOM   62   N  N     . GLU A 1 10  ? -12.162 -8.387  -9.210  1.00 72.61  ? 371 GLU A N     1 
ATOM   63   C  CA    . GLU A 1 10  ? -11.223 -8.961  -10.166 1.00 77.82  ? 371 GLU A CA    1 
ATOM   64   C  C     . GLU A 1 10  ? -10.025 -8.049  -10.414 1.00 75.07  ? 371 GLU A C     1 
ATOM   65   O  O     . GLU A 1 10  ? -10.125 -6.828  -10.286 1.00 75.08  ? 371 GLU A O     1 
ATOM   66   C  CB    . GLU A 1 10  ? -11.934 -9.252  -11.490 1.00 81.52  ? 371 GLU A CB    1 
ATOM   67   C  CG    . GLU A 1 10  ? -11.403 -10.465 -12.230 1.00 89.78  ? 371 GLU A CG    1 
ATOM   68   C  CD    . GLU A 1 10  ? -11.935 -11.772 -11.672 1.00 93.05  ? 371 GLU A CD    1 
ATOM   69   O  OE1   . GLU A 1 10  ? -12.713 -11.735 -10.695 1.00 82.17  ? 371 GLU A OE1   1 
ATOM   70   O  OE2   . GLU A 1 10  ? -11.574 -12.839 -12.211 1.00 96.73  ? 371 GLU A OE2   1 
ATOM   71   N  N     . VAL A 1 11  ? -8.894  -8.649  -10.770 1.00 69.28  ? 372 VAL A N     1 
ATOM   72   C  CA    . VAL A 1 11  ? -7.706  -7.885  -11.128 1.00 64.77  ? 372 VAL A CA    1 
ATOM   73   C  C     . VAL A 1 11  ? -7.950  -7.125  -12.425 1.00 69.16  ? 372 VAL A C     1 
ATOM   74   O  O     . VAL A 1 11  ? -8.101  -7.726  -13.488 1.00 79.26  ? 372 VAL A O     1 
ATOM   75   C  CB    . VAL A 1 11  ? -6.468  -8.786  -11.292 1.00 67.12  ? 372 VAL A CB    1 
ATOM   76   C  CG1   . VAL A 1 11  ? -5.304  -7.990  -11.843 1.00 68.84  ? 372 VAL A CG1   1 
ATOM   77   C  CG2   . VAL A 1 11  ? -6.090  -9.421  -9.967  1.00 62.57  ? 372 VAL A CG2   1 
ATOM   78   N  N     . GLY A 1 12  ? -7.995  -5.801  -12.333 1.00 63.71  ? 373 GLY A N     1 
ATOM   79   C  CA    . GLY A 1 12  ? -8.258  -4.972  -13.493 1.00 61.22  ? 373 GLY A CA    1 
ATOM   80   C  C     . GLY A 1 12  ? -9.509  -4.141  -13.314 1.00 64.04  ? 373 GLY A C     1 
ATOM   81   O  O     . GLY A 1 12  ? -9.766  -3.216  -14.086 1.00 62.89  ? 373 GLY A O     1 
ATOM   82   N  N     . ASP A 1 13  ? -10.292 -4.473  -12.291 1.00 70.76  ? 374 ASP A N     1 
ATOM   83   C  CA    . ASP A 1 13  ? -11.512 -3.732  -11.992 1.00 74.89  ? 374 ASP A CA    1 
ATOM   84   C  C     . ASP A 1 13  ? -11.188 -2.287  -11.640 1.00 70.87  ? 374 ASP A C     1 
ATOM   85   O  O     . ASP A 1 13  ? -10.198 -2.010  -10.963 1.00 69.66  ? 374 ASP A O     1 
ATOM   86   C  CB    . ASP A 1 13  ? -12.283 -4.394  -10.849 1.00 76.03  ? 374 ASP A CB    1 
ATOM   87   C  CG    . ASP A 1 13  ? -12.929 -5.700  -11.261 1.00 83.89  ? 374 ASP A CG    1 
ATOM   88   O  OD1   . ASP A 1 13  ? -13.058 -5.944  -12.479 1.00 86.68  ? 374 ASP A OD1   1 
ATOM   89   O  OD2   . ASP A 1 13  ? -13.316 -6.481  -10.365 1.00 83.23  ? 374 ASP A OD2   1 
ATOM   90   N  N     . GLU A 1 14  ? -12.025 -1.369  -12.109 1.00 71.81  ? 375 GLU A N     1 
ATOM   91   C  CA    . GLU A 1 14  ? -11.777 0.053   -11.917 1.00 73.06  ? 375 GLU A CA    1 
ATOM   92   C  C     . GLU A 1 14  ? -12.850 0.693   -11.039 1.00 74.95  ? 375 GLU A C     1 
ATOM   93   O  O     . GLU A 1 14  ? -14.017 0.302   -11.076 1.00 74.65  ? 375 GLU A O     1 
ATOM   94   C  CB    . GLU A 1 14  ? -11.699 0.764   -13.270 1.00 75.89  ? 375 GLU A CB    1 
ATOM   95   C  CG    . GLU A 1 14  ? -10.734 0.107   -14.245 1.00 75.95  ? 375 GLU A CG    1 
ATOM   96   C  CD    . GLU A 1 14  ? -10.324 1.027   -15.377 1.00 86.64  ? 375 GLU A CD    1 
ATOM   97   O  OE1   . GLU A 1 14  ? -11.108 1.935   -15.725 1.00 86.61  ? 375 GLU A OE1   1 
ATOM   98   O  OE2   . GLU A 1 14  ? -9.217  0.839   -15.923 1.00 87.11  ? 375 GLU A OE2   1 
ATOM   99   N  N     . PHE A 1 15  ? -12.440 1.675   -10.243 1.00 74.56  ? 376 PHE A N     1 
ATOM   100  C  CA    . PHE A 1 15  ? -13.340 2.323   -9.297  1.00 69.43  ? 376 PHE A CA    1 
ATOM   101  C  C     . PHE A 1 15  ? -13.180 3.838   -9.336  1.00 69.98  ? 376 PHE A C     1 
ATOM   102  O  O     . PHE A 1 15  ? -12.107 4.350   -9.655  1.00 73.62  ? 376 PHE A O     1 
ATOM   103  C  CB    . PHE A 1 15  ? -13.090 1.793   -7.884  1.00 70.03  ? 376 PHE A CB    1 
ATOM   104  C  CG    . PHE A 1 15  ? -13.083 0.295   -7.799  1.00 67.66  ? 376 PHE A CG    1 
ATOM   105  C  CD1   . PHE A 1 15  ? -14.269 -0.409  -7.676  1.00 60.59  ? 376 PHE A CD1   1 
ATOM   106  C  CD2   . PHE A 1 15  ? -11.893 -0.411  -7.855  1.00 64.99  ? 376 PHE A CD2   1 
ATOM   107  C  CE1   . PHE A 1 15  ? -14.268 -1.789  -7.607  1.00 66.10  ? 376 PHE A CE1   1 
ATOM   108  C  CE2   . PHE A 1 15  ? -11.885 -1.791  -7.784  1.00 68.96  ? 376 PHE A CE2   1 
ATOM   109  C  CZ    . PHE A 1 15  ? -13.074 -2.480  -7.660  1.00 70.68  ? 376 PHE A CZ    1 
ATOM   110  N  N     . GLN A 1 16  ? -14.253 4.549   -9.009  1.00 73.91  ? 377 GLN A N     1 
ATOM   111  C  CA    . GLN A 1 16  ? -14.257 6.003   -9.092  1.00 73.08  ? 377 GLN A CA    1 
ATOM   112  C  C     . GLN A 1 16  ? -13.802 6.650   -7.789  1.00 67.97  ? 377 GLN A C     1 
ATOM   113  O  O     . GLN A 1 16  ? -12.983 7.569   -7.796  1.00 75.87  ? 377 GLN A O     1 
ATOM   114  C  CB    . GLN A 1 16  ? -15.652 6.508   -9.467  1.00 73.76  ? 377 GLN A CB    1 
ATOM   115  C  CG    . GLN A 1 16  ? -15.693 7.961   -9.908  1.00 78.18  ? 377 GLN A CG    1 
ATOM   116  C  CD    . GLN A 1 16  ? -17.071 8.389   -10.371 1.00 82.86  ? 377 GLN A CD    1 
ATOM   117  O  OE1   . GLN A 1 16  ? -18.084 7.848   -9.923  1.00 87.04  ? 377 GLN A OE1   1 
ATOM   118  N  NE2   . GLN A 1 16  ? -17.119 9.364   -11.271 1.00 77.71  ? 377 GLN A NE2   1 
ATOM   119  N  N     . TYR A 1 17  ? -14.332 6.165   -6.670  1.00 65.43  ? 378 TYR A N     1 
ATOM   120  C  CA    . TYR A 1 17  ? -14.040 6.767   -5.376  1.00 62.07  ? 378 TYR A CA    1 
ATOM   121  C  C     . TYR A 1 17  ? -13.455 5.776   -4.376  1.00 62.34  ? 378 TYR A C     1 
ATOM   122  O  O     . TYR A 1 17  ? -13.637 4.564   -4.501  1.00 63.60  ? 378 TYR A O     1 
ATOM   123  C  CB    . TYR A 1 17  ? -15.305 7.402   -4.793  1.00 68.77  ? 378 TYR A CB    1 
ATOM   124  C  CG    . TYR A 1 17  ? -15.855 8.529   -5.633  1.00 66.18  ? 378 TYR A CG    1 
ATOM   125  C  CD1   . TYR A 1 17  ? -15.211 9.757   -5.689  1.00 69.20  ? 378 TYR A CD1   1 
ATOM   126  C  CD2   . TYR A 1 17  ? -17.020 8.367   -6.372  1.00 68.08  ? 378 TYR A CD2   1 
ATOM   127  C  CE1   . TYR A 1 17  ? -15.709 10.791  -6.456  1.00 74.10  ? 378 TYR A CE1   1 
ATOM   128  C  CE2   . TYR A 1 17  ? -17.526 9.397   -7.142  1.00 63.35  ? 378 TYR A CE2   1 
ATOM   129  C  CZ    . TYR A 1 17  ? -16.866 10.606  -7.180  1.00 72.63  ? 378 TYR A CZ    1 
ATOM   130  O  OH    . TYR A 1 17  ? -17.363 11.637  -7.945  1.00 73.12  ? 378 TYR A OH    1 
ATOM   131  N  N     . ARG A 1 18  ? -12.753 6.311   -3.382  1.00 60.42  ? 379 ARG A N     1 
ATOM   132  C  CA    . ARG A 1 18  ? -12.127 5.506   -2.337  1.00 54.64  ? 379 ARG A CA    1 
ATOM   133  C  C     . ARG A 1 18  ? -13.159 4.769   -1.489  1.00 63.82  ? 379 ARG A C     1 
ATOM   134  O  O     . ARG A 1 18  ? -12.877 3.701   -0.948  1.00 69.08  ? 379 ARG A O     1 
ATOM   135  C  CB    . ARG A 1 18  ? -11.255 6.389   -1.441  1.00 54.90  ? 379 ARG A CB    1 
ATOM   136  C  CG    . ARG A 1 18  ? -9.953  6.848   -2.079  1.00 56.79  ? 379 ARG A CG    1 
ATOM   137  C  CD    . ARG A 1 18  ? -8.907  5.744   -2.044  1.00 56.99  ? 379 ARG A CD    1 
ATOM   138  N  NE    . ARG A 1 18  ? -8.612  5.327   -0.676  1.00 56.18  ? 379 ARG A NE    1 
ATOM   139  C  CZ    . ARG A 1 18  ? -7.619  5.817   0.060   1.00 56.80  ? 379 ARG A CZ    1 
ATOM   140  N  NH1   . ARG A 1 18  ? -6.815  6.746   -0.439  1.00 54.02  ? 379 ARG A NH1   1 
ATOM   141  N  NH2   . ARG A 1 18  ? -7.428  5.378   1.296   1.00 60.95  ? 379 ARG A NH2   1 
ATOM   142  N  N     . MET A 1 19  ? -14.352 5.343   -1.375  1.00 62.13  ? 380 MET A N     1 
ATOM   143  C  CA    . MET A 1 19  ? -15.397 4.764   -0.537  1.00 63.89  ? 380 MET A CA    1 
ATOM   144  C  C     . MET A 1 19  ? -15.983 3.492   -1.144  1.00 67.51  ? 380 MET A C     1 
ATOM   145  O  O     . MET A 1 19  ? -16.618 2.702   -0.444  1.00 68.93  ? 380 MET A O     1 
ATOM   146  C  CB    . MET A 1 19  ? -16.507 5.787   -0.284  1.00 60.73  ? 380 MET A CB    1 
ATOM   147  C  CG    . MET A 1 19  ? -16.104 6.946   0.631   1.00 76.96  ? 380 MET A CG    1 
ATOM   148  S  SD    . MET A 1 19  ? -16.196 6.581   2.401   1.00 66.02  ? 380 MET A SD    1 
ATOM   149  C  CE    . MET A 1 19  ? -14.601 5.825   2.719   1.00 57.23  ? 380 MET A CE    1 
ATOM   150  N  N     . GLU A 1 20  ? -15.770 3.295   -2.442  1.00 65.11  ? 381 GLU A N     1 
ATOM   151  C  CA    . GLU A 1 20  ? -16.162 2.047   -3.088  1.00 62.20  ? 381 GLU A CA    1 
ATOM   152  C  C     . GLU A 1 20  ? -15.271 0.918   -2.594  1.00 64.37  ? 381 GLU A C     1 
ATOM   153  O  O     . GLU A 1 20  ? -15.727 -0.207  -2.388  1.00 67.54  ? 381 GLU A O     1 
ATOM   154  C  CB    . GLU A 1 20  ? -16.075 2.161   -4.610  1.00 63.58  ? 381 GLU A CB    1 
ATOM   155  C  CG    . GLU A 1 20  ? -16.996 3.202   -5.218  1.00 67.43  ? 381 GLU A CG    1 
ATOM   156  C  CD    . GLU A 1 20  ? -17.054 3.106   -6.730  1.00 72.22  ? 381 GLU A CD    1 
ATOM   157  O  OE1   . GLU A 1 20  ? -16.988 1.975   -7.256  1.00 80.36  ? 381 GLU A OE1   1 
ATOM   158  O  OE2   . GLU A 1 20  ? -17.161 4.160   -7.390  1.00 78.48  ? 381 GLU A OE2   1 
ATOM   159  N  N     . LEU A 1 21  ? -13.994 1.234   -2.403  1.00 61.96  ? 382 LEU A N     1 
ATOM   160  C  CA    . LEU A 1 21  ? -13.030 0.278   -1.875  1.00 59.64  ? 382 LEU A CA    1 
ATOM   161  C  C     . LEU A 1 21  ? -13.381 -0.082  -0.436  1.00 62.49  ? 382 LEU A C     1 
ATOM   162  O  O     . LEU A 1 21  ? -13.064 -1.172  0.039   1.00 58.85  ? 382 LEU A O     1 
ATOM   163  C  CB    . LEU A 1 21  ? -11.613 0.849   -1.954  1.00 60.43  ? 382 LEU A CB    1 
ATOM   164  C  CG    . LEU A 1 21  ? -11.239 1.508   -3.284  1.00 60.87  ? 382 LEU A CG    1 
ATOM   165  C  CD1   . LEU A 1 21  ? -9.844  2.112   -3.219  1.00 57.35  ? 382 LEU A CD1   1 
ATOM   166  C  CD2   . LEU A 1 21  ? -11.343 0.510   -4.426  1.00 60.68  ? 382 LEU A CD2   1 
ATOM   167  N  N     . ASN A 1 22  ? -14.038 0.848   0.251   1.00 65.65  ? 383 ASN A N     1 
ATOM   168  C  CA    . ASN A 1 22  ? -14.507 0.619   1.612   1.00 64.87  ? 383 ASN A CA    1 
ATOM   169  C  C     . ASN A 1 22  ? -15.704 -0.326  1.639   1.00 65.14  ? 383 ASN A C     1 
ATOM   170  O  O     . ASN A 1 22  ? -15.736 -1.280  2.416   1.00 65.69  ? 383 ASN A O     1 
ATOM   171  C  CB    . ASN A 1 22  ? -14.873 1.947   2.278   1.00 67.71  ? 383 ASN A CB    1 
ATOM   172  C  CG    . ASN A 1 22  ? -15.407 1.767   3.686   1.00 66.02  ? 383 ASN A CG    1 
ATOM   173  O  OD1   . ASN A 1 22  ? -16.600 1.542   3.886   1.00 70.36  ? 383 ASN A OD1   1 
ATOM   174  N  ND2   . ASN A 1 22  ? -14.524 1.873   4.672   1.00 62.38  ? 383 ASN A ND2   1 
ATOM   175  N  N     . LEU A 1 23  ? -16.683 -0.047  0.784   1.00 66.28  ? 384 LEU A N     1 
ATOM   176  C  CA    . LEU A 1 23  ? -17.897 -0.855  0.702   1.00 71.52  ? 384 LEU A CA    1 
ATOM   177  C  C     . LEU A 1 23  ? -17.599 -2.288  0.275   1.00 73.50  ? 384 LEU A C     1 
ATOM   178  O  O     . LEU A 1 23  ? -18.121 -3.240  0.855   1.00 71.74  ? 384 LEU A O     1 
ATOM   179  C  CB    . LEU A 1 23  ? -18.891 -0.222  -0.273  1.00 72.48  ? 384 LEU A CB    1 
ATOM   180  C  CG    . LEU A 1 23  ? -20.174 -1.013  -0.538  1.00 78.12  ? 384 LEU A CG    1 
ATOM   181  C  CD1   . LEU A 1 23  ? -21.105 -0.952  0.664   1.00 77.39  ? 384 LEU A CD1   1 
ATOM   182  C  CD2   . LEU A 1 23  ? -20.872 -0.507  -1.792  1.00 75.39  ? 384 LEU A CD2   1 
ATOM   183  N  N     . LEU A 1 24  ? -16.754 -2.434  -0.740  1.00 67.97  ? 385 LEU A N     1 
ATOM   184  C  CA    . LEU A 1 24  ? -16.430 -3.748  -1.281  1.00 62.10  ? 385 LEU A CA    1 
ATOM   185  C  C     . LEU A 1 24  ? -15.359 -4.454  -0.454  1.00 65.52  ? 385 LEU A C     1 
ATOM   186  O  O     . LEU A 1 24  ? -14.964 -5.577  -0.766  1.00 67.27  ? 385 LEU A O     1 
ATOM   187  C  CB    . LEU A 1 24  ? -15.978 -3.623  -2.737  1.00 64.92  ? 385 LEU A CB    1 
ATOM   188  C  CG    . LEU A 1 24  ? -16.979 -2.943  -3.674  1.00 72.08  ? 385 LEU A CG    1 
ATOM   189  C  CD1   . LEU A 1 24  ? -16.454 -2.922  -5.099  1.00 65.79  ? 385 LEU A CD1   1 
ATOM   190  C  CD2   . LEU A 1 24  ? -18.334 -3.631  -3.609  1.00 68.31  ? 385 LEU A CD2   1 
ATOM   191  N  N     . GLY A 1 25  ? -14.892 -3.791  0.599   1.00 58.09  ? 386 GLY A N     1 
ATOM   192  C  CA    . GLY A 1 25  ? -13.927 -4.383  1.509   1.00 54.64  ? 386 GLY A CA    1 
ATOM   193  C  C     . GLY A 1 25  ? -12.518 -4.450  0.952   1.00 59.93  ? 386 GLY A C     1 
ATOM   194  O  O     . GLY A 1 25  ? -11.683 -5.210  1.445   1.00 61.75  ? 386 GLY A O     1 
ATOM   195  N  N     . ILE A 1 26  ? -12.251 -3.651  -0.075  1.00 58.97  ? 387 ILE A N     1 
ATOM   196  C  CA    . ILE A 1 26  ? -10.929 -3.608  -0.687  1.00 55.62  ? 387 ILE A CA    1 
ATOM   197  C  C     . ILE A 1 26  ? -9.969  -2.764  0.145   1.00 60.51  ? 387 ILE A C     1 
ATOM   198  O  O     . ILE A 1 26  ? -8.856  -3.190  0.453   1.00 59.14  ? 387 ILE A O     1 
ATOM   199  C  CB    . ILE A 1 26  ? -10.987 -3.040  -2.117  1.00 59.41  ? 387 ILE A CB    1 
ATOM   200  C  CG1   . ILE A 1 26  ? -12.025 -3.791  -2.951  1.00 53.38  ? 387 ILE A CG1   1 
ATOM   201  C  CG2   . ILE A 1 26  ? -9.620  -3.111  -2.776  1.00 58.66  ? 387 ILE A CG2   1 
ATOM   202  C  CD1   . ILE A 1 26  ? -12.223 -3.212  -4.330  1.00 54.84  ? 387 ILE A CD1   1 
ATOM   203  N  N     . HIS A 1 27  ? -10.415 -1.565  0.506   1.00 60.31  ? 388 HIS A N     1 
ATOM   204  C  CA    . HIS A 1 27  ? -9.599  -0.634  1.277   1.00 57.47  ? 388 HIS A CA    1 
ATOM   205  C  C     . HIS A 1 27  ? -10.493 0.253   2.140   1.00 58.46  ? 388 HIS A C     1 
ATOM   206  O  O     . HIS A 1 27  ? -11.130 1.182   1.642   1.00 64.72  ? 388 HIS A O     1 
ATOM   207  C  CB    . HIS A 1 27  ? -8.733  0.217   0.343   1.00 51.11  ? 388 HIS A CB    1 
ATOM   208  C  CG    . HIS A 1 27  ? -7.608  0.923   1.033   1.00 53.43  ? 388 HIS A CG    1 
ATOM   209  N  ND1   . HIS A 1 27  ? -6.499  0.261   1.515   1.00 57.25  ? 388 HIS A ND1   1 
ATOM   210  C  CD2   . HIS A 1 27  ? -7.412  2.234   1.308   1.00 53.59  ? 388 HIS A CD2   1 
ATOM   211  C  CE1   . HIS A 1 27  ? -5.672  1.134   2.063   1.00 57.99  ? 388 HIS A CE1   1 
ATOM   212  N  NE2   . HIS A 1 27  ? -6.202  2.338   1.951   1.00 54.65  ? 388 HIS A NE2   1 
ATOM   213  N  N     . ARG A 1 28  ? -10.534 -0.044  3.435   1.00 58.72  ? 389 ARG A N     1 
ATOM   214  C  CA    . ARG A 1 28  ? -11.443 0.629   4.362   1.00 63.32  ? 389 ARG A CA    1 
ATOM   215  C  C     . ARG A 1 28  ? -11.172 2.124   4.608   1.00 66.89  ? 389 ARG A C     1 
ATOM   216  O  O     . ARG A 1 28  ? -12.122 2.907   4.637   1.00 67.06  ? 389 ARG A O     1 
ATOM   217  C  CB    . ARG A 1 28  ? -11.448 -0.106  5.706   1.00 62.23  ? 389 ARG A CB    1 
ATOM   218  C  CG    . ARG A 1 28  ? -11.991 -1.519  5.635   1.00 66.16  ? 389 ARG A CG    1 
ATOM   219  C  CD    . ARG A 1 28  ? -11.842 -2.218  6.973   1.00 73.40  ? 389 ARG A CD    1 
ATOM   220  N  NE    . ARG A 1 28  ? -10.769 -1.632  7.773   1.00 80.45  ? 389 ARG A NE    1 
ATOM   221  C  CZ    . ARG A 1 28  ? -10.283 -2.175  8.883   1.00 78.74  ? 389 ARG A CZ    1 
ATOM   222  N  NH1   . ARG A 1 28  ? -10.773 -3.321  9.334   1.00 84.82  ? 389 ARG A NH1   1 
ATOM   223  N  NH2   . ARG A 1 28  ? -9.310  -1.568  9.545   1.00 74.93  ? 389 ARG A NH2   1 
ATOM   224  N  N     . PRO A 1 29  ? -9.898  2.532   4.801   1.00 61.37  ? 390 PRO A N     1 
ATOM   225  C  CA    . PRO A 1 29  ? -9.685  3.955   5.102   1.00 57.29  ? 390 PRO A CA    1 
ATOM   226  C  C     . PRO A 1 29  ? -10.172 4.895   4.003   1.00 60.92  ? 390 PRO A C     1 
ATOM   227  O  O     . PRO A 1 29  ? -10.292 4.496   2.845   1.00 64.26  ? 390 PRO A O     1 
ATOM   228  C  CB    . PRO A 1 29  ? -8.164  4.055   5.256   1.00 57.31  ? 390 PRO A CB    1 
ATOM   229  C  CG    . PRO A 1 29  ? -7.742  2.693   5.656   1.00 53.56  ? 390 PRO A CG    1 
ATOM   230  C  CD    . PRO A 1 29  ? -8.638  1.774   4.887   1.00 58.47  ? 390 PRO A CD    1 
ATOM   231  N  N     . SER A 1 30  ? -10.454 6.137   4.382   1.00 61.55  ? 391 SER A N     1 
ATOM   232  C  CA    . SER A 1 30  ? -10.963 7.132   3.448   1.00 60.57  ? 391 SER A CA    1 
ATOM   233  C  C     . SER A 1 30  ? -9.831  7.899   2.772   1.00 56.77  ? 391 SER A C     1 
ATOM   234  O  O     . SER A 1 30  ? -9.945  8.296   1.614   1.00 58.61  ? 391 SER A O     1 
ATOM   235  C  CB    . SER A 1 30  ? -11.899 8.104   4.168   1.00 57.56  ? 391 SER A CB    1 
ATOM   236  O  OG    . SER A 1 30  ? -11.270 8.661   5.310   1.00 56.36  ? 391 SER A OG    1 
ATOM   237  N  N     . GLN A 1 31  ? -8.738  8.106   3.502   1.00 55.93  ? 392 GLN A N     1 
ATOM   238  C  CA    . GLN A 1 31  ? -7.592  8.836   2.969   1.00 58.52  ? 392 GLN A CA    1 
ATOM   239  C  C     . GLN A 1 31  ? -6.293  8.051   3.109   1.00 56.59  ? 392 GLN A C     1 
ATOM   240  O  O     . GLN A 1 31  ? -5.455  8.066   2.208   1.00 58.55  ? 392 GLN A O     1 
ATOM   241  C  CB    . GLN A 1 31  ? -7.439  10.188  3.668   1.00 53.11  ? 392 GLN A CB    1 
ATOM   242  C  CG    . GLN A 1 31  ? -8.616  11.127  3.504   1.00 54.73  ? 392 GLN A CG    1 
ATOM   243  C  CD    . GLN A 1 31  ? -8.349  12.488  4.116   1.00 59.13  ? 392 GLN A CD    1 
ATOM   244  O  OE1   . GLN A 1 31  ? -7.199  12.894  4.273   1.00 58.45  ? 392 GLN A OE1   1 
ATOM   245  N  NE2   . GLN A 1 31  ? -9.412  13.196  4.470   1.00 54.00  ? 392 GLN A NE2   1 
ATOM   246  N  N     . SER A 1 32  ? -6.134  7.377   4.245   1.00 55.07  ? 393 SER A N     1 
ATOM   247  C  CA    . SER A 1 32  ? -4.903  6.655   4.558   1.00 56.14  ? 393 SER A CA    1 
ATOM   248  C  C     . SER A 1 32  ? -4.537  5.641   3.479   1.00 55.97  ? 393 SER A C     1 
ATOM   249  O  O     . SER A 1 32  ? -5.378  4.860   3.034   1.00 56.90  ? 393 SER A O     1 
ATOM   250  C  CB    . SER A 1 32  ? -5.029  5.949   5.910   1.00 54.99  ? 393 SER A CB    1 
ATOM   251  O  OG    . SER A 1 32  ? -3.843  5.240   6.223   1.00 53.71  ? 393 SER A OG    1 
ATOM   252  N  N     . GLY A 1 33  ? -3.275  5.665   3.064   1.00 55.85  ? 394 GLY A N     1 
ATOM   253  C  CA    . GLY A 1 33  ? -2.802  4.790   2.010   1.00 54.88  ? 394 GLY A CA    1 
ATOM   254  C  C     . GLY A 1 33  ? -2.695  3.338   2.432   1.00 54.27  ? 394 GLY A C     1 
ATOM   255  O  O     . GLY A 1 33  ? -2.793  2.440   1.598   1.00 50.43  ? 394 GLY A O     1 
ATOM   256  N  N     . ILE A 1 34  ? -2.503  3.102   3.725   1.00 57.36  ? 395 ILE A N     1 
ATOM   257  C  CA    . ILE A 1 34  ? -2.298  1.746   4.225   1.00 55.51  ? 395 ILE A CA    1 
ATOM   258  C  C     . ILE A 1 34  ? -3.435  1.283   5.134   1.00 53.65  ? 395 ILE A C     1 
ATOM   259  O  O     . ILE A 1 34  ? -3.858  2.008   6.033   1.00 52.31  ? 395 ILE A O     1 
ATOM   260  C  CB    . ILE A 1 34  ? -0.969  1.636   4.998   1.00 52.95  ? 395 ILE A CB    1 
ATOM   261  C  CG1   . ILE A 1 34  ? 0.143   2.382   4.258   1.00 51.62  ? 395 ILE A CG1   1 
ATOM   262  C  CG2   . ILE A 1 34  ? -0.599  0.176   5.222   1.00 51.35  ? 395 ILE A CG2   1 
ATOM   263  C  CD1   . ILE A 1 34  ? 1.458   2.423   5.005   1.00 49.66  ? 395 ILE A CD1   1 
ATOM   264  N  N     . ASP A 1 35  ? -3.924  0.071   4.890   1.00 58.47  ? 396 ASP A N     1 
ATOM   265  C  CA    . ASP A 1 35  ? -4.932  -0.544  5.748   1.00 63.81  ? 396 ASP A CA    1 
ATOM   266  C  C     . ASP A 1 35  ? -4.348  -1.784  6.419   1.00 65.32  ? 396 ASP A C     1 
ATOM   267  O  O     . ASP A 1 35  ? -3.540  -2.495  5.823   1.00 61.98  ? 396 ASP A O     1 
ATOM   268  C  CB    . ASP A 1 35  ? -6.183  -0.911  4.947   1.00 63.32  ? 396 ASP A CB    1 
ATOM   269  C  CG    . ASP A 1 35  ? -7.366  -1.260  5.835   1.00 68.18  ? 396 ASP A CG    1 
ATOM   270  O  OD1   . ASP A 1 35  ? -7.197  -1.312  7.072   1.00 65.05  ? 396 ASP A OD1   1 
ATOM   271  O  OD2   . ASP A 1 35  ? -8.470  -1.482  5.295   1.00 62.51  ? 396 ASP A OD2   1 
ATOM   272  N  N     . TYR A 1 36  ? -4.761  -2.046  7.655   1.00 65.32  ? 397 TYR A N     1 
ATOM   273  C  CA    . TYR A 1 36  ? -4.188  -3.154  8.412   1.00 69.04  ? 397 TYR A CA    1 
ATOM   274  C  C     . TYR A 1 36  ? -5.144  -3.759  9.435   1.00 71.79  ? 397 TYR A C     1 
ATOM   275  O  O     . TYR A 1 36  ? -6.253  -3.264  9.644   1.00 74.65  ? 397 TYR A O     1 
ATOM   276  C  CB    . TYR A 1 36  ? -2.911  -2.696  9.118   1.00 68.69  ? 397 TYR A CB    1 
ATOM   277  C  CG    . TYR A 1 36  ? -3.100  -1.525  10.057  1.00 74.96  ? 397 TYR A CG    1 
ATOM   278  C  CD1   . TYR A 1 36  ? -3.408  -1.725  11.397  1.00 69.61  ? 397 TYR A CD1   1 
ATOM   279  C  CD2   . TYR A 1 36  ? -2.963  -0.219  9.604   1.00 68.43  ? 397 TYR A CD2   1 
ATOM   280  C  CE1   . TYR A 1 36  ? -3.580  -0.657  12.258  1.00 72.15  ? 397 TYR A CE1   1 
ATOM   281  C  CE2   . TYR A 1 36  ? -3.133  0.854   10.458  1.00 66.15  ? 397 TYR A CE2   1 
ATOM   282  C  CZ    . TYR A 1 36  ? -3.441  0.630   11.783  1.00 66.23  ? 397 TYR A CZ    1 
ATOM   283  O  OH    . TYR A 1 36  ? -3.610  1.696   12.636  1.00 66.99  ? 397 TYR A OH    1 
ATOM   284  N  N     . MET A 1 37  ? -4.691  -4.836  10.071  1.00 75.99  ? 398 MET A N     1 
ATOM   285  C  CA    . MET A 1 37  ? -5.456  -5.520  11.107  1.00 71.23  ? 398 MET A CA    1 
ATOM   286  C  C     . MET A 1 37  ? -4.521  -6.255  12.062  1.00 77.38  ? 398 MET A C     1 
ATOM   287  O  O     . MET A 1 37  ? -3.322  -6.371  11.804  1.00 76.02  ? 398 MET A O     1 
ATOM   288  C  CB    . MET A 1 37  ? -6.445  -6.512  10.494  1.00 72.17  ? 398 MET A CB    1 
ATOM   289  C  CG    . MET A 1 37  ? -5.781  -7.595  9.655   1.00 75.26  ? 398 MET A CG    1 
ATOM   290  S  SD    . MET A 1 37  ? -6.802  -9.067  9.448   1.00 73.54  ? 398 MET A SD    1 
ATOM   291  C  CE    . MET A 1 37  ? -8.345  -8.345  8.901   1.00 71.75  ? 398 MET A CE    1 
ATOM   292  N  N     . LYS A 1 38  ? -5.075  -6.751  13.162  1.00 80.14  ? 399 LYS A N     1 
ATOM   293  C  CA    . LYS A 1 38  ? -4.328  -7.612  14.072  1.00 81.90  ? 399 LYS A CA    1 
ATOM   294  C  C     . LYS A 1 38  ? -4.763  -9.061  13.869  1.00 86.14  ? 399 LYS A C     1 
ATOM   295  O  O     . LYS A 1 38  ? -5.957  -9.355  13.815  1.00 87.44  ? 399 LYS A O     1 
ATOM   296  C  CB    . LYS A 1 38  ? -4.536  -7.182  15.527  1.00 83.42  ? 399 LYS A CB    1 
ATOM   297  N  N     . ASP A 1 39  ? -3.793  -9.962  13.743  1.00 90.92  ? 400 ASP A N     1 
ATOM   298  C  CA    . ASP A 1 39  ? -4.088  -11.364 13.470  1.00 92.74  ? 400 ASP A CA    1 
ATOM   299  C  C     . ASP A 1 39  ? -4.136  -12.179 14.757  1.00 94.33  ? 400 ASP A C     1 
ATOM   300  O  O     . ASP A 1 39  ? -4.251  -11.621 15.849  1.00 96.31  ? 400 ASP A O     1 
ATOM   301  C  CB    . ASP A 1 39  ? -3.048  -11.953 12.514  1.00 94.90  ? 400 ASP A CB    1 
ATOM   302  C  CG    . ASP A 1 39  ? -1.636  -11.897 13.076  1.00 97.56  ? 400 ASP A CG    1 
ATOM   303  O  OD1   . ASP A 1 39  ? -1.362  -11.022 13.922  1.00 95.96  ? 400 ASP A OD1   1 
ATOM   304  O  OD2   . ASP A 1 39  ? -0.795  -12.731 12.673  1.00 95.88  ? 400 ASP A OD2   1 
ATOM   305  N  N     . ASP A 1 40  ? -4.055  -13.500 14.620  1.00 98.50  ? 401 ASP A N     1 
ATOM   306  C  CA    . ASP A 1 40  ? -3.985  -14.383 15.770  1.00 90.77  ? 401 ASP A CA    1 
ATOM   307  C  C     . ASP A 1 40  ? -2.736  -14.071 16.569  1.00 97.92  ? 401 ASP A C     1 
ATOM   308  O  O     . ASP A 1 40  ? -1.637  -14.492 16.213  1.00 103.03 ? 401 ASP A O     1 
ATOM   309  N  N     . GLY A 1 41  ? -2.912  -13.323 17.654  1.00 97.96  ? 402 GLY A N     1 
ATOM   310  C  CA    . GLY A 1 41  ? -1.789  -12.760 18.376  1.00 93.76  ? 402 GLY A CA    1 
ATOM   311  C  C     . GLY A 1 41  ? -1.580  -11.338 17.893  1.00 96.28  ? 402 GLY A C     1 
ATOM   312  O  O     . GLY A 1 41  ? -1.023  -11.120 16.817  1.00 101.39 ? 402 GLY A O     1 
ATOM   313  N  N     . GLY A 1 42  ? -2.036  -10.377 18.693  1.00 94.41  ? 403 GLY A N     1 
ATOM   314  C  CA    . GLY A 1 42  ? -2.082  -8.976  18.308  1.00 92.17  ? 403 GLY A CA    1 
ATOM   315  C  C     . GLY A 1 42  ? -0.836  -8.387  17.674  1.00 92.67  ? 403 GLY A C     1 
ATOM   316  O  O     . GLY A 1 42  ? -0.127  -7.594  18.293  1.00 90.43  ? 403 GLY A O     1 
ATOM   317  N  N     . GLU A 1 43  ? -0.576  -8.773  16.429  1.00 89.14  ? 404 GLU A N     1 
ATOM   318  C  CA    . GLU A 1 43  ? 0.517   -8.197  15.654  1.00 84.06  ? 404 GLU A CA    1 
ATOM   319  C  C     . GLU A 1 43  ? -0.034  -7.562  14.382  1.00 79.73  ? 404 GLU A C     1 
ATOM   320  O  O     . GLU A 1 43  ? -0.743  -8.212  13.614  1.00 81.96  ? 404 GLU A O     1 
ATOM   321  C  CB    . GLU A 1 43  ? 1.565   -9.259  15.316  1.00 91.61  ? 404 GLU A CB    1 
ATOM   322  N  N     . LEU A 1 44  ? 0.289   -6.290  14.168  1.00 79.57  ? 405 LEU A N     1 
ATOM   323  C  CA    . LEU A 1 44  ? -0.240  -5.542  13.031  1.00 75.55  ? 405 LEU A CA    1 
ATOM   324  C  C     . LEU A 1 44  ? 0.232   -6.107  11.694  1.00 72.88  ? 405 LEU A C     1 
ATOM   325  O  O     . LEU A 1 44  ? 1.424   -6.327  11.489  1.00 70.00  ? 405 LEU A O     1 
ATOM   326  C  CB    . LEU A 1 44  ? 0.154   -4.066  13.136  1.00 67.38  ? 405 LEU A CB    1 
ATOM   327  C  CG    . LEU A 1 44  ? -0.462  -3.269  14.288  1.00 76.24  ? 405 LEU A CG    1 
ATOM   328  C  CD1   . LEU A 1 44  ? -0.089  -1.798  14.184  1.00 68.61  ? 405 LEU A CD1   1 
ATOM   329  C  CD2   . LEU A 1 44  ? -1.974  -3.443  14.317  1.00 77.99  ? 405 LEU A CD2   1 
ATOM   330  N  N     . VAL A 1 45  ? -0.714  -6.345  10.789  1.00 69.63  ? 406 VAL A N     1 
ATOM   331  C  CA    . VAL A 1 45  ? -0.398  -6.828  9.449   1.00 68.49  ? 406 VAL A CA    1 
ATOM   332  C  C     . VAL A 1 45  ? -1.168  -6.048  8.388   1.00 65.59  ? 406 VAL A C     1 
ATOM   333  O  O     . VAL A 1 45  ? -2.375  -5.838  8.510   1.00 68.09  ? 406 VAL A O     1 
ATOM   334  C  CB    . VAL A 1 45  ? -0.703  -8.335  9.294   1.00 67.84  ? 406 VAL A CB    1 
ATOM   335  C  CG1   . VAL A 1 45  ? 0.345   -9.166  10.011  1.00 70.73  ? 406 VAL A CG1   1 
ATOM   336  C  CG2   . VAL A 1 45  ? -2.097  -8.662  9.812   1.00 76.37  ? 406 VAL A CG2   1 
ATOM   337  N  N     . ALA A 1 46  ? -0.462  -5.614  7.350   1.00 63.64  ? 407 ALA A N     1 
ATOM   338  C  CA    . ALA A 1 46  ? -1.084  -4.858  6.270   1.00 62.96  ? 407 ALA A CA    1 
ATOM   339  C  C     . ALA A 1 46  ? -2.011  -5.744  5.446   1.00 60.62  ? 407 ALA A C     1 
ATOM   340  O  O     . ALA A 1 46  ? -1.758  -6.937  5.281   1.00 63.62  ? 407 ALA A O     1 
ATOM   341  C  CB    . ALA A 1 46  ? -0.023  -4.232  5.382   1.00 57.55  ? 407 ALA A CB    1 
ATOM   342  N  N     . THR A 1 47  ? -3.087  -5.156  4.934   1.00 57.37  ? 408 THR A N     1 
ATOM   343  C  CA    . THR A 1 47  ? -4.043  -5.893  4.116   1.00 60.94  ? 408 THR A CA    1 
ATOM   344  C  C     . THR A 1 47  ? -4.153  -5.295  2.719   1.00 63.77  ? 408 THR A C     1 
ATOM   345  O  O     . THR A 1 47  ? -4.399  -6.009  1.746   1.00 63.53  ? 408 THR A O     1 
ATOM   346  C  CB    . THR A 1 47  ? -5.442  -5.918  4.763   1.00 65.77  ? 408 THR A CB    1 
ATOM   347  O  OG1   . THR A 1 47  ? -5.931  -4.579  4.905   1.00 68.12  ? 408 THR A OG1   1 
ATOM   348  C  CG2   . THR A 1 47  ? -5.387  -6.583  6.129   1.00 64.16  ? 408 THR A CG2   1 
ATOM   349  N  N     . SER A 1 48  ? -3.968  -3.982  2.626   1.00 66.49  ? 409 SER A N     1 
ATOM   350  C  CA    . SER A 1 48  ? -4.058  -3.289  1.347   1.00 61.31  ? 409 SER A CA    1 
ATOM   351  C  C     . SER A 1 48  ? -3.346  -1.941  1.384   1.00 57.75  ? 409 SER A C     1 
ATOM   352  O  O     . SER A 1 48  ? -3.323  -1.268  2.414   1.00 61.47  ? 409 SER A O     1 
ATOM   353  C  CB    . SER A 1 48  ? -5.524  -3.091  0.949   1.00 64.86  ? 409 SER A CB    1 
ATOM   354  O  OG    . SER A 1 48  ? -6.207  -2.289  1.896   1.00 65.88  ? 409 SER A OG    1 
ATOM   355  N  N     . ILE A 1 49  ? -2.757  -1.555  0.255   1.00 60.76  ? 410 ILE A N     1 
ATOM   356  C  CA    . ILE A 1 49  ? -2.140  -0.240  0.123   1.00 55.10  ? 410 ILE A CA    1 
ATOM   357  C  C     . ILE A 1 49  ? -2.633  0.463   -1.138  1.00 53.41  ? 410 ILE A C     1 
ATOM   358  O  O     . ILE A 1 49  ? -3.071  -0.182  -2.090  1.00 61.08  ? 410 ILE A O     1 
ATOM   359  C  CB    . ILE A 1 49  ? -0.599  -0.320  0.085   1.00 47.54  ? 410 ILE A CB    1 
ATOM   360  C  CG1   . ILE A 1 49  ? -0.131  -1.097  -1.145  1.00 53.87  ? 410 ILE A CG1   1 
ATOM   361  C  CG2   . ILE A 1 49  ? -0.058  -0.942  1.365   1.00 50.95  ? 410 ILE A CG2   1 
ATOM   362  C  CD1   . ILE A 1 49  ? 1.370   -1.095  -1.329  1.00 48.72  ? 410 ILE A CD1   1 
ATOM   363  N  N     . VAL A 1 50  ? -2.563  1.790   -1.136  1.00 55.28  ? 411 VAL A N     1 
ATOM   364  C  CA    . VAL A 1 50  ? -2.985  2.580   -2.285  1.00 57.53  ? 411 VAL A CA    1 
ATOM   365  C  C     . VAL A 1 50  ? -1.888  3.545   -2.720  1.00 55.07  ? 411 VAL A C     1 
ATOM   366  O  O     . VAL A 1 50  ? -1.424  4.368   -1.932  1.00 51.30  ? 411 VAL A O     1 
ATOM   367  C  CB    . VAL A 1 50  ? -4.270  3.379   -1.986  1.00 55.17  ? 411 VAL A CB    1 
ATOM   368  C  CG1   . VAL A 1 50  ? -4.567  4.354   -3.116  1.00 50.62  ? 411 VAL A CG1   1 
ATOM   369  C  CG2   . VAL A 1 50  ? -5.444  2.437   -1.764  1.00 51.90  ? 411 VAL A CG2   1 
ATOM   370  N  N     . SER A 1 51  ? -1.474  3.433   -3.978  1.00 53.62  ? 412 SER A N     1 
ATOM   371  C  CA    . SER A 1 51  ? -0.476  4.333   -4.539  1.00 54.00  ? 412 SER A CA    1 
ATOM   372  C  C     . SER A 1 51  ? -1.098  5.203   -5.626  1.00 55.87  ? 412 SER A C     1 
ATOM   373  O  O     . SER A 1 51  ? -1.297  4.752   -6.753  1.00 58.27  ? 412 SER A O     1 
ATOM   374  C  CB    . SER A 1 51  ? 0.708   3.546   -5.103  1.00 50.07  ? 412 SER A CB    1 
ATOM   375  O  OG    . SER A 1 51  ? 1.710   4.416   -5.595  1.00 54.60  ? 412 SER A OG    1 
ATOM   376  N  N     . SER A 1 52  ? -1.405  6.448   -5.280  1.00 56.35  ? 413 SER A N     1 
ATOM   377  C  CA    . SER A 1 52  ? -2.056  7.358   -6.217  1.00 61.94  ? 413 SER A CA    1 
ATOM   378  C  C     . SER A 1 52  ? -1.304  8.679   -6.346  1.00 59.24  ? 413 SER A C     1 
ATOM   379  O  O     . SER A 1 52  ? -1.914  9.747   -6.405  1.00 58.73  ? 413 SER A O     1 
ATOM   380  C  CB    . SER A 1 52  ? -3.501  7.619   -5.786  1.00 56.72  ? 413 SER A CB    1 
ATOM   381  O  OG    . SER A 1 52  ? -3.554  8.152   -4.474  1.00 67.13  ? 413 SER A OG    1 
ATOM   382  N  N     . GLY A 1 53  ? 0.022   8.601   -6.389  1.00 60.00  ? 414 GLY A N     1 
ATOM   383  C  CA    . GLY A 1 53  ? 0.854   9.774   -6.589  1.00 58.64  ? 414 GLY A CA    1 
ATOM   384  C  C     . GLY A 1 53  ? 0.840   10.756  -5.432  1.00 61.10  ? 414 GLY A C     1 
ATOM   385  O  O     . GLY A 1 53  ? 1.286   11.894  -5.572  1.00 66.43  ? 414 GLY A O     1 
ATOM   386  N  N     . GLY A 1 54  ? 0.332   10.317  -4.286  1.00 64.86  ? 415 GLY A N     1 
ATOM   387  C  CA    . GLY A 1 54  ? 0.273   11.162  -3.108  1.00 57.41  ? 415 GLY A CA    1 
ATOM   388  C  C     . GLY A 1 54  ? 1.641   11.398  -2.500  1.00 62.10  ? 415 GLY A C     1 
ATOM   389  O  O     . GLY A 1 54  ? 1.851   12.373  -1.780  1.00 71.05  ? 415 GLY A O     1 
ATOM   390  N  N     . TYR A 1 55  ? 2.575   10.497  -2.790  1.00 65.03  ? 416 TYR A N     1 
ATOM   391  C  CA    . TYR A 1 55  ? 3.940   10.621  -2.291  1.00 61.11  ? 416 TYR A CA    1 
ATOM   392  C  C     . TYR A 1 55  ? 4.956   10.607  -3.432  1.00 62.79  ? 416 TYR A C     1 
ATOM   393  O  O     . TYR A 1 55  ? 4.678   11.093  -4.529  1.00 71.64  ? 416 TYR A O     1 
ATOM   394  C  CB    . TYR A 1 55  ? 4.249   9.504   -1.292  1.00 58.42  ? 416 TYR A CB    1 
ATOM   395  C  CG    . TYR A 1 55  ? 3.754   9.783   0.111   1.00 58.83  ? 416 TYR A CG    1 
ATOM   396  C  CD1   . TYR A 1 55  ? 4.648   10.010  1.151   1.00 54.83  ? 416 TYR A CD1   1 
ATOM   397  C  CD2   . TYR A 1 55  ? 2.396   9.831   0.395   1.00 61.43  ? 416 TYR A CD2   1 
ATOM   398  C  CE1   . TYR A 1 55  ? 4.200   10.267  2.436   1.00 65.35  ? 416 TYR A CE1   1 
ATOM   399  C  CE2   . TYR A 1 55  ? 1.940   10.087  1.675   1.00 57.57  ? 416 TYR A CE2   1 
ATOM   400  C  CZ    . TYR A 1 55  ? 2.844   10.304  2.691   1.00 61.04  ? 416 TYR A CZ    1 
ATOM   401  O  OH    . TYR A 1 55  ? 2.392   10.561  3.965   1.00 52.85  ? 416 TYR A OH    1 
ATOM   402  N  N     . ASN A 1 56  ? 6.130   10.046  -3.167  1.00 69.77  ? 417 ASN A N     1 
ATOM   403  C  CA    . ASN A 1 56  ? 7.226   10.062  -4.131  1.00 75.71  ? 417 ASN A CA    1 
ATOM   404  C  C     . ASN A 1 56  ? 7.159   8.927   -5.148  1.00 72.99  ? 417 ASN A C     1 
ATOM   405  O  O     . ASN A 1 56  ? 7.799   8.992   -6.199  1.00 78.79  ? 417 ASN A O     1 
ATOM   406  C  CB    . ASN A 1 56  ? 8.567   10.007  -3.398  1.00 68.09  ? 417 ASN A CB    1 
ATOM   407  N  N     . ASP A 1 57  ? 6.380   7.896   -4.830  1.00 70.83  ? 418 ASP A N     1 
ATOM   408  C  CA    . ASP A 1 57  ? 6.324   6.673   -5.627  1.00 65.50  ? 418 ASP A CA    1 
ATOM   409  C  C     . ASP A 1 57  ? 6.029   6.912   -7.105  1.00 72.70  ? 418 ASP A C     1 
ATOM   410  O  O     . ASP A 1 57  ? 5.093   7.632   -7.457  1.00 76.18  ? 418 ASP A O     1 
ATOM   411  C  CB    . ASP A 1 57  ? 5.271   5.719   -5.057  1.00 67.98  ? 418 ASP A CB    1 
ATOM   412  C  CG    . ASP A 1 57  ? 5.334   5.615   -3.548  1.00 60.20  ? 418 ASP A CG    1 
ATOM   413  O  OD1   . ASP A 1 57  ? 6.445   5.718   -2.989  1.00 63.10  ? 418 ASP A OD1   1 
ATOM   414  O  OD2   . ASP A 1 57  ? 4.271   5.424   -2.922  1.00 60.07  ? 418 ASP A OD2   1 
ATOM   415  N  N     . VAL A 1 58  ? 6.844   6.304   -7.961  1.00 77.44  ? 419 VAL A N     1 
ATOM   416  C  CA    . VAL A 1 58  ? 6.598   6.297   -9.398  1.00 79.94  ? 419 VAL A CA    1 
ATOM   417  C  C     . VAL A 1 58  ? 6.413   4.858   -9.867  1.00 72.98  ? 419 VAL A C     1 
ATOM   418  O  O     . VAL A 1 58  ? 7.285   4.012   -9.662  1.00 66.88  ? 419 VAL A O     1 
ATOM   419  C  CB    . VAL A 1 58  ? 7.746   6.958   -10.184 1.00 86.87  ? 419 VAL A CB    1 
ATOM   420  C  CG1   . VAL A 1 58  ? 7.522   6.800   -11.680 1.00 85.33  ? 419 VAL A CG1   1 
ATOM   421  C  CG2   . VAL A 1 58  ? 7.867   8.428   -9.812  1.00 80.73  ? 419 VAL A CG2   1 
ATOM   422  N  N     . LEU A 1 59  ? 5.274   4.584   -10.492 1.00 75.19  ? 420 LEU A N     1 
ATOM   423  C  CA    . LEU A 1 59  ? 4.926   3.224   -10.887 1.00 79.34  ? 420 LEU A CA    1 
ATOM   424  C  C     . LEU A 1 59  ? 5.228   2.927   -12.351 1.00 80.28  ? 420 LEU A C     1 
ATOM   425  O  O     . LEU A 1 59  ? 4.764   3.632   -13.247 1.00 83.80  ? 420 LEU A O     1 
ATOM   426  C  CB    . LEU A 1 59  ? 3.446   2.957   -10.608 1.00 84.00  ? 420 LEU A CB    1 
ATOM   427  C  CG    . LEU A 1 59  ? 3.045   2.814   -9.140  1.00 79.80  ? 420 LEU A CG    1 
ATOM   428  C  CD1   . LEU A 1 59  ? 1.863   3.710   -8.813  1.00 79.77  ? 420 LEU A CD1   1 
ATOM   429  C  CD2   . LEU A 1 59  ? 2.718   1.363   -8.830  1.00 73.11  ? 420 LEU A CD2   1 
ATOM   430  N  N     . ASP A 1 60  ? 6.008   1.876   -12.586 1.00 78.66  ? 421 ASP A N     1 
ATOM   431  C  CA    . ASP A 1 60  ? 6.230   1.373   -13.938 1.00 83.71  ? 421 ASP A CA    1 
ATOM   432  C  C     . ASP A 1 60  ? 5.488   0.053   -14.112 1.00 81.73  ? 421 ASP A C     1 
ATOM   433  O  O     . ASP A 1 60  ? 4.883   -0.444  -13.166 1.00 78.89  ? 421 ASP A O     1 
ATOM   434  C  CB    . ASP A 1 60  ? 7.728   1.200   -14.224 1.00 85.32  ? 421 ASP A CB    1 
ATOM   435  C  CG    . ASP A 1 60  ? 8.458   0.455   -13.118 1.00 81.41  ? 421 ASP A CG    1 
ATOM   436  O  OD1   . ASP A 1 60  ? 9.706   0.501   -13.098 1.00 85.32  ? 421 ASP A OD1   1 
ATOM   437  O  OD2   . ASP A 1 60  ? 7.791   -0.173  -12.266 1.00 82.87  ? 421 ASP A OD2   1 
ATOM   438  N  N     . ASN A 1 61  ? 5.523   -0.516  -15.313 1.00 88.57  ? 422 ASN A N     1 
ATOM   439  C  CA    . ASN A 1 61  ? 4.899   -1.818  -15.535 1.00 85.89  ? 422 ASN A CA    1 
ATOM   440  C  C     . ASN A 1 61  ? 5.861   -2.950  -15.196 1.00 85.69  ? 422 ASN A C     1 
ATOM   441  O  O     . ASN A 1 61  ? 6.235   -3.748  -16.061 1.00 84.33  ? 422 ASN A O     1 
ATOM   442  C  CB    . ASN A 1 61  ? 4.411   -1.944  -16.976 1.00 90.59  ? 422 ASN A CB    1 
ATOM   443  C  CG    . ASN A 1 61  ? 3.333   -0.940  -17.312 1.00 100.90 ? 422 ASN A CG    1 
ATOM   444  O  OD1   . ASN A 1 61  ? 3.043   -0.031  -16.531 1.00 102.23 ? 422 ASN A OD1   1 
ATOM   445  N  ND2   . ASN A 1 61  ? 2.739   -1.089  -18.487 1.00 103.12 ? 422 ASN A ND2   1 
ATOM   446  N  N     . SER A 1 62  ? 6.267   -2.994  -13.932 1.00 78.92  ? 423 SER A N     1 
ATOM   447  C  CA    . SER A 1 62  ? 7.135   -4.050  -13.432 1.00 69.35  ? 423 SER A CA    1 
ATOM   448  C  C     . SER A 1 62  ? 6.382   -4.909  -12.422 1.00 63.23  ? 423 SER A C     1 
ATOM   449  O  O     . SER A 1 62  ? 5.209   -4.663  -12.140 1.00 69.10  ? 423 SER A O     1 
ATOM   450  C  CB    . SER A 1 62  ? 8.399   -3.463  -12.793 1.00 70.02  ? 423 SER A CB    1 
ATOM   451  O  OG    . SER A 1 62  ? 9.244   -4.487  -12.299 1.00 69.03  ? 423 SER A OG    1 
ATOM   452  N  N     . ASP A 1 63  ? 7.055   -5.919  -11.882 1.00 62.68  ? 424 ASP A N     1 
ATOM   453  C  CA    . ASP A 1 63  ? 6.449   -6.756  -10.855 1.00 61.83  ? 424 ASP A CA    1 
ATOM   454  C  C     . ASP A 1 63  ? 6.881   -6.293  -9.467  1.00 61.22  ? 424 ASP A C     1 
ATOM   455  O  O     . ASP A 1 63  ? 6.335   -6.733  -8.456  1.00 63.61  ? 424 ASP A O     1 
ATOM   456  C  CB    . ASP A 1 63  ? 6.813   -8.228  -11.067 1.00 61.02  ? 424 ASP A CB    1 
ATOM   457  C  CG    . ASP A 1 63  ? 8.309   -8.469  -11.068 1.00 64.64  ? 424 ASP A CG    1 
ATOM   458  O  OD1   . ASP A 1 63  ? 9.053   -7.620  -11.604 1.00 65.13  ? 424 ASP A OD1   1 
ATOM   459  O  OD2   . ASP A 1 63  ? 8.741   -9.511  -10.531 1.00 65.69  ? 424 ASP A OD2   1 
ATOM   460  N  N     . VAL A 1 64  ? 7.860   -5.393  -9.426  1.00 55.87  ? 425 VAL A N     1 
ATOM   461  C  CA    . VAL A 1 64  ? 8.363   -4.861  -8.165  1.00 56.43  ? 425 VAL A CA    1 
ATOM   462  C  C     . VAL A 1 64  ? 7.958   -3.403  -7.976  1.00 54.94  ? 425 VAL A C     1 
ATOM   463  O  O     . VAL A 1 64  ? 8.187   -2.565  -8.848  1.00 57.51  ? 425 VAL A O     1 
ATOM   464  C  CB    . VAL A 1 64  ? 9.899   -4.978  -8.076  1.00 59.81  ? 425 VAL A CB    1 
ATOM   465  C  CG1   . VAL A 1 64  ? 10.428  -4.224  -6.865  1.00 58.03  ? 425 VAL A CG1   1 
ATOM   466  C  CG2   . VAL A 1 64  ? 10.319  -6.439  -8.030  1.00 58.67  ? 425 VAL A CG2   1 
ATOM   467  N  N     . LEU A 1 65  ? 7.355   -3.109  -6.829  1.00 58.70  ? 426 LEU A N     1 
ATOM   468  C  CA    . LEU A 1 65  ? 6.898   -1.759  -6.516  1.00 54.31  ? 426 LEU A CA    1 
ATOM   469  C  C     . LEU A 1 65  ? 7.591   -1.210  -5.271  1.00 56.03  ? 426 LEU A C     1 
ATOM   470  O  O     . LEU A 1 65  ? 7.732   -1.909  -4.269  1.00 57.23  ? 426 LEU A O     1 
ATOM   471  C  CB    . LEU A 1 65  ? 5.378   -1.750  -6.320  1.00 52.29  ? 426 LEU A CB    1 
ATOM   472  C  CG    . LEU A 1 65  ? 4.771   -0.715  -5.367  1.00 59.65  ? 426 LEU A CG    1 
ATOM   473  C  CD1   . LEU A 1 65  ? 4.823   0.688   -5.958  1.00 65.35  ? 426 LEU A CD1   1 
ATOM   474  C  CD2   . LEU A 1 65  ? 3.342   -1.093  -5.005  1.00 62.79  ? 426 LEU A CD2   1 
ATOM   475  N  N     . ILE A 1 66  ? 8.028   0.044   -5.346  1.00 56.82  ? 427 ILE A N     1 
ATOM   476  C  CA    . ILE A 1 66  ? 8.595   0.730   -4.192  1.00 50.94  ? 427 ILE A CA    1 
ATOM   477  C  C     . ILE A 1 66  ? 7.554   1.663   -3.582  1.00 51.23  ? 427 ILE A C     1 
ATOM   478  O  O     . ILE A 1 66  ? 7.089   2.598   -4.234  1.00 51.04  ? 427 ILE A O     1 
ATOM   479  C  CB    . ILE A 1 66  ? 9.851   1.534   -4.564  1.00 47.96  ? 427 ILE A CB    1 
ATOM   480  C  CG1   . ILE A 1 66  ? 10.828  0.660   -5.353  1.00 47.87  ? 427 ILE A CG1   1 
ATOM   481  C  CG2   . ILE A 1 66  ? 10.512  2.096   -3.315  1.00 53.03  ? 427 ILE A CG2   1 
ATOM   482  C  CD1   . ILE A 1 66  ? 11.340  -0.533  -4.580  1.00 59.43  ? 427 ILE A CD1   1 
ATOM   483  N  N     . TYR A 1 67  ? 7.194   1.402   -2.330  1.00 51.55  ? 428 TYR A N     1 
ATOM   484  C  CA    . TYR A 1 67  ? 6.126   2.140   -1.667  1.00 47.65  ? 428 TYR A CA    1 
ATOM   485  C  C     . TYR A 1 67  ? 6.661   2.943   -0.485  1.00 47.40  ? 428 TYR A C     1 
ATOM   486  O  O     . TYR A 1 67  ? 7.307   2.395   0.407   1.00 48.57  ? 428 TYR A O     1 
ATOM   487  C  CB    . TYR A 1 67  ? 5.034   1.172   -1.207  1.00 52.06  ? 428 TYR A CB    1 
ATOM   488  C  CG    . TYR A 1 67  ? 3.715   1.816   -0.844  1.00 50.21  ? 428 TYR A CG    1 
ATOM   489  C  CD1   . TYR A 1 67  ? 2.802   2.180   -1.828  1.00 44.71  ? 428 TYR A CD1   1 
ATOM   490  C  CD2   . TYR A 1 67  ? 3.368   2.034   0.483   1.00 49.36  ? 428 TYR A CD2   1 
ATOM   491  C  CE1   . TYR A 1 67  ? 1.589   2.759   -1.500  1.00 47.55  ? 428 TYR A CE1   1 
ATOM   492  C  CE2   . TYR A 1 67  ? 2.158   2.611   0.820   1.00 49.99  ? 428 TYR A CE2   1 
ATOM   493  C  CZ    . TYR A 1 67  ? 1.272   2.970   -0.174  1.00 49.23  ? 428 TYR A CZ    1 
ATOM   494  O  OH    . TYR A 1 67  ? 0.069   3.547   0.158   1.00 51.52  ? 428 TYR A OH    1 
ATOM   495  N  N     . THR A 1 68  ? 6.393   4.245   -0.487  1.00 44.57  ? 429 THR A N     1 
ATOM   496  C  CA    . THR A 1 68  ? 6.847   5.120   0.588   1.00 51.29  ? 429 THR A CA    1 
ATOM   497  C  C     . THR A 1 68  ? 5.920   5.019   1.797   1.00 51.79  ? 429 THR A C     1 
ATOM   498  O  O     . THR A 1 68  ? 4.702   4.921   1.649   1.00 49.10  ? 429 THR A O     1 
ATOM   499  C  CB    . THR A 1 68  ? 6.923   6.592   0.126   1.00 51.41  ? 429 THR A CB    1 
ATOM   500  O  OG1   . THR A 1 68  ? 7.666   6.676   -1.095  1.00 52.99  ? 429 THR A OG1   1 
ATOM   501  C  CG2   . THR A 1 68  ? 7.597   7.458   1.182   1.00 49.23  ? 429 THR A CG2   1 
ATOM   502  N  N     . GLY A 1 69  ? 6.504   5.034   2.991   1.00 53.48  ? 430 GLY A N     1 
ATOM   503  C  CA    . GLY A 1 69  ? 5.730   5.022   4.219   1.00 51.01  ? 430 GLY A CA    1 
ATOM   504  C  C     . GLY A 1 69  ? 4.974   6.323   4.414   1.00 57.13  ? 430 GLY A C     1 
ATOM   505  O  O     . GLY A 1 69  ? 5.275   7.327   3.769   1.00 56.35  ? 430 GLY A O     1 
ATOM   506  N  N     . GLN A 1 70  ? 3.991   6.307   5.308   1.00 61.05  ? 431 GLN A N     1 
ATOM   507  C  CA    . GLN A 1 70  ? 3.173   7.488   5.562   1.00 56.19  ? 431 GLN A CA    1 
ATOM   508  C  C     . GLN A 1 70  ? 3.713   8.303   6.733   1.00 54.43  ? 431 GLN A C     1 
ATOM   509  O  O     . GLN A 1 70  ? 4.399   7.774   7.607   1.00 52.91  ? 431 GLN A O     1 
ATOM   510  C  CB    . GLN A 1 70  ? 1.721   7.082   5.831   1.00 55.36  ? 431 GLN A CB    1 
ATOM   511  C  CG    . GLN A 1 70  ? 1.543   6.174   7.039   1.00 51.75  ? 431 GLN A CG    1 
ATOM   512  C  CD    . GLN A 1 70  ? 0.108   5.719   7.220   1.00 54.59  ? 431 GLN A CD    1 
ATOM   513  O  OE1   . GLN A 1 70  ? -0.756  6.004   6.390   1.00 50.09  ? 431 GLN A OE1   1 
ATOM   514  N  NE2   . GLN A 1 70  ? -0.154  5.005   8.309   1.00 62.23  ? 431 GLN A NE2   1 
ATOM   515  N  N     . GLY A 1 71  ? 3.402   9.596   6.738   1.00 51.15  ? 432 GLY A N     1 
ATOM   516  C  CA    . GLY A 1 71  ? 3.816   10.476  7.815   1.00 58.26  ? 432 GLY A CA    1 
ATOM   517  C  C     . GLY A 1 71  ? 5.015   11.335  7.462   1.00 65.08  ? 432 GLY A C     1 
ATOM   518  O  O     . GLY A 1 71  ? 5.515   11.292  6.338   1.00 75.41  ? 432 GLY A O     1 
ATOM   519  N  N     . GLY A 1 72  ? 5.472   12.125  8.428   1.00 70.17  ? 433 GLY A N     1 
ATOM   520  C  CA    . GLY A 1 72  ? 6.633   12.976  8.238   1.00 72.36  ? 433 GLY A CA    1 
ATOM   521  C  C     . GLY A 1 72  ? 6.367   14.180  7.354   1.00 78.10  ? 433 GLY A C     1 
ATOM   522  O  O     . GLY A 1 72  ? 7.296   14.899  6.986   1.00 80.97  ? 433 GLY A O     1 
ATOM   523  N  N     . ASN A 1 73  ? 5.096   14.392  7.020   1.00 75.78  ? 434 ASN A N     1 
ATOM   524  C  CA    . ASN A 1 73  ? 4.672   15.496  6.162   1.00 78.22  ? 434 ASN A CA    1 
ATOM   525  C  C     . ASN A 1 73  ? 5.382   15.505  4.810   1.00 79.82  ? 434 ASN A C     1 
ATOM   526  O  O     . ASN A 1 73  ? 6.276   16.317  4.573   1.00 87.12  ? 434 ASN A O     1 
ATOM   527  C  CB    . ASN A 1 73  ? 4.888   16.836  6.871   1.00 85.59  ? 434 ASN A CB    1 
ATOM   528  C  CG    . ASN A 1 73  ? 4.096   16.949  8.159   1.00 85.49  ? 434 ASN A CG    1 
ATOM   529  O  OD1   . ASN A 1 73  ? 4.666   17.110  9.239   1.00 80.35  ? 434 ASN A OD1   1 
ATOM   530  N  ND2   . ASN A 1 73  ? 2.776   16.869  8.052   1.00 80.93  ? 434 ASN A ND2   1 
ATOM   531  N  N     . VAL A 1 74  ? 4.982   14.591  3.930   1.00 82.66  ? 435 VAL A N     1 
ATOM   532  C  CA    . VAL A 1 74  ? 5.532   14.523  2.579   1.00 74.61  ? 435 VAL A CA    1 
ATOM   533  C  C     . VAL A 1 74  ? 4.418   14.381  1.543   1.00 75.56  ? 435 VAL A C     1 
ATOM   534  O  O     . VAL A 1 74  ? 3.819   13.315  1.406   1.00 78.20  ? 435 VAL A O     1 
ATOM   535  C  CB    . VAL A 1 74  ? 6.518   13.343  2.418   1.00 81.19  ? 435 VAL A CB    1 
ATOM   536  C  CG1   . VAL A 1 74  ? 7.100   13.330  1.013   1.00 86.91  ? 435 VAL A CG1   1 
ATOM   537  C  CG2   . VAL A 1 74  ? 7.632   13.424  3.453   1.00 79.97  ? 435 VAL A CG2   1 
ATOM   538  N  N     . GLY A 1 75  ? 4.143   15.460  0.814   1.00 81.64  ? 436 GLY A N     1 
ATOM   539  C  CA    . GLY A 1 75  ? 3.124   15.437  -0.221  1.00 75.92  ? 436 GLY A CA    1 
ATOM   540  C  C     . GLY A 1 75  ? 2.180   16.622  -0.162  1.00 83.91  ? 436 GLY A C     1 
ATOM   541  O  O     . GLY A 1 75  ? 2.289   17.556  -0.958  1.00 82.00  ? 436 GLY A O     1 
ATOM   542  N  N     . LYS A 1 76  ? 1.243   16.581  0.780   1.00 90.13  ? 437 LYS A N     1 
ATOM   543  C  CA    . LYS A 1 76  ? 0.290   17.670  0.964   1.00 84.31  ? 437 LYS A CA    1 
ATOM   544  C  C     . LYS A 1 76  ? 0.758   18.618  2.063   1.00 86.04  ? 437 LYS A C     1 
ATOM   545  O  O     . LYS A 1 76  ? -0.054  19.226  2.761   1.00 85.32  ? 437 LYS A O     1 
ATOM   546  C  CB    . LYS A 1 76  ? -1.099  17.122  1.296   1.00 82.58  ? 437 LYS A CB    1 
ATOM   547  N  N     . LYS A 1 77  ? 2.074   18.737  2.211   1.00 90.01  ? 438 LYS A N     1 
ATOM   548  C  CA    . LYS A 1 77  ? 2.657   19.591  3.236   1.00 87.77  ? 438 LYS A CA    1 
ATOM   549  C  C     . LYS A 1 77  ? 4.065   20.034  2.851   1.00 80.68  ? 438 LYS A C     1 
ATOM   550  O  O     . LYS A 1 77  ? 4.380   21.223  2.878   1.00 85.15  ? 438 LYS A O     1 
ATOM   551  C  CB    . LYS A 1 77  ? 2.683   18.866  4.583   1.00 85.34  ? 438 LYS A CB    1 
ATOM   552  N  N     . GLU A 1 81  ? 3.336   22.668  6.272   1.00 87.84  ? 442 GLU A N     1 
ATOM   553  C  CA    . GLU A 1 81  ? 3.709   21.952  7.487   1.00 90.92  ? 442 GLU A CA    1 
ATOM   554  C  C     . GLU A 1 81  ? 5.179   21.541  7.452   1.00 92.14  ? 442 GLU A C     1 
ATOM   555  O  O     . GLU A 1 81  ? 5.682   21.110  6.414   1.00 91.51  ? 442 GLU A O     1 
ATOM   556  C  CB    . GLU A 1 81  ? 2.818   20.733  7.677   1.00 91.58  ? 442 GLU A CB    1 
ATOM   557  N  N     . PRO A 1 82  ? 5.873   21.677  8.593   1.00 92.85  ? 443 PRO A N     1 
ATOM   558  C  CA    . PRO A 1 82  ? 7.302   21.364  8.705   1.00 89.79  ? 443 PRO A CA    1 
ATOM   559  C  C     . PRO A 1 82  ? 7.592   19.864  8.698   1.00 88.87  ? 443 PRO A C     1 
ATOM   560  O  O     . PRO A 1 82  ? 6.825   19.089  9.269   1.00 86.95  ? 443 PRO A O     1 
ATOM   561  C  CB    . PRO A 1 82  ? 7.688   21.985  10.049  1.00 91.85  ? 443 PRO A CB    1 
ATOM   562  C  CG    . PRO A 1 82  ? 6.432   21.940  10.845  1.00 93.01  ? 443 PRO A CG    1 
ATOM   563  C  CD    . PRO A 1 82  ? 5.320   22.184  9.862   1.00 96.48  ? 443 PRO A CD    1 
ATOM   564  N  N     . PRO A 1 83  ? 8.698   19.460  8.052   1.00 87.64  ? 444 PRO A N     1 
ATOM   565  C  CA    . PRO A 1 83  ? 9.110   18.056  7.928   1.00 87.85  ? 444 PRO A CA    1 
ATOM   566  C  C     . PRO A 1 83  ? 9.612   17.454  9.239   1.00 83.57  ? 444 PRO A C     1 
ATOM   567  O  O     . PRO A 1 83  ? 10.273  18.134  10.024  1.00 81.96  ? 444 PRO A O     1 
ATOM   568  C  CB    . PRO A 1 83  ? 10.248  18.111  6.898   1.00 84.76  ? 444 PRO A CB    1 
ATOM   569  C  CG    . PRO A 1 83  ? 10.116  19.444  6.228   1.00 85.21  ? 444 PRO A CG    1 
ATOM   570  C  CD    . PRO A 1 83  ? 9.573   20.354  7.277   1.00 89.44  ? 444 PRO A CD    1 
ATOM   571  N  N     . LYS A 1 84  ? 9.297   16.181  9.462   1.00 73.74  ? 445 LYS A N     1 
ATOM   572  C  CA    . LYS A 1 84  ? 9.787   15.452  10.626  1.00 73.61  ? 445 LYS A CA    1 
ATOM   573  C  C     . LYS A 1 84  ? 10.013  13.984  10.272  1.00 78.62  ? 445 LYS A C     1 
ATOM   574  O  O     . LYS A 1 84  ? 9.650   13.541  9.183   1.00 76.56  ? 445 LYS A O     1 
ATOM   575  C  CB    . LYS A 1 84  ? 8.808   15.575  11.797  1.00 77.47  ? 445 LYS A CB    1 
ATOM   576  C  CG    . LYS A 1 84  ? 7.421   15.021  11.514  1.00 78.76  ? 445 LYS A CG    1 
ATOM   577  C  CD    . LYS A 1 84  ? 6.514   15.172  12.725  1.00 78.12  ? 445 LYS A CD    1 
ATOM   578  C  CE    . LYS A 1 84  ? 5.111   14.665  12.433  1.00 84.32  ? 445 LYS A CE    1 
ATOM   579  N  NZ    . LYS A 1 84  ? 4.440   15.466  11.371  1.00 86.89  ? 445 LYS A NZ    1 
ATOM   580  N  N     . ASP A 1 85  ? 10.622  13.239  11.188  1.00 74.45  ? 446 ASP A N     1 
ATOM   581  C  CA    . ASP A 1 85  ? 10.873  11.815  10.977  1.00 70.54  ? 446 ASP A CA    1 
ATOM   582  C  C     . ASP A 1 85  ? 9.574   11.025  10.867  1.00 76.44  ? 446 ASP A C     1 
ATOM   583  O  O     . ASP A 1 85  ? 8.590   11.336  11.538  1.00 81.86  ? 446 ASP A O     1 
ATOM   584  C  CB    . ASP A 1 85  ? 11.723  11.242  12.115  1.00 73.91  ? 446 ASP A CB    1 
ATOM   585  C  CG    . ASP A 1 85  ? 13.209  11.399  11.871  1.00 78.17  ? 446 ASP A CG    1 
ATOM   586  O  OD1   . ASP A 1 85  ? 13.588  12.187  10.983  1.00 81.84  ? 446 ASP A OD1   1 
ATOM   587  O  OD2   . ASP A 1 85  ? 14.000  10.731  12.570  1.00 82.12  ? 446 ASP A OD2   1 
ATOM   588  N  N     . GLN A 1 86  ? 9.577   10.003  10.017  1.00 74.54  ? 447 GLN A N     1 
ATOM   589  C  CA    . GLN A 1 86  ? 8.453   9.079   9.948   1.00 67.27  ? 447 GLN A CA    1 
ATOM   590  C  C     . GLN A 1 86  ? 8.549   8.082   11.096  1.00 64.30  ? 447 GLN A C     1 
ATOM   591  O  O     . GLN A 1 86  ? 9.634   7.838   11.625  1.00 68.30  ? 447 GLN A O     1 
ATOM   592  C  CB    . GLN A 1 86  ? 8.419   8.347   8.604   1.00 62.95  ? 447 GLN A CB    1 
ATOM   593  C  CG    . GLN A 1 86  ? 7.880   9.186   7.455   1.00 65.94  ? 447 GLN A CG    1 
ATOM   594  C  CD    . GLN A 1 86  ? 7.532   8.351   6.238   1.00 61.65  ? 447 GLN A CD    1 
ATOM   595  O  OE1   . GLN A 1 86  ? 7.900   7.180   6.150   1.00 64.23  ? 447 GLN A OE1   1 
ATOM   596  N  NE2   . GLN A 1 86  ? 6.813   8.950   5.296   1.00 55.25  ? 447 GLN A NE2   1 
ATOM   597  N  N     . GLN A 1 87  ? 7.415   7.510   11.482  1.00 68.61  ? 448 GLN A N     1 
ATOM   598  C  CA    . GLN A 1 87  ? 7.379   6.607   12.625  1.00 72.67  ? 448 GLN A CA    1 
ATOM   599  C  C     . GLN A 1 87  ? 7.017   5.185   12.215  1.00 71.70  ? 448 GLN A C     1 
ATOM   600  O  O     . GLN A 1 87  ? 6.198   4.974   11.321  1.00 70.53  ? 448 GLN A O     1 
ATOM   601  C  CB    . GLN A 1 87  ? 6.392   7.120   13.675  1.00 71.18  ? 448 GLN A CB    1 
ATOM   602  C  CG    . GLN A 1 87  ? 6.674   8.538   14.145  1.00 71.14  ? 448 GLN A CG    1 
ATOM   603  C  CD    . GLN A 1 87  ? 8.066   8.695   14.724  1.00 77.15  ? 448 GLN A CD    1 
ATOM   604  O  OE1   . GLN A 1 87  ? 8.592   7.788   15.369  1.00 80.74  ? 448 GLN A OE1   1 
ATOM   605  N  NE2   . GLN A 1 87  ? 8.675   9.852   14.490  1.00 82.58  ? 448 GLN A NE2   1 
ATOM   606  N  N     . LEU A 1 88  ? 7.634   4.214   12.880  1.00 71.35  ? 449 LEU A N     1 
ATOM   607  C  CA    . LEU A 1 88  ? 7.372   2.808   12.603  1.00 68.88  ? 449 LEU A CA    1 
ATOM   608  C  C     . LEU A 1 88  ? 6.178   2.324   13.421  1.00 69.34  ? 449 LEU A C     1 
ATOM   609  O  O     . LEU A 1 88  ? 6.294   1.408   14.237  1.00 71.66  ? 449 LEU A O     1 
ATOM   610  C  CB    . LEU A 1 88  ? 8.613   1.963   12.899  1.00 70.51  ? 449 LEU A CB    1 
ATOM   611  C  CG    . LEU A 1 88  ? 8.658   0.543   12.326  1.00 74.15  ? 449 LEU A CG    1 
ATOM   612  C  CD1   . LEU A 1 88  ? 8.254   0.537   10.860  1.00 73.49  ? 449 LEU A CD1   1 
ATOM   613  C  CD2   . LEU A 1 88  ? 10.046  -0.051  12.504  1.00 76.68  ? 449 LEU A CD2   1 
ATOM   614  N  N     . VAL A 1 89  ? 5.031   2.958   13.204  1.00 70.26  ? 450 VAL A N     1 
ATOM   615  C  CA    . VAL A 1 89  ? 3.798   2.583   13.883  1.00 64.32  ? 450 VAL A CA    1 
ATOM   616  C  C     . VAL A 1 89  ? 2.658   2.440   12.881  1.00 64.61  ? 450 VAL A C     1 
ATOM   617  O  O     . VAL A 1 89  ? 2.769   2.889   11.740  1.00 65.22  ? 450 VAL A O     1 
ATOM   618  C  CB    . VAL A 1 89  ? 3.397   3.616   14.957  1.00 71.71  ? 450 VAL A CB    1 
ATOM   619  C  CG1   . VAL A 1 89  ? 4.453   3.695   16.049  1.00 70.16  ? 450 VAL A CG1   1 
ATOM   620  C  CG2   . VAL A 1 89  ? 3.171   4.979   14.323  1.00 67.48  ? 450 VAL A CG2   1 
ATOM   621  N  N     . THR A 1 90  ? 1.569   1.816   13.323  1.00 70.36  ? 451 THR A N     1 
ATOM   622  C  CA    . THR A 1 90  ? 0.363   1.636   12.513  1.00 65.23  ? 451 THR A CA    1 
ATOM   623  C  C     . THR A 1 90  ? 0.651   0.988   11.159  1.00 63.47  ? 451 THR A C     1 
ATOM   624  O  O     . THR A 1 90  ? 1.218   -0.102  11.092  1.00 66.34  ? 451 THR A O     1 
ATOM   625  C  CB    . THR A 1 90  ? -0.364  2.980   12.277  1.00 64.96  ? 451 THR A CB    1 
ATOM   626  O  OG1   . THR A 1 90  ? 0.428   3.819   11.426  1.00 71.70  ? 451 THR A OG1   1 
ATOM   627  C  CG2   . THR A 1 90  ? -0.616  3.689   13.598  1.00 65.45  ? 451 THR A CG2   1 
ATOM   628  N  N     . GLY A 1 91  ? 0.256   1.672   10.087  1.00 64.35  ? 452 GLY A N     1 
ATOM   629  C  CA    . GLY A 1 91  ? 0.410   1.160   8.737   1.00 56.04  ? 452 GLY A CA    1 
ATOM   630  C  C     . GLY A 1 91  ? 1.846   0.854   8.359   1.00 56.43  ? 452 GLY A C     1 
ATOM   631  O  O     . GLY A 1 91  ? 2.127   -0.176  7.746   1.00 62.17  ? 452 GLY A O     1 
ATOM   632  N  N     . ASN A 1 92  ? 2.756   1.753   8.722   1.00 56.75  ? 453 ASN A N     1 
ATOM   633  C  CA    . ASN A 1 92  ? 4.177   1.547   8.473   1.00 61.87  ? 453 ASN A CA    1 
ATOM   634  C  C     . ASN A 1 92  ? 4.690   0.304   9.191   1.00 62.38  ? 453 ASN A C     1 
ATOM   635  O  O     . ASN A 1 92  ? 5.450   -0.484  8.627   1.00 65.86  ? 453 ASN A O     1 
ATOM   636  C  CB    . ASN A 1 92  ? 4.981   2.774   8.906   1.00 59.01  ? 453 ASN A CB    1 
ATOM   637  C  CG    . ASN A 1 92  ? 4.771   3.963   7.987   1.00 57.72  ? 453 ASN A CG    1 
ATOM   638  O  OD1   . ASN A 1 92  ? 3.984   3.900   7.043   1.00 56.19  ? 453 ASN A OD1   1 
ATOM   639  N  ND2   . ASN A 1 92  ? 5.476   5.055   8.262   1.00 55.67  ? 453 ASN A ND2   1 
ATOM   640  N  N     . LEU A 1 93  ? 4.262   0.137   10.438  1.00 63.64  ? 454 LEU A N     1 
ATOM   641  C  CA    . LEU A 1 93  ? 4.627   -1.029  11.231  1.00 69.38  ? 454 LEU A CA    1 
ATOM   642  C  C     . LEU A 1 93  ? 4.017   -2.302  10.652  1.00 67.21  ? 454 LEU A C     1 
ATOM   643  O  O     . LEU A 1 93  ? 4.669   -3.345  10.595  1.00 69.30  ? 454 LEU A O     1 
ATOM   644  C  CB    . LEU A 1 93  ? 4.179   -0.848  12.682  1.00 70.73  ? 454 LEU A CB    1 
ATOM   645  C  CG    . LEU A 1 93  ? 4.279   -2.069  13.598  1.00 73.85  ? 454 LEU A CG    1 
ATOM   646  C  CD1   . LEU A 1 93  ? 5.728   -2.492  13.779  1.00 77.35  ? 454 LEU A CD1   1 
ATOM   647  C  CD2   . LEU A 1 93  ? 3.623   -1.785  14.941  1.00 64.12  ? 454 LEU A CD2   1 
ATOM   648  N  N     . ALA A 1 94  ? 2.764   -2.200  10.220  1.00 63.13  ? 455 ALA A N     1 
ATOM   649  C  CA    . ALA A 1 94  ? 2.032   -3.344  9.690   1.00 62.93  ? 455 ALA A CA    1 
ATOM   650  C  C     . ALA A 1 94  ? 2.675   -3.892  8.419   1.00 67.53  ? 455 ALA A C     1 
ATOM   651  O  O     . ALA A 1 94  ? 2.813   -5.104  8.258   1.00 67.35  ? 455 ALA A O     1 
ATOM   652  C  CB    . ALA A 1 94  ? 0.591   -2.963  9.425   1.00 62.11  ? 455 ALA A CB    1 
ATOM   653  N  N     . LEU A 1 95  ? 3.056   -2.990  7.520   1.00 67.55  ? 456 LEU A N     1 
ATOM   654  C  CA    . LEU A 1 95  ? 3.737   -3.374  6.288   1.00 62.45  ? 456 LEU A CA    1 
ATOM   655  C  C     . LEU A 1 95  ? 5.053   -4.082  6.589   1.00 63.52  ? 456 LEU A C     1 
ATOM   656  O  O     . LEU A 1 95  ? 5.428   -5.032  5.901   1.00 70.92  ? 456 LEU A O     1 
ATOM   657  C  CB    . LEU A 1 95  ? 3.990   -2.148  5.409   1.00 61.02  ? 456 LEU A CB    1 
ATOM   658  C  CG    . LEU A 1 95  ? 2.907   -1.765  4.398   1.00 54.58  ? 456 LEU A CG    1 
ATOM   659  C  CD1   . LEU A 1 95  ? 3.278   -0.473  3.694   1.00 50.30  ? 456 LEU A CD1   1 
ATOM   660  C  CD2   . LEU A 1 95  ? 2.706   -2.881  3.388   1.00 46.24  ? 456 LEU A CD2   1 
ATOM   661  N  N     . LYS A 1 96  ? 5.748   -3.614  7.621   1.00 68.24  ? 457 LYS A N     1 
ATOM   662  C  CA    . LYS A 1 96  ? 7.016   -4.211  8.025   1.00 72.02  ? 457 LYS A CA    1 
ATOM   663  C  C     . LYS A 1 96  ? 6.826   -5.629  8.550   1.00 71.59  ? 457 LYS A C     1 
ATOM   664  O  O     . LYS A 1 96  ? 7.599   -6.530  8.224   1.00 73.43  ? 457 LYS A O     1 
ATOM   665  C  CB    . LYS A 1 96  ? 7.699   -3.356  9.092   1.00 75.73  ? 457 LYS A CB    1 
ATOM   666  C  CG    . LYS A 1 96  ? 8.988   -3.965  9.610   1.00 78.36  ? 457 LYS A CG    1 
ATOM   667  C  CD    . LYS A 1 96  ? 9.407   -3.354  10.932  1.00 80.37  ? 457 LYS A CD    1 
ATOM   668  C  CE    . LYS A 1 96  ? 10.554  -4.134  11.550  1.00 79.62  ? 457 LYS A CE    1 
ATOM   669  N  NZ    . LYS A 1 96  ? 10.192  -5.562  11.764  1.00 81.56  ? 457 LYS A NZ    1 
ATOM   670  N  N     . ASN A 1 97  ? 5.799   -5.826  9.369   1.00 68.23  ? 458 ASN A N     1 
ATOM   671  C  CA    . ASN A 1 97  ? 5.517   -7.143  9.926   1.00 71.59  ? 458 ASN A CA    1 
ATOM   672  C  C     . ASN A 1 97  ? 5.054   -8.116  8.847   1.00 75.75  ? 458 ASN A C     1 
ATOM   673  O  O     . ASN A 1 97  ? 5.224   -9.328  8.975   1.00 75.65  ? 458 ASN A O     1 
ATOM   674  C  CB    . ASN A 1 97  ? 4.465   -7.045  11.030  1.00 68.35  ? 458 ASN A CB    1 
ATOM   675  C  CG    . ASN A 1 97  ? 4.886   -6.124  12.158  1.00 75.09  ? 458 ASN A CG    1 
ATOM   676  O  OD1   . ASN A 1 97  ? 6.073   -5.864  12.354  1.00 75.55  ? 458 ASN A OD1   1 
ATOM   677  N  ND2   . ASN A 1 97  ? 3.910   -5.620  12.906  1.00 70.65  ? 458 ASN A ND2   1 
ATOM   678  N  N     . SER A 1 98  ? 4.478   -7.570  7.779   1.00 73.62  ? 459 SER A N     1 
ATOM   679  C  CA    . SER A 1 98  ? 3.985   -8.377  6.668   1.00 68.74  ? 459 SER A CA    1 
ATOM   680  C  C     . SER A 1 98  ? 5.129   -9.052  5.917   1.00 68.35  ? 459 SER A C     1 
ATOM   681  O  O     . SER A 1 98  ? 4.914   -10.003 5.167   1.00 73.95  ? 459 SER A O     1 
ATOM   682  C  CB    . SER A 1 98  ? 3.160   -7.517  5.711   1.00 69.78  ? 459 SER A CB    1 
ATOM   683  O  OG    . SER A 1 98  ? 1.923   -7.148  6.297   1.00 70.54  ? 459 SER A OG    1 
ATOM   684  N  N     . ILE A 1 99  ? 6.342   -8.551  6.122   1.00 65.39  ? 460 ILE A N     1 
ATOM   685  C  CA    . ILE A 1 99  ? 7.533   -9.164  5.549   1.00 69.46  ? 460 ILE A CA    1 
ATOM   686  C  C     . ILE A 1 99  ? 7.740   -10.560 6.127   1.00 75.18  ? 460 ILE A C     1 
ATOM   687  O  O     . ILE A 1 99  ? 7.920   -11.529 5.390   1.00 75.48  ? 460 ILE A O     1 
ATOM   688  C  CB    . ILE A 1 99  ? 8.791   -8.314  5.812   1.00 70.32  ? 460 ILE A CB    1 
ATOM   689  C  CG1   . ILE A 1 99  ? 8.626   -6.916  5.216   1.00 68.57  ? 460 ILE A CG1   1 
ATOM   690  C  CG2   . ILE A 1 99  ? 10.023  -8.995  5.241   1.00 67.22  ? 460 ILE A CG2   1 
ATOM   691  C  CD1   . ILE A 1 99  ? 9.662   -5.926  5.695   1.00 72.43  ? 460 ILE A CD1   1 
ATOM   692  N  N     . ASN A 1 100 ? 7.705   -10.652 7.452   1.00 74.85  ? 461 ASN A N     1 
ATOM   693  C  CA    . ASN A 1 100 ? 7.888   -11.924 8.139   1.00 77.05  ? 461 ASN A CA    1 
ATOM   694  C  C     . ASN A 1 100 ? 6.693   -12.854 7.962   1.00 80.76  ? 461 ASN A C     1 
ATOM   695  O  O     . ASN A 1 100 ? 6.853   -14.039 7.669   1.00 82.21  ? 461 ASN A O     1 
ATOM   696  C  CB    . ASN A 1 100 ? 8.146   -11.689 9.629   1.00 77.46  ? 461 ASN A CB    1 
ATOM   697  C  CG    . ASN A 1 100 ? 9.448   -10.953 9.887   1.00 84.07  ? 461 ASN A CG    1 
ATOM   698  O  OD1   . ASN A 1 100 ? 10.530  -11.531 9.789   1.00 78.41  ? 461 ASN A OD1   1 
ATOM   699  N  ND2   . ASN A 1 100 ? 9.348   -9.671  10.219  1.00 86.80  ? 461 ASN A ND2   1 
ATOM   700  N  N     . LYS A 1 101 ? 5.494   -12.310 8.131   1.00 78.02  ? 462 LYS A N     1 
ATOM   701  C  CA    . LYS A 1 101 ? 4.281   -13.112 8.060   1.00 76.56  ? 462 LYS A CA    1 
ATOM   702  C  C     . LYS A 1 101 ? 3.994   -13.594 6.635   1.00 76.33  ? 462 LYS A C     1 
ATOM   703  O  O     . LYS A 1 101 ? 3.218   -14.531 6.437   1.00 74.86  ? 462 LYS A O     1 
ATOM   704  C  CB    . LYS A 1 101 ? 3.089   -12.319 8.601   1.00 78.87  ? 462 LYS A CB    1 
ATOM   705  C  CG    . LYS A 1 101 ? 3.263   -11.830 10.039  1.00 87.70  ? 462 LYS A CG    1 
ATOM   706  C  CD    . LYS A 1 101 ? 2.050   -12.160 10.898  1.00 92.32  ? 462 LYS A CD    1 
ATOM   707  C  CE    . LYS A 1 101 ? 2.221   -11.653 12.324  1.00 94.81  ? 462 LYS A CE    1 
ATOM   708  N  NZ    . LYS A 1 101 ? 2.982   -10.374 12.384  1.00 85.49  ? 462 LYS A NZ    1 
ATOM   709  N  N     . LYS A 1 102 ? 4.616   -12.944 5.655   1.00 75.97  ? 463 LYS A N     1 
ATOM   710  C  CA    . LYS A 1 102 ? 4.506   -13.352 4.256   1.00 73.62  ? 463 LYS A CA    1 
ATOM   711  C  C     . LYS A 1 102 ? 3.057   -13.388 3.769   1.00 64.63  ? 463 LYS A C     1 
ATOM   712  O  O     . LYS A 1 102 ? 2.682   -14.251 2.978   1.00 77.66  ? 463 LYS A O     1 
ATOM   713  C  CB    . LYS A 1 102 ? 5.158   -14.725 4.053   1.00 79.59  ? 463 LYS A CB    1 
ATOM   714  C  CG    . LYS A 1 102 ? 6.636   -14.776 4.421   1.00 76.45  ? 463 LYS A CG    1 
ATOM   715  C  CD    . LYS A 1 102 ? 7.100   -16.208 4.657   1.00 80.10  ? 463 LYS A CD    1 
ATOM   716  C  CE    . LYS A 1 102 ? 8.604   -16.273 4.881   1.00 84.51  ? 463 LYS A CE    1 
ATOM   717  N  NZ    . LYS A 1 102 ? 9.361   -15.563 3.812   1.00 90.03  ? 463 LYS A NZ    1 
ATOM   718  N  N     . ASN A 1 103 ? 2.244   -12.450 4.245   1.00 61.45  ? 464 ASN A N     1 
ATOM   719  C  CA    . ASN A 1 103 ? 0.834   -12.405 3.870   1.00 62.79  ? 464 ASN A CA    1 
ATOM   720  C  C     . ASN A 1 103 ? 0.594   -11.563 2.621   1.00 69.39  ? 464 ASN A C     1 
ATOM   721  O  O     . ASN A 1 103 ? 1.310   -10.592 2.378   1.00 64.26  ? 464 ASN A O     1 
ATOM   722  C  CB    . ASN A 1 103 ? -0.005  -11.867 5.033   1.00 66.62  ? 464 ASN A CB    1 
ATOM   723  C  CG    . ASN A 1 103 ? 0.221   -10.388 5.284   1.00 64.88  ? 464 ASN A CG    1 
ATOM   724  O  OD1   . ASN A 1 103 ? 1.135   -10.004 6.014   1.00 66.73  ? 464 ASN A OD1   1 
ATOM   725  N  ND2   . ASN A 1 103 ? -0.619  -9.548  4.687   1.00 62.64  ? 464 ASN A ND2   1 
ATOM   726  N  N     . PRO A 1 104 ? -0.412  -11.941 1.818   1.00 69.76  ? 465 PRO A N     1 
ATOM   727  C  CA    . PRO A 1 104 ? -0.788  -11.176 0.624   1.00 62.61  ? 465 PRO A CA    1 
ATOM   728  C  C     . PRO A 1 104 ? -1.293  -9.778  0.964   1.00 65.50  ? 465 PRO A C     1 
ATOM   729  O  O     . PRO A 1 104 ? -2.065  -9.614  1.909   1.00 64.42  ? 465 PRO A O     1 
ATOM   730  C  CB    . PRO A 1 104 ? -1.909  -12.019 0.003   1.00 65.21  ? 465 PRO A CB    1 
ATOM   731  C  CG    . PRO A 1 104 ? -1.698  -13.391 0.544   1.00 61.08  ? 465 PRO A CG    1 
ATOM   732  C  CD    . PRO A 1 104 ? -1.174  -13.196 1.929   1.00 64.19  ? 465 PRO A CD    1 
ATOM   733  N  N     . VAL A 1 105 ? -0.856  -8.782  0.198   1.00 69.15  ? 466 VAL A N     1 
ATOM   734  C  CA    . VAL A 1 105 ? -1.303  -7.408  0.395   1.00 60.60  ? 466 VAL A CA    1 
ATOM   735  C  C     . VAL A 1 105 ? -1.896  -6.847  -0.892  1.00 57.60  ? 466 VAL A C     1 
ATOM   736  O  O     . VAL A 1 105 ? -1.236  -6.827  -1.930  1.00 63.80  ? 466 VAL A O     1 
ATOM   737  C  CB    . VAL A 1 105 ? -0.151  -6.494  0.863   1.00 58.06  ? 466 VAL A CB    1 
ATOM   738  C  CG1   . VAL A 1 105 ? -0.649  -5.069  1.057   1.00 60.21  ? 466 VAL A CG1   1 
ATOM   739  C  CG2   . VAL A 1 105 ? 0.464   -7.025  2.147   1.00 53.19  ? 466 VAL A CG2   1 
ATOM   740  N  N     . ARG A 1 106 ? -3.144  -6.393  -0.820  1.00 56.67  ? 467 ARG A N     1 
ATOM   741  C  CA    . ARG A 1 106 ? -3.820  -5.829  -1.984  1.00 54.28  ? 467 ARG A CA    1 
ATOM   742  C  C     . ARG A 1 106 ? -3.204  -4.491  -2.381  1.00 58.34  ? 467 ARG A C     1 
ATOM   743  O  O     . ARG A 1 106 ? -2.784  -3.712  -1.528  1.00 59.68  ? 467 ARG A O     1 
ATOM   744  C  CB    . ARG A 1 106 ? -5.316  -5.661  -1.708  1.00 59.93  ? 467 ARG A CB    1 
ATOM   745  C  CG    . ARG A 1 106 ? -6.074  -6.976  -1.591  1.00 66.53  ? 467 ARG A CG    1 
ATOM   746  C  CD    . ARG A 1 106 ? -7.555  -6.749  -1.331  1.00 60.85  ? 467 ARG A CD    1 
ATOM   747  N  NE    . ARG A 1 106 ? -7.794  -6.111  -0.039  1.00 61.07  ? 467 ARG A NE    1 
ATOM   748  C  CZ    . ARG A 1 106 ? -7.905  -6.770  1.110   1.00 64.64  ? 467 ARG A CZ    1 
ATOM   749  N  NH1   . ARG A 1 106 ? -7.798  -8.091  1.133   1.00 62.24  ? 467 ARG A NH1   1 
ATOM   750  N  NH2   . ARG A 1 106 ? -8.123  -6.107  2.237   1.00 64.92  ? 467 ARG A NH2   1 
ATOM   751  N  N     . VAL A 1 107 ? -3.144  -4.233  -3.683  1.00 60.64  ? 468 VAL A N     1 
ATOM   752  C  CA    . VAL A 1 107 ? -2.577  -2.987  -4.185  1.00 52.69  ? 468 VAL A CA    1 
ATOM   753  C  C     . VAL A 1 107 ? -3.542  -2.283  -5.131  1.00 57.58  ? 468 VAL A C     1 
ATOM   754  O  O     . VAL A 1 107 ? -3.984  -2.856  -6.128  1.00 65.20  ? 468 VAL A O     1 
ATOM   755  C  CB    . VAL A 1 107 ? -1.234  -3.228  -4.904  1.00 48.93  ? 468 VAL A CB    1 
ATOM   756  C  CG1   . VAL A 1 107 ? -0.845  -2.019  -5.738  1.00 58.80  ? 468 VAL A CG1   1 
ATOM   757  C  CG2   . VAL A 1 107 ? -0.148  -3.552  -3.891  1.00 54.21  ? 468 VAL A CG2   1 
ATOM   758  N  N     . ILE A 1 108 ? -3.871  -1.039  -4.803  1.00 54.42  ? 469 ILE A N     1 
ATOM   759  C  CA    . ILE A 1 108 ? -4.772  -0.238  -5.621  1.00 56.23  ? 469 ILE A CA    1 
ATOM   760  C  C     . ILE A 1 108 ? -4.027  0.959   -6.196  1.00 58.93  ? 469 ILE A C     1 
ATOM   761  O  O     . ILE A 1 108 ? -3.558  1.823   -5.456  1.00 59.68  ? 469 ILE A O     1 
ATOM   762  C  CB    . ILE A 1 108 ? -5.995  0.257   -4.822  1.00 59.64  ? 469 ILE A CB    1 
ATOM   763  C  CG1   . ILE A 1 108 ? -6.817  -0.923  -4.293  1.00 64.43  ? 469 ILE A CG1   1 
ATOM   764  C  CG2   . ILE A 1 108 ? -6.861  1.164   -5.682  1.00 53.96  ? 469 ILE A CG2   1 
ATOM   765  C  CD1   . ILE A 1 108 ? -6.393  -1.413  -2.919  1.00 62.64  ? 469 ILE A CD1   1 
ATOM   766  N  N     . ARG A 1 109 ? -3.919  1.004   -7.518  1.00 61.02  ? 470 ARG A N     1 
ATOM   767  C  CA    . ARG A 1 109 ? -3.180  2.066   -8.187  1.00 61.90  ? 470 ARG A CA    1 
ATOM   768  C  C     . ARG A 1 109 ? -4.113  3.154   -8.710  1.00 60.80  ? 470 ARG A C     1 
ATOM   769  O  O     . ARG A 1 109 ? -5.169  2.863   -9.272  1.00 59.29  ? 470 ARG A O     1 
ATOM   770  C  CB    . ARG A 1 109 ? -2.345  1.490   -9.332  1.00 68.22  ? 470 ARG A CB    1 
ATOM   771  C  CG    . ARG A 1 109 ? -1.477  2.509   -10.050 1.00 73.81  ? 470 ARG A CG    1 
ATOM   772  C  CD    . ARG A 1 109 ? -0.463  1.824   -10.951 1.00 89.76  ? 470 ARG A CD    1 
ATOM   773  N  NE    . ARG A 1 109 ? -1.100  0.969   -11.947 1.00 87.28  ? 470 ARG A NE    1 
ATOM   774  C  CZ    . ARG A 1 109 ? -1.349  1.340   -13.199 1.00 95.66  ? 470 ARG A CZ    1 
ATOM   775  N  NH1   . ARG A 1 109 ? -1.011  2.554   -13.611 1.00 94.68  ? 470 ARG A NH1   1 
ATOM   776  N  NH2   . ARG A 1 109 ? -1.932  0.496   -14.040 1.00 90.97  ? 470 ARG A NH2   1 
ATOM   777  N  N     . GLY A 1 110 ? -3.718  4.407   -8.514  1.00 59.37  ? 471 GLY A N     1 
ATOM   778  C  CA    . GLY A 1 110 ? -4.488  5.534   -9.004  1.00 58.08  ? 471 GLY A CA    1 
ATOM   779  C  C     . GLY A 1 110 ? -4.144  5.868   -10.442 1.00 66.23  ? 471 GLY A C     1 
ATOM   780  O  O     . GLY A 1 110 ? -2.971  5.929   -10.809 1.00 67.36  ? 471 GLY A O     1 
ATOM   781  N  N     . ILE A 1 111 ? -5.170  6.080   -11.260 1.00 65.01  ? 472 ILE A N     1 
ATOM   782  C  CA    . ILE A 1 111 ? -4.966  6.407   -12.667 1.00 77.47  ? 472 ILE A CA    1 
ATOM   783  C  C     . ILE A 1 111 ? -5.365  7.850   -12.964 1.00 84.04  ? 472 ILE A C     1 
ATOM   784  O  O     . ILE A 1 111 ? -6.289  8.389   -12.354 1.00 81.36  ? 472 ILE A O     1 
ATOM   785  C  CB    . ILE A 1 111 ? -5.758  5.458   -13.587 1.00 77.35  ? 472 ILE A CB    1 
ATOM   786  C  CG1   . ILE A 1 111 ? -7.236  5.439   -13.194 1.00 76.96  ? 472 ILE A CG1   1 
ATOM   787  C  CG2   . ILE A 1 111 ? -5.179  4.054   -13.523 1.00 77.00  ? 472 ILE A CG2   1 
ATOM   788  C  CD1   . ILE A 1 111 ? -8.087  4.538   -14.062 1.00 80.06  ? 472 ILE A CD1   1 
ATOM   789  N  N     . LYS A 1 112 ? -4.655  8.471   -13.903 1.00 89.68  ? 473 LYS A N     1 
ATOM   790  C  CA    . LYS A 1 112 ? -4.901  9.863   -14.262 1.00 88.90  ? 473 LYS A CA    1 
ATOM   791  C  C     . LYS A 1 112 ? -6.270  10.043  -14.910 1.00 89.96  ? 473 LYS A C     1 
ATOM   792  O  O     . LYS A 1 112 ? -6.941  11.052  -14.692 1.00 87.58  ? 473 LYS A O     1 
ATOM   793  C  CB    . LYS A 1 112 ? -3.807  10.372  -15.202 1.00 87.58  ? 473 LYS A CB    1 
ATOM   794  N  N     . LYS A 1 123 ? -12.456 4.844   -13.104 1.00 79.96  ? 484 LYS A N     1 
ATOM   795  C  CA    . LYS A 1 123 ? -12.241 6.271   -13.309 1.00 81.78  ? 484 LYS A CA    1 
ATOM   796  C  C     . LYS A 1 123 ? -10.909 6.738   -12.736 1.00 81.82  ? 484 LYS A C     1 
ATOM   797  O  O     . LYS A 1 123 ? -10.097 7.333   -13.446 1.00 84.46  ? 484 LYS A O     1 
ATOM   798  C  CB    . LYS A 1 123 ? -13.381 7.079   -12.687 1.00 81.78  ? 484 LYS A CB    1 
ATOM   799  C  CG    . LYS A 1 123 ? -14.586 7.258   -13.595 1.00 81.53  ? 484 LYS A CG    1 
ATOM   800  C  CD    . LYS A 1 123 ? -14.197 8.010   -14.858 1.00 79.40  ? 484 LYS A CD    1 
ATOM   801  C  CE    . LYS A 1 123 ? -15.400 8.288   -15.746 1.00 78.83  ? 484 LYS A CE    1 
ATOM   802  N  NZ    . LYS A 1 123 ? -16.050 7.039   -16.228 1.00 84.38  ? 484 LYS A NZ    1 
ATOM   803  N  N     . ASN A 1 124 ? -10.688 6.459   -11.452 1.00 78.93  ? 485 ASN A N     1 
ATOM   804  C  CA    . ASN A 1 124 ? -9.524  6.975   -10.737 1.00 77.02  ? 485 ASN A CA    1 
ATOM   805  C  C     . ASN A 1 124 ? -8.702  5.906   -10.011 1.00 69.54  ? 485 ASN A C     1 
ATOM   806  O  O     . ASN A 1 124 ? -7.568  6.164   -9.610  1.00 71.60  ? 485 ASN A O     1 
ATOM   807  C  CB    . ASN A 1 124 ? -9.965  8.028   -9.721  1.00 72.88  ? 485 ASN A CB    1 
ATOM   808  C  CG    . ASN A 1 124 ? -10.730 9.169   -10.358 1.00 74.36  ? 485 ASN A CG    1 
ATOM   809  O  OD1   . ASN A 1 124 ? -10.143 10.070  -10.955 1.00 80.64  ? 485 ASN A OD1   1 
ATOM   810  N  ND2   . ASN A 1 124 ? -12.051 9.136   -10.230 1.00 76.73  ? 485 ASN A ND2   1 
ATOM   811  N  N     . TYR A 1 125 ? -9.276  4.722   -9.821  1.00 62.90  ? 486 TYR A N     1 
ATOM   812  C  CA    . TYR A 1 125 ? -8.574  3.653   -9.113  1.00 65.42  ? 486 TYR A CA    1 
ATOM   813  C  C     . TYR A 1 125 ? -8.712  2.304   -9.815  1.00 69.64  ? 486 TYR A C     1 
ATOM   814  O  O     . TYR A 1 125 ? -9.756  1.993   -10.383 1.00 73.58  ? 486 TYR A O     1 
ATOM   815  C  CB    . TYR A 1 125 ? -9.085  3.542   -7.675  1.00 63.99  ? 486 TYR A CB    1 
ATOM   816  C  CG    . TYR A 1 125 ? -8.820  4.775   -6.845  1.00 64.18  ? 486 TYR A CG    1 
ATOM   817  C  CD1   . TYR A 1 125 ? -7.589  4.973   -6.232  1.00 57.27  ? 486 TYR A CD1   1 
ATOM   818  C  CD2   . TYR A 1 125 ? -9.798  5.746   -6.680  1.00 63.53  ? 486 TYR A CD2   1 
ATOM   819  C  CE1   . TYR A 1 125 ? -7.342  6.102   -5.475  1.00 60.20  ? 486 TYR A CE1   1 
ATOM   820  C  CE2   . TYR A 1 125 ? -9.561  6.878   -5.926  1.00 64.80  ? 486 TYR A CE2   1 
ATOM   821  C  CZ    . TYR A 1 125 ? -8.331  7.052   -5.325  1.00 63.65  ? 486 TYR A CZ    1 
ATOM   822  O  OH    . TYR A 1 125 ? -8.092  8.178   -4.573  1.00 57.60  ? 486 TYR A OH    1 
ATOM   823  N  N     . VAL A 1 126 ? -7.641  1.514   -9.775  1.00 66.93  ? 487 VAL A N     1 
ATOM   824  C  CA    . VAL A 1 126 ? -7.630  0.177   -10.366 1.00 62.67  ? 487 VAL A CA    1 
ATOM   825  C  C     . VAL A 1 126 ? -7.006  -0.840  -9.412  1.00 63.73  ? 487 VAL A C     1 
ATOM   826  O  O     . VAL A 1 126 ? -5.970  -0.576  -8.802  1.00 62.40  ? 487 VAL A O     1 
ATOM   827  C  CB    . VAL A 1 126 ? -6.848  0.142   -11.702 1.00 65.98  ? 487 VAL A CB    1 
ATOM   828  C  CG1   . VAL A 1 126 ? -6.908  -1.250  -12.321 1.00 65.33  ? 487 VAL A CG1   1 
ATOM   829  C  CG2   . VAL A 1 126 ? -7.390  1.174   -12.676 1.00 74.14  ? 487 VAL A CG2   1 
ATOM   830  N  N     . TYR A 1 127 ? -7.639  -2.002  -9.287  1.00 66.90  ? 488 TYR A N     1 
ATOM   831  C  CA    . TYR A 1 127 ? -7.087  -3.097  -8.496  1.00 64.53  ? 488 TYR A CA    1 
ATOM   832  C  C     . TYR A 1 127 ? -6.073  -3.888  -9.317  1.00 67.25  ? 488 TYR A C     1 
ATOM   833  O  O     . TYR A 1 127 ? -6.414  -4.458  -10.354 1.00 69.36  ? 488 TYR A O     1 
ATOM   834  C  CB    . TYR A 1 127 ? -8.208  -4.011  -8.000  1.00 56.99  ? 488 TYR A CB    1 
ATOM   835  C  CG    . TYR A 1 127 ? -7.734  -5.234  -7.251  1.00 59.25  ? 488 TYR A CG    1 
ATOM   836  C  CD1   . TYR A 1 127 ? -7.061  -5.117  -6.042  1.00 61.24  ? 488 TYR A CD1   1 
ATOM   837  C  CD2   . TYR A 1 127 ? -7.976  -6.508  -7.745  1.00 65.21  ? 488 TYR A CD2   1 
ATOM   838  C  CE1   . TYR A 1 127 ? -6.631  -6.237  -5.353  1.00 60.46  ? 488 TYR A CE1   1 
ATOM   839  C  CE2   . TYR A 1 127 ? -7.552  -7.632  -7.065  1.00 58.89  ? 488 TYR A CE2   1 
ATOM   840  C  CZ    . TYR A 1 127 ? -6.881  -7.492  -5.869  1.00 54.38  ? 488 TYR A CZ    1 
ATOM   841  O  OH    . TYR A 1 127 ? -6.457  -8.608  -5.188  1.00 60.17  ? 488 TYR A OH    1 
ATOM   842  N  N     . ASP A 1 128 ? -4.826  -3.927  -8.855  1.00 67.43  ? 489 ASP A N     1 
ATOM   843  C  CA    . ASP A 1 128 ? -3.772  -4.567  -9.631  1.00 65.10  ? 489 ASP A CA    1 
ATOM   844  C  C     . ASP A 1 128 ? -3.379  -5.941  -9.109  1.00 65.95  ? 489 ASP A C     1 
ATOM   845  O  O     . ASP A 1 128 ? -2.500  -6.589  -9.676  1.00 71.91  ? 489 ASP A O     1 
ATOM   846  C  CB    . ASP A 1 128 ? -2.534  -3.679  -9.688  1.00 61.34  ? 489 ASP A CB    1 
ATOM   847  C  CG    . ASP A 1 128 ? -2.761  -2.427  -10.515 1.00 76.90  ? 489 ASP A CG    1 
ATOM   848  O  OD1   . ASP A 1 128 ? -3.821  -2.321  -11.161 1.00 77.55  ? 489 ASP A OD1   1 
ATOM   849  O  OD2   . ASP A 1 128 ? -1.888  -1.540  -10.539 1.00 86.83  ? 489 ASP A OD2   1 
ATOM   850  N  N     . GLY A 1 129 ? -4.037  -6.391  -8.044  1.00 59.84  ? 490 GLY A N     1 
ATOM   851  C  CA    . GLY A 1 129 ? -3.817  -7.735  -7.533  1.00 58.66  ? 490 GLY A CA    1 
ATOM   852  C  C     . GLY A 1 129 ? -3.088  -7.827  -6.205  1.00 56.91  ? 490 GLY A C     1 
ATOM   853  O  O     . GLY A 1 129 ? -2.995  -6.850  -5.465  1.00 60.80  ? 490 GLY A O     1 
ATOM   854  N  N     . LEU A 1 130 ? -2.570  -9.015  -5.903  1.00 60.01  ? 491 LEU A N     1 
ATOM   855  C  CA    . LEU A 1 130 ? -1.909  -9.271  -4.624  1.00 54.70  ? 491 LEU A CA    1 
ATOM   856  C  C     . LEU A 1 130 ? -0.388  -9.130  -4.702  1.00 58.17  ? 491 LEU A C     1 
ATOM   857  O  O     . LEU A 1 130 ? 0.232   -9.511  -5.694  1.00 52.52  ? 491 LEU A O     1 
ATOM   858  C  CB    . LEU A 1 130 ? -2.262  -10.670 -4.112  1.00 61.77  ? 491 LEU A CB    1 
ATOM   859  C  CG    . LEU A 1 130 ? -3.734  -10.953 -3.810  1.00 69.27  ? 491 LEU A CG    1 
ATOM   860  C  CD1   . LEU A 1 130 ? -3.903  -12.360 -3.258  1.00 67.99  ? 491 LEU A CD1   1 
ATOM   861  C  CD2   . LEU A 1 130 ? -4.292  -9.927  -2.836  1.00 65.35  ? 491 LEU A CD2   1 
ATOM   862  N  N     . TYR A 1 131 ? 0.202   -8.582  -3.644  1.00 62.52  ? 492 TYR A N     1 
ATOM   863  C  CA    . TYR A 1 131 ? 1.647   -8.394  -3.569  1.00 57.87  ? 492 TYR A CA    1 
ATOM   864  C  C     . TYR A 1 131 ? 2.202   -8.948  -2.260  1.00 56.46  ? 492 TYR A C     1 
ATOM   865  O  O     . TYR A 1 131 ? 1.457   -9.174  -1.306  1.00 56.40  ? 492 TYR A O     1 
ATOM   866  C  CB    . TYR A 1 131 ? 2.009   -6.909  -3.693  1.00 51.85  ? 492 TYR A CB    1 
ATOM   867  C  CG    . TYR A 1 131 ? 1.941   -6.342  -5.098  1.00 56.34  ? 492 TYR A CG    1 
ATOM   868  C  CD1   . TYR A 1 131 ? 3.079   -5.844  -5.719  1.00 56.76  ? 492 TYR A CD1   1 
ATOM   869  C  CD2   . TYR A 1 131 ? 0.741   -6.295  -5.795  1.00 54.73  ? 492 TYR A CD2   1 
ATOM   870  C  CE1   . TYR A 1 131 ? 3.024   -5.318  -6.997  1.00 50.20  ? 492 TYR A CE1   1 
ATOM   871  C  CE2   . TYR A 1 131 ? 0.678   -5.773  -7.073  1.00 52.11  ? 492 TYR A CE2   1 
ATOM   872  C  CZ    . TYR A 1 131 ? 1.821   -5.287  -7.669  1.00 50.75  ? 492 TYR A CZ    1 
ATOM   873  O  OH    . TYR A 1 131 ? 1.763   -4.765  -8.940  1.00 60.99  ? 492 TYR A OH    1 
ATOM   874  N  N     . LEU A 1 132 ? 3.512   -9.166  -2.220  1.00 60.28  ? 493 LEU A N     1 
ATOM   875  C  CA    . LEU A 1 132 ? 4.190   -9.557  -0.990  1.00 55.85  ? 493 LEU A CA    1 
ATOM   876  C  C     . LEU A 1 132 ? 5.238   -8.518  -0.612  1.00 60.11  ? 493 LEU A C     1 
ATOM   877  O  O     . LEU A 1 132 ? 6.021   -8.082  -1.455  1.00 58.27  ? 493 LEU A O     1 
ATOM   878  C  CB    . LEU A 1 132 ? 4.844   -10.933 -1.134  1.00 57.78  ? 493 LEU A CB    1 
ATOM   879  C  CG    . LEU A 1 132 ? 3.932   -12.161 -1.171  1.00 64.78  ? 493 LEU A CG    1 
ATOM   880  C  CD1   . LEU A 1 132 ? 4.755   -13.428 -1.346  1.00 61.32  ? 493 LEU A CD1   1 
ATOM   881  C  CD2   . LEU A 1 132 ? 3.085   -12.241 0.090   1.00 58.67  ? 493 LEU A CD2   1 
ATOM   882  N  N     . VAL A 1 133 ? 5.246   -8.118  0.655   1.00 57.70  ? 494 VAL A N     1 
ATOM   883  C  CA    . VAL A 1 133 ? 6.233   -7.164  1.142   1.00 56.12  ? 494 VAL A CA    1 
ATOM   884  C  C     . VAL A 1 133 ? 7.559   -7.875  1.383   1.00 57.91  ? 494 VAL A C     1 
ATOM   885  O  O     . VAL A 1 133 ? 7.728   -8.561  2.390   1.00 62.67  ? 494 VAL A O     1 
ATOM   886  C  CB    . VAL A 1 133 ? 5.773   -6.477  2.439   1.00 54.49  ? 494 VAL A CB    1 
ATOM   887  C  CG1   . VAL A 1 133 ? 6.625   -5.250  2.715   1.00 57.43  ? 494 VAL A CG1   1 
ATOM   888  C  CG2   . VAL A 1 133 ? 4.308   -6.091  2.341   1.00 53.02  ? 494 VAL A CG2   1 
ATOM   889  N  N     . GLU A 1 134 ? 8.495   -7.715  0.454   1.00 59.10  ? 495 GLU A N     1 
ATOM   890  C  CA    . GLU A 1 134 ? 9.763   -8.430  0.530   1.00 58.90  ? 495 GLU A CA    1 
ATOM   891  C  C     . GLU A 1 134 ? 10.706  -7.834  1.572   1.00 62.80  ? 495 GLU A C     1 
ATOM   892  O  O     . GLU A 1 134 ? 11.379  -8.574  2.292   1.00 69.12  ? 495 GLU A O     1 
ATOM   893  C  CB    . GLU A 1 134 ? 10.442  -8.459  -0.841  1.00 63.75  ? 495 GLU A CB    1 
ATOM   894  C  CG    . GLU A 1 134 ? 9.686   -9.282  -1.874  1.00 62.71  ? 495 GLU A CG    1 
ATOM   895  C  CD    . GLU A 1 134 ? 10.559  -9.711  -3.035  1.00 72.59  ? 495 GLU A CD    1 
ATOM   896  O  OE1   . GLU A 1 134 ? 11.656  -9.140  -3.204  1.00 74.30  ? 495 GLU A OE1   1 
ATOM   897  O  OE2   . GLU A 1 134 ? 10.149  -10.628 -3.777  1.00 74.81  ? 495 GLU A OE2   1 
ATOM   898  N  N     . GLU A 1 135 ? 10.752  -6.507  1.656   1.00 61.34  ? 496 GLU A N     1 
ATOM   899  C  CA    . GLU A 1 135 ? 11.601  -5.840  2.641   1.00 64.89  ? 496 GLU A CA    1 
ATOM   900  C  C     . GLU A 1 135 ? 11.277  -4.357  2.810   1.00 61.36  ? 496 GLU A C     1 
ATOM   901  O  O     . GLU A 1 135 ? 10.342  -3.835  2.205   1.00 61.29  ? 496 GLU A O     1 
ATOM   902  C  CB    . GLU A 1 135 ? 13.073  -5.990  2.262   1.00 70.46  ? 496 GLU A CB    1 
ATOM   903  C  CG    . GLU A 1 135 ? 13.436  -5.321  0.955   1.00 64.78  ? 496 GLU A CG    1 
ATOM   904  C  CD    . GLU A 1 135 ? 14.918  -5.392  0.673   1.00 77.08  ? 496 GLU A CD    1 
ATOM   905  O  OE1   . GLU A 1 135 ? 15.426  -6.509  0.443   1.00 80.00  ? 496 GLU A OE1   1 
ATOM   906  O  OE2   . GLU A 1 135 ? 15.573  -4.328  0.687   1.00 75.79  ? 496 GLU A OE2   1 
ATOM   907  N  N     . TYR A 1 136 ? 12.075  -3.691  3.641   1.00 64.02  ? 497 TYR A N     1 
ATOM   908  C  CA    . TYR A 1 136 ? 11.926  -2.264  3.896   1.00 62.92  ? 497 TYR A CA    1 
ATOM   909  C  C     . TYR A 1 136 ? 13.256  -1.669  4.346   1.00 58.38  ? 497 TYR A C     1 
ATOM   910  O  O     . TYR A 1 136 ? 14.150  -2.397  4.777   1.00 65.14  ? 497 TYR A O     1 
ATOM   911  C  CB    . TYR A 1 136 ? 10.856  -2.012  4.959   1.00 61.07  ? 497 TYR A CB    1 
ATOM   912  C  CG    . TYR A 1 136 ? 11.389  -2.075  6.373   1.00 70.51  ? 497 TYR A CG    1 
ATOM   913  C  CD1   . TYR A 1 136 ? 11.576  -0.918  7.118   1.00 68.27  ? 497 TYR A CD1   1 
ATOM   914  C  CD2   . TYR A 1 136 ? 11.718  -3.291  6.959   1.00 70.84  ? 497 TYR A CD2   1 
ATOM   915  C  CE1   . TYR A 1 136 ? 12.067  -0.969  8.408   1.00 70.13  ? 497 TYR A CE1   1 
ATOM   916  C  CE2   . TYR A 1 136 ? 12.211  -3.352  8.249   1.00 70.65  ? 497 TYR A CE2   1 
ATOM   917  C  CZ    . TYR A 1 136 ? 12.383  -2.189  8.969   1.00 75.16  ? 497 TYR A CZ    1 
ATOM   918  O  OH    . TYR A 1 136 ? 12.874  -2.246  10.254  1.00 76.85  ? 497 TYR A OH    1 
ATOM   919  N  N     . TRP A 1 137 ? 13.384  -0.349  4.253   1.00 58.72  ? 498 TRP A N     1 
ATOM   920  C  CA    . TRP A 1 137 ? 14.585  0.333   4.728   1.00 62.52  ? 498 TRP A CA    1 
ATOM   921  C  C     . TRP A 1 137 ? 14.329  1.816   4.987   1.00 58.31  ? 498 TRP A C     1 
ATOM   922  O  O     . TRP A 1 137 ? 13.259  2.336   4.670   1.00 58.76  ? 498 TRP A O     1 
ATOM   923  C  CB    . TRP A 1 137 ? 15.733  0.167   3.728   1.00 60.83  ? 498 TRP A CB    1 
ATOM   924  C  CG    . TRP A 1 137 ? 15.520  0.874   2.426   1.00 57.42  ? 498 TRP A CG    1 
ATOM   925  C  CD1   . TRP A 1 137 ? 15.857  2.162   2.128   1.00 59.85  ? 498 TRP A CD1   1 
ATOM   926  C  CD2   . TRP A 1 137 ? 14.930  0.330   1.238   1.00 61.36  ? 498 TRP A CD2   1 
ATOM   927  N  NE1   . TRP A 1 137 ? 15.509  2.455   0.832   1.00 61.07  ? 498 TRP A NE1   1 
ATOM   928  C  CE2   . TRP A 1 137 ? 14.939  1.346   0.265   1.00 58.20  ? 498 TRP A CE2   1 
ATOM   929  C  CE3   . TRP A 1 137 ? 14.394  -0.918  0.906   1.00 65.95  ? 498 TRP A CE3   1 
ATOM   930  C  CZ2   . TRP A 1 137 ? 14.433  1.155   -1.020  1.00 56.94  ? 498 TRP A CZ2   1 
ATOM   931  C  CZ3   . TRP A 1 137 ? 13.891  -1.106  -0.369  1.00 64.77  ? 498 TRP A CZ3   1 
ATOM   932  C  CH2   . TRP A 1 137 ? 13.914  -0.074  -1.316  1.00 57.34  ? 498 TRP A CH2   1 
ATOM   933  N  N     . GLU A 1 138 ? 15.318  2.488   5.565   1.00 63.59  ? 499 GLU A N     1 
ATOM   934  C  CA    . GLU A 1 138 ? 15.204  3.907   5.881   1.00 63.98  ? 499 GLU A CA    1 
ATOM   935  C  C     . GLU A 1 138 ? 15.954  4.777   4.879   1.00 64.48  ? 499 GLU A C     1 
ATOM   936  O  O     . GLU A 1 138 ? 17.136  4.559   4.617   1.00 62.33  ? 499 GLU A O     1 
ATOM   937  C  CB    . GLU A 1 138 ? 15.731  4.190   7.291   1.00 72.00  ? 499 GLU A CB    1 
ATOM   938  C  CG    . GLU A 1 138 ? 14.929  3.556   8.415   1.00 77.79  ? 499 GLU A CG    1 
ATOM   939  C  CD    . GLU A 1 138 ? 15.482  3.906   9.783   1.00 91.45  ? 499 GLU A CD    1 
ATOM   940  O  OE1   . GLU A 1 138 ? 16.439  4.706   9.851   1.00 91.35  ? 499 GLU A OE1   1 
ATOM   941  O  OE2   . GLU A 1 138 ? 14.961  3.384   10.792  1.00 99.82  ? 499 GLU A OE2   1 
ATOM   942  N  N     . GLU A 1 139 ? 15.260  5.764   4.322   1.00 68.63  ? 500 GLU A N     1 
ATOM   943  C  CA    . GLU A 1 139 ? 15.900  6.769   3.483   1.00 66.92  ? 500 GLU A CA    1 
ATOM   944  C  C     . GLU A 1 139 ? 15.903  8.118   4.190   1.00 66.82  ? 500 GLU A C     1 
ATOM   945  O  O     . GLU A 1 139 ? 15.019  8.409   4.994   1.00 71.48  ? 500 GLU A O     1 
ATOM   946  C  CB    . GLU A 1 139 ? 15.198  6.892   2.128   1.00 62.86  ? 500 GLU A CB    1 
ATOM   947  C  CG    . GLU A 1 139 ? 15.466  5.745   1.169   1.00 61.44  ? 500 GLU A CG    1 
ATOM   948  C  CD    . GLU A 1 139 ? 15.079  6.083   -0.260  1.00 58.58  ? 500 GLU A CD    1 
ATOM   949  O  OE1   . GLU A 1 139 ? 14.713  7.249   -0.519  1.00 55.16  ? 500 GLU A OE1   1 
ATOM   950  O  OE2   . GLU A 1 139 ? 15.145  5.184   -1.125  1.00 67.02  ? 500 GLU A OE2   1 
ATOM   951  N  N     . THR A 1 140 ? 16.905  8.935   3.889   1.00 68.91  ? 501 THR A N     1 
ATOM   952  C  CA    . THR A 1 140 ? 16.996  10.276  4.454   1.00 71.06  ? 501 THR A CA    1 
ATOM   953  C  C     . THR A 1 140 ? 16.947  11.315  3.341   1.00 76.27  ? 501 THR A C     1 
ATOM   954  O  O     . THR A 1 140 ? 17.967  11.628  2.728   1.00 78.31  ? 501 THR A O     1 
ATOM   955  C  CB    . THR A 1 140 ? 18.288  10.464  5.273   1.00 72.59  ? 501 THR A CB    1 
ATOM   956  O  OG1   . THR A 1 140 ? 19.404  10.610  4.386   1.00 79.84  ? 501 THR A OG1   1 
ATOM   957  C  CG2   . THR A 1 140 ? 18.522  9.272   6.190   1.00 63.15  ? 501 THR A CG2   1 
ATOM   958  N  N     . GLY A 1 141 ? 15.755  11.845  3.083   1.00 80.18  ? 502 GLY A N     1 
ATOM   959  C  CA    . GLY A 1 141 ? 15.563  12.807  2.013   1.00 87.71  ? 502 GLY A CA    1 
ATOM   960  C  C     . GLY A 1 141 ? 16.232  14.144  2.269   1.00 93.60  ? 502 GLY A C     1 
ATOM   961  O  O     . GLY A 1 141 ? 16.966  14.310  3.243   1.00 88.36  ? 502 GLY A O     1 
ATOM   962  N  N     . SER A 1 142 ? 15.973  15.106  1.387   1.00 94.50  ? 503 SER A N     1 
ATOM   963  C  CA    . SER A 1 142 ? 16.541  16.437  1.509   1.00 100.48 ? 503 SER A CA    1 
ATOM   964  C  C     . SER A 1 142 ? 16.029  17.175  2.731   1.00 103.50 ? 503 SER A C     1 
ATOM   965  O  O     . SER A 1 142 ? 16.609  18.178  3.154   1.00 99.58  ? 503 SER A O     1 
ATOM   966  N  N     . HIS A 1 143 ? 14.933  16.675  3.295   1.00 103.75 ? 504 HIS A N     1 
ATOM   967  C  CA    . HIS A 1 143 ? 14.361  17.227  4.517   1.00 98.81  ? 504 HIS A CA    1 
ATOM   968  C  C     . HIS A 1 143 ? 15.367  17.151  5.659   1.00 97.31  ? 504 HIS A C     1 
ATOM   969  O  O     . HIS A 1 143 ? 15.496  18.081  6.457   1.00 101.80 ? 504 HIS A O     1 
ATOM   970  C  CB    . HIS A 1 143 ? 13.089  16.471  4.907   1.00 96.30  ? 504 HIS A CB    1 
ATOM   971  C  CG    . HIS A 1 143 ? 12.292  15.978  3.740   1.00 101.99 ? 504 HIS A CG    1 
ATOM   972  N  ND1   . HIS A 1 143 ? 11.883  14.668  3.619   1.00 100.96 ? 504 HIS A ND1   1 
ATOM   973  C  CD2   . HIS A 1 143 ? 11.824  16.621  2.643   1.00 101.11 ? 504 HIS A CD2   1 
ATOM   974  C  CE1   . HIS A 1 143 ? 11.203  14.521  2.497   1.00 104.20 ? 504 HIS A CE1   1 
ATOM   975  N  NE2   . HIS A 1 143 ? 11.151  15.691  1.886   1.00 106.93 ? 504 HIS A NE2   1 
ATOM   976  N  N     . GLY A 1 144 ? 16.077  16.030  5.718   1.00 95.02  ? 505 GLY A N     1 
ATOM   977  C  CA    . GLY A 1 144 ? 16.953  15.726  6.832   1.00 88.49  ? 505 GLY A CA    1 
ATOM   978  C  C     . GLY A 1 144 ? 16.247  14.751  7.752   1.00 80.19  ? 505 GLY A C     1 
ATOM   979  O  O     . GLY A 1 144 ? 16.694  14.484  8.867   1.00 80.48  ? 505 GLY A O     1 
ATOM   980  N  N     . LYS A 1 145 ? 15.133  14.213  7.266   1.00 83.99  ? 506 LYS A N     1 
ATOM   981  C  CA    . LYS A 1 145 ? 14.285  13.337  8.062   1.00 78.09  ? 506 LYS A CA    1 
ATOM   982  C  C     . LYS A 1 145 ? 14.136  11.959  7.426   1.00 72.76  ? 506 LYS A C     1 
ATOM   983  O  O     . LYS A 1 145 ? 14.313  11.798  6.218   1.00 77.19  ? 506 LYS A O     1 
ATOM   984  C  CB    . LYS A 1 145 ? 12.908  13.974  8.259   1.00 75.99  ? 506 LYS A CB    1 
ATOM   985  C  CG    . LYS A 1 145 ? 12.956  15.342  8.920   1.00 79.77  ? 506 LYS A CG    1 
ATOM   986  C  CD    . LYS A 1 145 ? 13.691  15.279  10.248  1.00 70.24  ? 506 LYS A CD    1 
ATOM   987  C  CE    . LYS A 1 145 ? 13.826  16.653  10.877  1.00 72.88  ? 506 LYS A CE    1 
ATOM   988  N  NZ    . LYS A 1 145 ? 14.552  16.591  12.176  1.00 79.27  ? 506 LYS A NZ    1 
ATOM   989  N  N     . LEU A 1 146 ? 13.807  10.971  8.249   1.00 70.16  ? 507 LEU A N     1 
ATOM   990  C  CA    . LEU A 1 146 ? 13.669  9.596   7.787   1.00 67.17  ? 507 LEU A CA    1 
ATOM   991  C  C     . LEU A 1 146 ? 12.346  9.349   7.074   1.00 69.31  ? 507 LEU A C     1 
ATOM   992  O  O     . LEU A 1 146 ? 11.288  9.779   7.535   1.00 65.89  ? 507 LEU A O     1 
ATOM   993  C  CB    . LEU A 1 146 ? 13.800  8.623   8.961   1.00 72.68  ? 507 LEU A CB    1 
ATOM   994  C  CG    . LEU A 1 146 ? 15.159  8.509   9.650   1.00 77.97  ? 507 LEU A CG    1 
ATOM   995  C  CD1   . LEU A 1 146 ? 15.058  7.598   10.862  1.00 78.37  ? 507 LEU A CD1   1 
ATOM   996  C  CD2   . LEU A 1 146 ? 16.205  7.991   8.680   1.00 74.30  ? 507 LEU A CD2   1 
ATOM   997  N  N     . VAL A 1 147 ? 12.417  8.654   5.944   1.00 65.56  ? 508 VAL A N     1 
ATOM   998  C  CA    . VAL A 1 147 ? 11.227  8.148   5.275   1.00 60.68  ? 508 VAL A CA    1 
ATOM   999  C  C     . VAL A 1 147 ? 11.391  6.648   5.059   1.00 56.25  ? 508 VAL A C     1 
ATOM   1000 O  O     . VAL A 1 147 ? 12.507  6.155   4.894   1.00 59.70  ? 508 VAL A O     1 
ATOM   1001 C  CB    . VAL A 1 147 ? 10.968  8.852   3.926   1.00 60.15  ? 508 VAL A CB    1 
ATOM   1002 C  CG1   . VAL A 1 147 ? 10.656  10.325  4.145   1.00 70.40  ? 508 VAL A CG1   1 
ATOM   1003 C  CG2   . VAL A 1 147 ? 12.156  8.686   2.993   1.00 69.04  ? 508 VAL A CG2   1 
ATOM   1004 N  N     . PHE A 1 148 ? 10.281  5.920   5.077   1.00 56.72  ? 509 PHE A N     1 
ATOM   1005 C  CA    . PHE A 1 148 ? 10.332  4.477   4.891   1.00 57.53  ? 509 PHE A CA    1 
ATOM   1006 C  C     . PHE A 1 148 ? 10.045  4.095   3.446   1.00 53.28  ? 509 PHE A C     1 
ATOM   1007 O  O     . PHE A 1 148 ? 9.216   4.714   2.779   1.00 51.41  ? 509 PHE A O     1 
ATOM   1008 C  CB    . PHE A 1 148 ? 9.345   3.776   5.825   1.00 60.51  ? 509 PHE A CB    1 
ATOM   1009 C  CG    . PHE A 1 148 ? 9.750   3.810   7.271   1.00 69.59  ? 509 PHE A CG    1 
ATOM   1010 C  CD1   . PHE A 1 148 ? 10.815  3.048   7.723   1.00 68.37  ? 509 PHE A CD1   1 
ATOM   1011 C  CD2   . PHE A 1 148 ? 9.066   4.602   8.178   1.00 64.98  ? 509 PHE A CD2   1 
ATOM   1012 C  CE1   . PHE A 1 148 ? 11.191  3.076   9.051   1.00 75.35  ? 509 PHE A CE1   1 
ATOM   1013 C  CE2   . PHE A 1 148 ? 9.437   4.634   9.508   1.00 67.73  ? 509 PHE A CE2   1 
ATOM   1014 C  CZ    . PHE A 1 148 ? 10.501  3.870   9.945   1.00 74.41  ? 509 PHE A CZ    1 
ATOM   1015 N  N     . LYS A 1 149 ? 10.747  3.073   2.967   1.00 54.72  ? 510 LYS A N     1 
ATOM   1016 C  CA    . LYS A 1 149 ? 10.537  2.551   1.625   1.00 54.52  ? 510 LYS A CA    1 
ATOM   1017 C  C     . LYS A 1 149 ? 10.220  1.065   1.690   1.00 49.73  ? 510 LYS A C     1 
ATOM   1018 O  O     . LYS A 1 149 ? 10.991  0.285   2.246   1.00 52.33  ? 510 LYS A O     1 
ATOM   1019 C  CB    . LYS A 1 149 ? 11.767  2.793   0.749   1.00 57.26  ? 510 LYS A CB    1 
ATOM   1020 C  CG    . LYS A 1 149 ? 12.094  4.258   0.524   1.00 53.72  ? 510 LYS A CG    1 
ATOM   1021 C  CD    . LYS A 1 149 ? 11.006  4.950   -0.279  1.00 51.87  ? 510 LYS A CD    1 
ATOM   1022 C  CE    . LYS A 1 149 ? 11.313  6.427   -0.463  1.00 51.44  ? 510 LYS A CE    1 
ATOM   1023 N  NZ    . LYS A 1 149 ? 10.290  7.103   -1.306  1.00 55.47  ? 510 LYS A NZ    1 
ATOM   1024 N  N     . PHE A 1 150 ? 9.084   0.675   1.124   1.00 55.34  ? 511 PHE A N     1 
ATOM   1025 C  CA    . PHE A 1 150 ? 8.666   -0.720  1.155   1.00 57.34  ? 511 PHE A CA    1 
ATOM   1026 C  C     . PHE A 1 150 ? 8.735   -1.359  -0.227  1.00 50.19  ? 511 PHE A C     1 
ATOM   1027 O  O     . PHE A 1 150 ? 8.072   -0.915  -1.165  1.00 51.18  ? 511 PHE A O     1 
ATOM   1028 C  CB    . PHE A 1 150 ? 7.252   -0.838  1.726   1.00 54.78  ? 511 PHE A CB    1 
ATOM   1029 C  CG    . PHE A 1 150 ? 7.137   -0.383  3.152   1.00 52.27  ? 511 PHE A CG    1 
ATOM   1030 C  CD1   . PHE A 1 150 ? 7.364   -1.266  4.194   1.00 53.93  ? 511 PHE A CD1   1 
ATOM   1031 C  CD2   . PHE A 1 150 ? 6.802   0.927   3.450   1.00 47.20  ? 511 PHE A CD2   1 
ATOM   1032 C  CE1   . PHE A 1 150 ? 7.262   -0.851  5.510   1.00 62.54  ? 511 PHE A CE1   1 
ATOM   1033 C  CE2   . PHE A 1 150 ? 6.697   1.349   4.763   1.00 57.92  ? 511 PHE A CE2   1 
ATOM   1034 C  CZ    . PHE A 1 150 ? 6.926   0.459   5.794   1.00 55.18  ? 511 PHE A CZ    1 
ATOM   1035 N  N     . LYS A 1 151 ? 9.547   -2.403  -0.342  1.00 53.76  ? 512 LYS A N     1 
ATOM   1036 C  CA    . LYS A 1 151 ? 9.710   -3.125  -1.597  1.00 55.14  ? 512 LYS A CA    1 
ATOM   1037 C  C     . LYS A 1 151 ? 8.720   -4.279  -1.699  1.00 55.03  ? 512 LYS A C     1 
ATOM   1038 O  O     . LYS A 1 151 ? 8.840   -5.275  -0.987  1.00 57.15  ? 512 LYS A O     1 
ATOM   1039 C  CB    . LYS A 1 151 ? 11.141  -3.651  -1.727  1.00 57.59  ? 512 LYS A CB    1 
ATOM   1040 C  CG    . LYS A 1 151 ? 11.372  -4.541  -2.936  1.00 61.72  ? 512 LYS A CG    1 
ATOM   1041 C  CD    . LYS A 1 151 ? 12.742  -5.200  -2.872  1.00 69.24  ? 512 LYS A CD    1 
ATOM   1042 C  CE    . LYS A 1 151 ? 12.893  -6.270  -3.939  1.00 66.83  ? 512 LYS A CE    1 
ATOM   1043 N  NZ    . LYS A 1 151 ? 13.905  -7.296  -3.561  1.00 71.74  ? 512 LYS A NZ    1 
ATOM   1044 N  N     . LEU A 1 152 ? 7.742   -4.140  -2.588  1.00 50.54  ? 513 LEU A N     1 
ATOM   1045 C  CA    . LEU A 1 152 ? 6.731   -5.174  -2.773  1.00 57.82  ? 513 LEU A CA    1 
ATOM   1046 C  C     . LEU A 1 152 ? 6.856   -5.836  -4.140  1.00 58.98  ? 513 LEU A C     1 
ATOM   1047 O  O     . LEU A 1 152 ? 7.117   -5.167  -5.140  1.00 52.78  ? 513 LEU A O     1 
ATOM   1048 C  CB    . LEU A 1 152 ? 5.322   -4.595  -2.605  1.00 50.32  ? 513 LEU A CB    1 
ATOM   1049 C  CG    . LEU A 1 152 ? 4.855   -4.196  -1.201  1.00 52.62  ? 513 LEU A CG    1 
ATOM   1050 C  CD1   . LEU A 1 152 ? 5.409   -2.840  -0.787  1.00 51.96  ? 513 LEU A CD1   1 
ATOM   1051 C  CD2   . LEU A 1 152 ? 3.335   -4.203  -1.126  1.00 52.18  ? 513 LEU A CD2   1 
ATOM   1052 N  N     . ARG A 1 153 ? 6.669   -7.151  -4.179  1.00 61.98  ? 514 ARG A N     1 
ATOM   1053 C  CA    . ARG A 1 153 ? 6.691   -7.880  -5.442  1.00 59.11  ? 514 ARG A CA    1 
ATOM   1054 C  C     . ARG A 1 153 ? 5.339   -8.525  -5.728  1.00 55.69  ? 514 ARG A C     1 
ATOM   1055 O  O     . ARG A 1 153 ? 4.721   -9.119  -4.846  1.00 56.16  ? 514 ARG A O     1 
ATOM   1056 C  CB    . ARG A 1 153 ? 7.787   -8.947  -5.441  1.00 54.70  ? 514 ARG A CB    1 
ATOM   1057 C  CG    . ARG A 1 153 ? 7.895   -9.702  -6.760  1.00 62.01  ? 514 ARG A CG    1 
ATOM   1058 C  CD    . ARG A 1 153 ? 8.934   -10.807 -6.700  1.00 59.10  ? 514 ARG A CD    1 
ATOM   1059 N  NE    . ARG A 1 153 ? 10.262  -10.292 -6.379  1.00 54.12  ? 514 ARG A NE    1 
ATOM   1060 C  CZ    . ARG A 1 153 ? 11.122  -9.832  -7.282  1.00 52.08  ? 514 ARG A CZ    1 
ATOM   1061 N  NH1   . ARG A 1 153 ? 10.794  -9.818  -8.567  1.00 49.58  ? 514 ARG A NH1   1 
ATOM   1062 N  NH2   . ARG A 1 153 ? 12.308  -9.381  -6.899  1.00 54.29  ? 514 ARG A NH2   1 
ATOM   1063 N  N     . ARG A 1 154 ? 4.890   -8.399  -6.972  1.00 55.45  ? 515 ARG A N     1 
ATOM   1064 C  CA    . ARG A 1 154 ? 3.627   -8.982  -7.400  1.00 51.86  ? 515 ARG A CA    1 
ATOM   1065 C  C     . ARG A 1 154 ? 3.728   -10.502 -7.458  1.00 61.36  ? 515 ARG A C     1 
ATOM   1066 O  O     . ARG A 1 154 ? 4.636   -11.047 -8.085  1.00 67.00  ? 515 ARG A O     1 
ATOM   1067 C  CB    . ARG A 1 154 ? 3.223   -8.421  -8.764  1.00 51.03  ? 515 ARG A CB    1 
ATOM   1068 C  CG    . ARG A 1 154 ? 1.758   -8.600  -9.120  1.00 51.26  ? 515 ARG A CG    1 
ATOM   1069 C  CD    . ARG A 1 154 ? 1.408   -7.775  -10.347 1.00 47.51  ? 515 ARG A CD    1 
ATOM   1070 N  NE    . ARG A 1 154 ? -0.016  -7.823  -10.665 1.00 61.03  ? 515 ARG A NE    1 
ATOM   1071 C  CZ    . ARG A 1 154 ? -0.543  -8.590  -11.612 1.00 65.48  ? 515 ARG A CZ    1 
ATOM   1072 N  NH1   . ARG A 1 154 ? 0.236   -9.379  -12.339 1.00 61.80  ? 515 ARG A NH1   1 
ATOM   1073 N  NH2   . ARG A 1 154 ? -1.850  -8.568  -11.835 1.00 64.79  ? 515 ARG A NH2   1 
ATOM   1074 N  N     . ILE A 1 155 ? 2.798   -11.179 -6.792  1.00 62.37  ? 516 ILE A N     1 
ATOM   1075 C  CA    . ILE A 1 155 ? 2.772   -12.638 -6.785  1.00 58.48  ? 516 ILE A CA    1 
ATOM   1076 C  C     . ILE A 1 155 ? 2.495   -13.172 -8.187  1.00 61.90  ? 516 ILE A C     1 
ATOM   1077 O  O     . ILE A 1 155 ? 1.496   -12.807 -8.806  1.00 60.09  ? 516 ILE A O     1 
ATOM   1078 C  CB    . ILE A 1 155 ? 1.711   -13.180 -5.807  1.00 64.23  ? 516 ILE A CB    1 
ATOM   1079 C  CG1   . ILE A 1 155 ? 1.985   -12.673 -4.389  1.00 60.06  ? 516 ILE A CG1   1 
ATOM   1080 C  CG2   . ILE A 1 155 ? 1.683   -14.701 -5.834  1.00 61.87  ? 516 ILE A CG2   1 
ATOM   1081 C  CD1   . ILE A 1 155 ? 0.981   -13.152 -3.363  1.00 52.75  ? 516 ILE A CD1   1 
ATOM   1082 N  N     . PRO A 1 156 ? 3.391   -14.034 -8.693  1.00 64.41  ? 517 PRO A N     1 
ATOM   1083 C  CA    . PRO A 1 156 ? 3.288   -14.598 -10.043 1.00 61.08  ? 517 PRO A CA    1 
ATOM   1084 C  C     . PRO A 1 156 ? 1.992   -15.376 -10.264 1.00 59.28  ? 517 PRO A C     1 
ATOM   1085 O  O     . PRO A 1 156 ? 1.511   -16.036 -9.345  1.00 56.73  ? 517 PRO A O     1 
ATOM   1086 C  CB    . PRO A 1 156 ? 4.499   -15.533 -10.128 1.00 60.25  ? 517 PRO A CB    1 
ATOM   1087 C  CG    . PRO A 1 156 ? 5.456   -15.014 -9.109  1.00 54.90  ? 517 PRO A CG    1 
ATOM   1088 C  CD    . PRO A 1 156 ? 4.601   -14.500 -7.994  1.00 59.13  ? 517 PRO A CD    1 
ATOM   1089 N  N     . GLY A 1 157 ? 1.438   -15.288 -11.470 1.00 60.49  ? 518 GLY A N     1 
ATOM   1090 C  CA    . GLY A 1 157 ? 0.243   -16.036 -11.815 1.00 65.33  ? 518 GLY A CA    1 
ATOM   1091 C  C     . GLY A 1 157 ? -0.962  -15.168 -12.123 1.00 68.95  ? 518 GLY A C     1 
ATOM   1092 O  O     . GLY A 1 157 ? -1.862  -15.576 -12.857 1.00 73.69  ? 518 GLY A O     1 
ATOM   1093 N  N     . GLN A 1 158 ? -0.975  -13.965 -11.562 1.00 68.32  ? 519 GLN A N     1 
ATOM   1094 C  CA    . GLN A 1 158 ? -2.104  -13.057 -11.715 1.00 64.57  ? 519 GLN A CA    1 
ATOM   1095 C  C     . GLN A 1 158 ? -2.152  -12.433 -13.107 1.00 68.02  ? 519 GLN A C     1 
ATOM   1096 O  O     . GLN A 1 158 ? -1.116  -12.292 -13.760 1.00 68.93  ? 519 GLN A O     1 
ATOM   1097 C  CB    . GLN A 1 158 ? -2.041  -11.961 -10.650 1.00 70.39  ? 519 GLN A CB    1 
ATOM   1098 C  CG    . GLN A 1 158 ? -2.245  -12.471 -9.236  1.00 69.20  ? 519 GLN A CG    1 
ATOM   1099 C  CD    . GLN A 1 158 ? -1.715  -11.512 -8.193  1.00 67.27  ? 519 GLN A CD    1 
ATOM   1100 O  OE1   . GLN A 1 158 ? -2.479  -10.802 -7.541  1.00 70.40  ? 519 GLN A OE1   1 
ATOM   1101 N  NE2   . GLN A 1 158 ? -0.397  -11.488 -8.028  1.00 67.36  ? 519 GLN A NE2   1 
ATOM   1102 N  N     . PRO A 1 159 ? -3.360  -12.071 -13.571 1.00 68.99  ? 520 PRO A N     1 
ATOM   1103 C  CA    . PRO A 1 159 ? -3.530  -11.369 -14.848 1.00 65.32  ? 520 PRO A CA    1 
ATOM   1104 C  C     . PRO A 1 159 ? -2.722  -10.075 -14.907 1.00 71.99  ? 520 PRO A C     1 
ATOM   1105 O  O     . PRO A 1 159 ? -2.635  -9.361  -13.908 1.00 75.91  ? 520 PRO A O     1 
ATOM   1106 C  CB    . PRO A 1 159 ? -5.031  -11.074 -14.888 1.00 63.54  ? 520 PRO A CB    1 
ATOM   1107 C  CG    . PRO A 1 159 ? -5.641  -12.136 -14.046 1.00 63.71  ? 520 PRO A CG    1 
ATOM   1108 C  CD    . PRO A 1 159 ? -4.656  -12.393 -12.945 1.00 66.52  ? 520 PRO A CD    1 
ATOM   1109 N  N     . GLU A 1 160 ? -2.137  -9.783  -16.065 1.00 72.31  ? 521 GLU A N     1 
ATOM   1110 C  CA    . GLU A 1 160 ? -1.324  -8.584  -16.235 1.00 73.68  ? 521 GLU A CA    1 
ATOM   1111 C  C     . GLU A 1 160 ? -2.186  -7.358  -16.498 1.00 79.58  ? 521 GLU A C     1 
ATOM   1112 O  O     . GLU A 1 160 ? -3.300  -7.468  -17.009 1.00 88.56  ? 521 GLU A O     1 
ATOM   1113 C  CB    . GLU A 1 160 ? -0.328  -8.766  -17.383 1.00 76.80  ? 521 GLU A CB    1 
ATOM   1114 N  N     . LEU A 1 161 ? -1.663  -6.187  -16.162 1.00 83.16  ? 522 LEU A N     1 
ATOM   1115 C  CA    . LEU A 1 161 ? -2.404  -4.954  -16.379 1.00 87.91  ? 522 LEU A CA    1 
ATOM   1116 C  C     . LEU A 1 161 ? -1.521  -3.896  -17.039 1.00 94.47  ? 522 LEU A C     1 
ATOM   1117 O  O     . LEU A 1 161 ? -0.376  -3.702  -16.635 1.00 102.19 ? 522 LEU A O     1 
ATOM   1118 C  CB    . LEU A 1 161 ? -2.970  -4.455  -15.052 1.00 80.85  ? 522 LEU A CB    1 
ATOM   1119 C  CG    . LEU A 1 161 ? -4.399  -4.915  -14.759 1.00 87.43  ? 522 LEU A CG    1 
ATOM   1120 C  CD1   . LEU A 1 161 ? -4.671  -4.857  -13.293 1.00 78.82  ? 522 LEU A CD1   1 
ATOM   1121 C  CD2   . LEU A 1 161 ? -5.373  -4.018  -15.480 1.00 83.14  ? 522 LEU A CD2   1 
ATOM   1122 N  N     . PRO A 1 162 ? -2.054  -3.222  -18.073 1.00 100.31 ? 523 PRO A N     1 
ATOM   1123 C  CA    . PRO A 1 162 ? -1.307  -2.285  -18.921 1.00 103.15 ? 523 PRO A CA    1 
ATOM   1124 C  C     . PRO A 1 162 ? -1.366  -0.832  -18.454 1.00 102.72 ? 523 PRO A C     1 
ATOM   1125 O  O     . PRO A 1 162 ? -2.352  -0.409  -17.852 1.00 102.78 ? 523 PRO A O     1 
ATOM   1126 C  CB    . PRO A 1 162 ? -1.991  -2.438  -20.282 1.00 102.52 ? 523 PRO A CB    1 
ATOM   1127 C  CG    . PRO A 1 162 ? -3.386  -2.940  -19.974 1.00 103.95 ? 523 PRO A CG    1 
ATOM   1128 C  CD    . PRO A 1 162 ? -3.450  -3.353  -18.523 1.00 99.07  ? 523 PRO A CD    1 
ATOM   1129 N  N     . TRP A 1 163 ? -0.306  -0.081  -18.742 1.00 103.66 ? 524 TRP A N     1 
ATOM   1130 C  CA    . TRP A 1 163 ? -0.235  1.333   -18.395 1.00 103.67 ? 524 TRP A CA    1 
ATOM   1131 C  C     . TRP A 1 163 ? 0.795   2.042   -19.267 1.00 104.65 ? 524 TRP A C     1 
ATOM   1132 O  O     . TRP A 1 163 ? 1.277   3.122   -18.926 1.00 105.09 ? 524 TRP A O     1 
ATOM   1133 C  CB    . TRP A 1 163 ? 0.102   1.507   -16.920 1.00 102.48 ? 524 TRP A CB    1 
ATOM   1134 O  "O5'" . DA  B 2 1   ? -10.791 16.420  20.756  1.00 68.94  ? 1   DA  B "O5'" 1 
ATOM   1135 C  "C5'" . DA  B 2 1   ? -9.900  16.161  21.835  1.00 68.08  ? 1   DA  B "C5'" 1 
ATOM   1136 C  "C4'" . DA  B 2 1   ? -8.509  15.801  21.330  1.00 78.21  ? 1   DA  B "C4'" 1 
ATOM   1137 O  "O4'" . DA  B 2 1   ? -8.487  14.423  20.888  1.00 78.23  ? 1   DA  B "O4'" 1 
ATOM   1138 C  "C3'" . DA  B 2 1   ? -8.005  16.626  20.154  1.00 87.33  ? 1   DA  B "C3'" 1 
ATOM   1139 O  "O3'" . DA  B 2 1   ? -6.597  16.802  20.251  1.00 89.21  ? 1   DA  B "O3'" 1 
ATOM   1140 C  "C2'" . DA  B 2 1   ? -8.390  15.785  18.935  1.00 80.74  ? 1   DA  B "C2'" 1 
ATOM   1141 C  "C1'" . DA  B 2 1   ? -8.395  14.352  19.477  1.00 75.94  ? 1   DA  B "C1'" 1 
ATOM   1142 N  N9    . DA  B 2 1   ? -9.519  13.555  18.990  1.00 72.39  ? 1   DA  B N9    1 
ATOM   1143 C  C8    . DA  B 2 1   ? -10.844 13.890  19.030  1.00 69.60  ? 1   DA  B C8    1 
ATOM   1144 N  N7    . DA  B 2 1   ? -11.637 12.978  18.520  1.00 68.24  ? 1   DA  B N7    1 
ATOM   1145 C  C5    . DA  B 2 1   ? -10.773 11.973  18.120  1.00 59.45  ? 1   DA  B C5    1 
ATOM   1146 C  C6    . DA  B 2 1   ? -10.990 10.725  17.503  1.00 61.86  ? 1   DA  B C6    1 
ATOM   1147 N  N6    . DA  B 2 1   ? -12.204 10.267  17.173  1.00 58.16  ? 1   DA  B N6    1 
ATOM   1148 N  N1    . DA  B 2 1   ? -9.909  9.962   17.238  1.00 66.68  ? 1   DA  B N1    1 
ATOM   1149 C  C2    . DA  B 2 1   ? -8.697  10.423  17.570  1.00 62.07  ? 1   DA  B C2    1 
ATOM   1150 N  N3    . DA  B 2 1   ? -8.369  11.576  18.151  1.00 63.90  ? 1   DA  B N3    1 
ATOM   1151 C  C4    . DA  B 2 1   ? -9.463  12.312  18.402  1.00 63.61  ? 1   DA  B C4    1 
ATOM   1152 P  P     . DC  B 2 2   ? -5.822  17.729  19.191  1.00 102.27 ? 2   DC  B P     1 
ATOM   1153 O  OP1   . DC  B 2 2   ? -4.621  18.278  19.860  1.00 96.77  ? 2   DC  B OP1   1 
ATOM   1154 O  OP2   . DC  B 2 2   ? -6.811  18.646  18.582  1.00 96.45  ? 2   DC  B OP2   1 
ATOM   1155 O  "O5'" . DC  B 2 2   ? -5.352  16.701  18.063  1.00 89.68  ? 2   DC  B "O5'" 1 
ATOM   1156 C  "C5'" . DC  B 2 2   ? -4.582  15.562  18.421  1.00 86.89  ? 2   DC  B "C5'" 1 
ATOM   1157 C  "C4'" . DC  B 2 2   ? -4.368  14.664  17.219  1.00 85.36  ? 2   DC  B "C4'" 1 
ATOM   1158 O  "O4'" . DC  B 2 2   ? -5.547  13.864  16.999  1.00 87.33  ? 2   DC  B "O4'" 1 
ATOM   1159 C  "C3'" . DC  B 2 2   ? -4.101  15.405  15.906  1.00 81.64  ? 2   DC  B "C3'" 1 
ATOM   1160 O  "O3'" . DC  B 2 2   ? -2.763  15.161  15.478  1.00 84.70  ? 2   DC  B "O3'" 1 
ATOM   1161 C  "C2'" . DC  B 2 2   ? -5.139  14.839  14.919  1.00 75.56  ? 2   DC  B "C2'" 1 
ATOM   1162 C  "C1'" . DC  B 2 2   ? -5.661  13.598  15.628  1.00 74.50  ? 2   DC  B "C1'" 1 
ATOM   1163 N  N1    . DC  B 2 2   ? -7.090  13.305  15.327  1.00 66.27  ? 2   DC  B N1    1 
ATOM   1164 C  C2    . DC  B 2 2   ? -7.460  12.028  14.895  1.00 63.67  ? 2   DC  B C2    1 
ATOM   1165 O  O2    . DC  B 2 2   ? -6.591  11.155  14.772  1.00 64.79  ? 2   DC  B O2    1 
ATOM   1166 N  N3    . DC  B 2 2   ? -8.767  11.780  14.625  1.00 60.82  ? 2   DC  B N3    1 
ATOM   1167 C  C4    . DC  B 2 2   ? -9.674  12.748  14.771  1.00 64.22  ? 2   DC  B C4    1 
ATOM   1168 N  N4    . DC  B 2 2   ? -10.948 12.458  14.493  1.00 61.79  ? 2   DC  B N4    1 
ATOM   1169 C  C5    . DC  B 2 2   ? -9.313  14.057  15.208  1.00 61.17  ? 2   DC  B C5    1 
ATOM   1170 C  C6    . DC  B 2 2   ? -8.023  14.289  15.471  1.00 64.92  ? 2   DC  B C6    1 
ATOM   1171 P  P     . DT  B 2 3   ? -2.278  15.588  14.006  1.00 94.50  ? 3   DT  B P     1 
ATOM   1172 O  OP1   . DT  B 2 3   ? -0.811  15.772  14.071  1.00 97.28  ? 3   DT  B OP1   1 
ATOM   1173 O  OP2   . DT  B 2 3   ? -3.126  16.700  13.522  1.00 70.69  ? 3   DT  B OP2   1 
ATOM   1174 O  "O5'" . DT  B 2 3   ? -2.581  14.291  13.125  1.00 80.35  ? 3   DT  B "O5'" 1 
ATOM   1175 C  "C5'" . DT  B 2 3   ? -2.214  13.008  13.615  1.00 74.99  ? 3   DT  B "C5'" 1 
ATOM   1176 C  "C4'" . DT  B 2 3   ? -2.716  11.912  12.697  1.00 75.92  ? 3   DT  B "C4'" 1 
ATOM   1177 O  "O4'" . DT  B 2 3   ? -4.162  11.849  12.760  1.00 73.77  ? 3   DT  B "O4'" 1 
ATOM   1178 C  "C3'" . DT  B 2 3   ? -2.354  12.094  11.220  1.00 79.86  ? 3   DT  B "C3'" 1 
ATOM   1179 O  "O3'" . DT  B 2 3   ? -1.740  10.913  10.725  1.00 80.49  ? 3   DT  B "O3'" 1 
ATOM   1180 C  "C2'" . DT  B 2 3   ? -3.698  12.367  10.537  1.00 71.06  ? 3   DT  B "C2'" 1 
ATOM   1181 C  "C1'" . DT  B 2 3   ? -4.675  11.665  11.465  1.00 69.50  ? 3   DT  B "C1'" 1 
ATOM   1182 N  N1    . DT  B 2 3   ? -6.051  12.234  11.421  1.00 62.52  ? 3   DT  B N1    1 
ATOM   1183 C  C2    . DT  B 2 3   ? -7.102  11.425  11.063  1.00 56.52  ? 3   DT  B C2    1 
ATOM   1184 O  O2    . DT  B 2 3   ? -6.971  10.249  10.772  1.00 55.29  ? 3   DT  B O2    1 
ATOM   1185 N  N3    . DT  B 2 3   ? -8.324  12.043  11.056  1.00 55.65  ? 3   DT  B N3    1 
ATOM   1186 C  C4    . DT  B 2 3   ? -8.593  13.363  11.366  1.00 57.15  ? 3   DT  B C4    1 
ATOM   1187 O  O4    . DT  B 2 3   ? -9.729  13.828  11.330  1.00 58.43  ? 3   DT  B O4    1 
ATOM   1188 C  C5    . DT  B 2 3   ? -7.444  14.158  11.732  1.00 55.37  ? 3   DT  B C5    1 
ATOM   1189 C  C7    . DT  B 2 3   ? -7.611  15.605  12.089  1.00 64.89  ? 3   DT  B C7    1 
ATOM   1190 C  C6    . DT  B 2 3   ? -6.243  13.561  11.743  1.00 57.46  ? 3   DT  B C6    1 
ATOM   1191 P  P     . DA  B 2 4   ? -0.662  11.002  9.537   1.00 88.23  ? 4   DA  B P     1 
ATOM   1192 O  OP1   . DA  B 2 4   ? 0.310   9.903   9.729   1.00 67.90  ? 4   DA  B OP1   1 
ATOM   1193 O  OP2   . DA  B 2 4   ? -0.188  12.402  9.460   1.00 70.63  ? 4   DA  B OP2   1 
ATOM   1194 O  "O5'" . DA  B 2 4   ? -1.524  10.701  8.225   1.00 80.35  ? 4   DA  B "O5'" 1 
ATOM   1195 C  "C5'" . DA  B 2 4   ? -2.222  9.468   8.108   1.00 63.54  ? 4   DA  B "C5'" 1 
ATOM   1196 C  "C4'" . DA  B 2 4   ? -3.298  9.556   7.043   1.00 59.99  ? 4   DA  B "C4'" 1 
ATOM   1197 O  "O4'" . DA  B 2 4   ? -4.459  10.227  7.579   1.00 65.24  ? 4   DA  B "O4'" 1 
ATOM   1198 C  "C3'" . DA  B 2 4   ? -2.899  10.336  5.784   1.00 62.17  ? 4   DA  B "C3'" 1 
ATOM   1199 O  "O3'" . DA  B 2 4   ? -2.918  9.477   4.654   1.00 61.48  ? 4   DA  B "O3'" 1 
ATOM   1200 C  "C2'" . DA  B 2 4   ? -3.958  11.444  5.669   1.00 55.88  ? 4   DA  B "C2'" 1 
ATOM   1201 C  "C1'" . DA  B 2 4   ? -5.089  10.908  6.532   1.00 62.25  ? 4   DA  B "C1'" 1 
ATOM   1202 N  N9    . DA  B 2 4   ? -5.944  11.952  7.092   1.00 58.45  ? 4   DA  B N9    1 
ATOM   1203 C  C8    . DA  B 2 4   ? -5.554  13.175  7.560   1.00 54.57  ? 4   DA  B C8    1 
ATOM   1204 N  N7    . DA  B 2 4   ? -6.544  13.915  7.999   1.00 55.55  ? 4   DA  B N7    1 
ATOM   1205 C  C5    . DA  B 2 4   ? -7.663  13.121  7.804   1.00 56.85  ? 4   DA  B C5    1 
ATOM   1206 C  C6    . DA  B 2 4   ? -9.033  13.329  8.065   1.00 50.02  ? 4   DA  B C6    1 
ATOM   1207 N  N6    . DA  B 2 4   ? -9.518  14.452  8.603   1.00 51.49  ? 4   DA  B N6    1 
ATOM   1208 N  N1    . DA  B 2 4   ? -9.887  12.333  7.749   1.00 51.41  ? 4   DA  B N1    1 
ATOM   1209 C  C2    . DA  B 2 4   ? -9.397  11.210  7.210   1.00 53.19  ? 4   DA  B C2    1 
ATOM   1210 N  N3    . DA  B 2 4   ? -8.135  10.901  6.920   1.00 54.32  ? 4   DA  B N3    1 
ATOM   1211 C  C4    . DA  B 2 4   ? -7.311  11.908  7.244   1.00 57.81  ? 4   DA  B C4    1 
HETATM 1212 P  P     . 5HC B 2 5   ? -1.539  9.039   3.953   1.00 47.35  ? 5   5HC B P     1 
HETATM 1213 O  OP1   . 5HC B 2 5   ? -1.275  7.542   4.239   1.00 52.58  ? 5   5HC B OP1   1 
HETATM 1214 O  OP2   . 5HC B 2 5   ? -0.419  10.060  4.336   1.00 60.28  ? 5   5HC B OP2   1 
HETATM 1215 O  "O5'" . 5HC B 2 5   ? -1.836  9.156   2.387   1.00 58.04  ? 5   5HC B "O5'" 1 
HETATM 1216 C  "C5'" . 5HC B 2 5   ? -2.087  10.444  1.799   1.00 52.01  ? 5   5HC B "C5'" 1 
HETATM 1217 C  "C4'" . 5HC B 2 5   ? -2.483  10.512  0.353   1.00 65.06  ? 5   5HC B "C4'" 1 
HETATM 1218 O  "O4'" . 5HC B 2 5   ? -1.427  10.166  -0.462  1.00 65.89  ? 5   5HC B "O4'" 1 
HETATM 1219 C  "C3'" . 5HC B 2 5   ? -3.561  9.578   0.055   1.00 61.46  ? 5   5HC B "C3'" 1 
HETATM 1220 O  "O3'" . 5HC B 2 5   ? -4.358  10.123  -1.013  1.00 65.04  ? 5   5HC B "O3'" 1 
HETATM 1221 C  "C2'" . 5HC B 2 5   ? -2.924  8.416   -0.395  1.00 54.40  ? 5   5HC B "C2'" 1 
HETATM 1222 C  "C1'" . 5HC B 2 5   ? -1.669  8.897   -1.004  1.00 61.42  ? 5   5HC B "C1'" 1 
HETATM 1223 N  N1    . 5HC B 2 5   ? -0.447  7.971   -0.872  1.00 58.12  ? 5   5HC B N1    1 
HETATM 1224 C  C2    . 5HC B 2 5   ? 0.248   7.601   -1.955  1.00 56.19  ? 5   5HC B C2    1 
HETATM 1225 O  O2    . 5HC B 2 5   ? -0.073  7.959   -3.022  1.00 59.77  ? 5   5HC B O2    1 
HETATM 1226 N  N3    . 5HC B 2 5   ? 1.335   6.793   -1.825  1.00 47.81  ? 5   5HC B N3    1 
HETATM 1227 C  C4    . 5HC B 2 5   ? 1.725   6.366   -0.605  1.00 48.38  ? 5   5HC B C4    1 
HETATM 1228 N  N4    . 5HC B 2 5   ? 2.924   5.483   -0.491  1.00 49.20  ? 5   5HC B N4    1 
HETATM 1229 C  C5    . 5HC B 2 5   ? 1.030   6.742   0.491   1.00 54.14  ? 5   5HC B C5    1 
HETATM 1230 C  C5M   . 5HC B 2 5   ? 1.445   6.279   1.860   1.00 54.20  ? 5   5HC B C5M   1 
HETATM 1231 O  O5    . 5HC B 2 5   ? 0.554   5.404   2.568   1.00 54.31  ? 5   5HC B O5    1 
HETATM 1232 C  C6    . 5HC B 2 5   ? -0.057  7.548   0.356   1.00 56.85  ? 5   5HC B C6    1 
ATOM   1233 P  P     . DG  B 2 6   ? -5.192  11.482  -0.801  1.00 76.65  ? 6   DG  B P     1 
ATOM   1234 O  OP1   . DG  B 2 6   ? -4.578  12.517  -1.661  1.00 63.03  ? 6   DG  B OP1   1 
ATOM   1235 O  OP2   . DG  B 2 6   ? -5.350  11.727  0.651   1.00 66.31  ? 6   DG  B OP2   1 
ATOM   1236 O  "O5'" . DG  B 2 6   ? -6.639  11.131  -1.375  1.00 60.00  ? 6   DG  B "O5'" 1 
ATOM   1237 C  "C5'" . DG  B 2 6   ? -7.325  9.985   -0.896  1.00 57.45  ? 6   DG  B "C5'" 1 
ATOM   1238 C  "C4'" . DG  B 2 6   ? -8.815  10.247  -0.808  1.00 57.99  ? 6   DG  B "C4'" 1 
ATOM   1239 O  "O4'" . DG  B 2 6   ? -9.079  11.198  0.254   1.00 59.13  ? 6   DG  B "O4'" 1 
ATOM   1240 C  "C3'" . DG  B 2 6   ? -9.442  10.831  -2.071  1.00 55.15  ? 6   DG  B "C3'" 1 
ATOM   1241 O  "O3'" . DG  B 2 6   ? -10.691 10.212  -2.315  1.00 54.00  ? 6   DG  B "O3'" 1 
ATOM   1242 C  "C2'" . DG  B 2 6   ? -9.604  12.312  -1.734  1.00 57.77  ? 6   DG  B "C2'" 1 
ATOM   1243 C  "C1'" . DG  B 2 6   ? -9.868  12.256  -0.238  1.00 54.74  ? 6   DG  B "C1'" 1 
ATOM   1244 N  N9    . DG  B 2 6   ? -9.488  13.474  0.468   1.00 53.91  ? 6   DG  B N9    1 
ATOM   1245 C  C8    . DG  B 2 6   ? -8.218  13.869  0.815   1.00 56.13  ? 6   DG  B C8    1 
ATOM   1246 N  N7    . DG  B 2 6   ? -8.183  15.008  1.448   1.00 54.59  ? 6   DG  B N7    1 
ATOM   1247 C  C5    . DG  B 2 6   ? -9.514  15.393  1.528   1.00 51.15  ? 6   DG  B C5    1 
ATOM   1248 C  C6    . DG  B 2 6   ? -10.095 16.545  2.106   1.00 49.44  ? 6   DG  B C6    1 
ATOM   1249 O  O6    . DG  B 2 6   ? -9.529  17.485  2.682   1.00 56.26  ? 6   DG  B O6    1 
ATOM   1250 N  N1    . DG  B 2 6   ? -11.480 16.546  1.967   1.00 50.47  ? 6   DG  B N1    1 
ATOM   1251 C  C2    . DG  B 2 6   ? -12.211 15.560  1.348   1.00 54.40  ? 6   DG  B C2    1 
ATOM   1252 N  N2    . DG  B 2 6   ? -13.540 15.737  1.314   1.00 57.32  ? 6   DG  B N2    1 
ATOM   1253 N  N3    . DG  B 2 6   ? -11.679 14.476  0.803   1.00 56.37  ? 6   DG  B N3    1 
ATOM   1254 C  C4    . DG  B 2 6   ? -10.330 14.459  0.929   1.00 56.41  ? 6   DG  B C4    1 
ATOM   1255 P  P     . DT  B 2 7   ? -11.241 10.084  -3.817  1.00 66.96  ? 7   DT  B P     1 
ATOM   1256 O  OP1   . DT  B 2 7   ? -12.226 8.980   -3.836  1.00 68.29  ? 7   DT  B OP1   1 
ATOM   1257 O  OP2   . DT  B 2 7   ? -10.068 10.042  -4.720  1.00 64.50  ? 7   DT  B OP2   1 
ATOM   1258 O  "O5'" . DT  B 2 7   ? -12.007 11.466  -4.060  1.00 58.25  ? 7   DT  B "O5'" 1 
ATOM   1259 C  "C5'" . DT  B 2 7   ? -13.173 11.766  -3.306  1.00 62.02  ? 7   DT  B "C5'" 1 
ATOM   1260 C  "C4'" . DT  B 2 7   ? -13.631 13.191  -3.554  1.00 63.27  ? 7   DT  B "C4'" 1 
ATOM   1261 O  "O4'" . DT  B 2 7   ? -12.971 14.085  -2.639  1.00 62.05  ? 7   DT  B "O4'" 1 
ATOM   1262 C  "C3'" . DT  B 2 7   ? -13.338 13.740  -4.954  1.00 63.88  ? 7   DT  B "C3'" 1 
ATOM   1263 O  "O3'" . DT  B 2 7   ? -14.551 13.812  -5.702  1.00 70.60  ? 7   DT  B "O3'" 1 
ATOM   1264 C  "C2'" . DT  B 2 7   ? -12.730 15.137  -4.701  1.00 62.20  ? 7   DT  B "C2'" 1 
ATOM   1265 C  "C1'" . DT  B 2 7   ? -12.969 15.360  -3.213  1.00 57.53  ? 7   DT  B "C1'" 1 
ATOM   1266 N  N1    . DT  B 2 7   ? -11.916 16.183  -2.548  1.00 57.97  ? 7   DT  B N1    1 
ATOM   1267 C  C2    . DT  B 2 7   ? -12.283 17.316  -1.861  1.00 53.67  ? 7   DT  B C2    1 
ATOM   1268 O  O2    . DT  B 2 7   ? -13.437 17.691  -1.762  1.00 53.92  ? 7   DT  B O2    1 
ATOM   1269 N  N3    . DT  B 2 7   ? -11.246 18.001  -1.288  1.00 51.03  ? 7   DT  B N3    1 
ATOM   1270 C  C4    . DT  B 2 7   ? -9.903  17.675  -1.333  1.00 45.04  ? 7   DT  B C4    1 
ATOM   1271 O  O4    . DT  B 2 7   ? -9.043  18.356  -0.785  1.00 55.12  ? 7   DT  B O4    1 
ATOM   1272 C  C5    . DT  B 2 7   ? -9.584  16.475  -2.070  1.00 51.15  ? 7   DT  B C5    1 
ATOM   1273 C  C7    . DT  B 2 7   ? -8.159  16.020  -2.189  1.00 55.77  ? 7   DT  B C7    1 
ATOM   1274 C  C6    . DT  B 2 7   ? -10.594 15.795  -2.637  1.00 59.27  ? 7   DT  B C6    1 
ATOM   1275 P  P     . DA  B 2 8   ? -14.567 14.349  -7.218  1.00 75.33  ? 8   DA  B P     1 
ATOM   1276 O  OP1   . DA  B 2 8   ? -15.427 13.435  -8.001  1.00 65.96  ? 8   DA  B OP1   1 
ATOM   1277 O  OP2   . DA  B 2 8   ? -13.182 14.607  -7.672  1.00 77.51  ? 8   DA  B OP2   1 
ATOM   1278 O  "O5'" . DA  B 2 8   ? -15.321 15.748  -7.100  1.00 66.10  ? 8   DA  B "O5'" 1 
ATOM   1279 C  "C5'" . DA  B 2 8   ? -16.506 15.840  -6.325  1.00 64.69  ? 8   DA  B "C5'" 1 
ATOM   1280 C  "C4'" . DA  B 2 8   ? -16.939 17.283  -6.180  1.00 59.86  ? 8   DA  B "C4'" 1 
ATOM   1281 O  "O4'" . DA  B 2 8   ? -16.086 17.947  -5.213  1.00 59.92  ? 8   DA  B "O4'" 1 
ATOM   1282 C  "C3'" . DA  B 2 8   ? -16.861 18.100  -7.465  1.00 63.74  ? 8   DA  B "C3'" 1 
ATOM   1283 O  "O3'" . DA  B 2 8   ? -18.025 18.889  -7.605  1.00 64.96  ? 8   DA  B "O3'" 1 
ATOM   1284 C  "C2'" . DA  B 2 8   ? -15.610 18.959  -7.280  1.00 61.41  ? 8   DA  B "C2'" 1 
ATOM   1285 C  "C1'" . DA  B 2 8   ? -15.541 19.123  -5.768  1.00 56.50  ? 8   DA  B "C1'" 1 
ATOM   1286 N  N9    . DA  B 2 8   ? -14.176 19.266  -5.272  1.00 55.32  ? 8   DA  B N9    1 
ATOM   1287 C  C8    . DA  B 2 8   ? -13.113 18.454  -5.548  1.00 58.85  ? 8   DA  B C8    1 
ATOM   1288 N  N7    . DA  B 2 8   ? -12.000 18.818  -4.962  1.00 59.86  ? 8   DA  B N7    1 
ATOM   1289 C  C5    . DA  B 2 8   ? -12.354 19.952  -4.249  1.00 51.41  ? 8   DA  B C5    1 
ATOM   1290 C  C6    . DA  B 2 8   ? -11.620 20.816  -3.414  1.00 51.82  ? 8   DA  B C6    1 
ATOM   1291 N  N6    . DA  B 2 8   ? -10.319 20.655  -3.152  1.00 53.79  ? 8   DA  B N6    1 
ATOM   1292 N  N1    . DA  B 2 8   ? -12.277 21.854  -2.857  1.00 55.45  ? 8   DA  B N1    1 
ATOM   1293 C  C2    . DA  B 2 8   ? -13.579 22.010  -3.123  1.00 50.62  ? 8   DA  B C2    1 
ATOM   1294 N  N3    . DA  B 2 8   ? -14.374 21.266  -3.889  1.00 55.47  ? 8   DA  B N3    1 
ATOM   1295 C  C4    . DA  B 2 8   ? -13.694 20.242  -4.429  1.00 57.96  ? 8   DA  B C4    1 
ATOM   1296 P  P     . DG  B 2 9   ? -18.423 19.492  -9.039  1.00 57.58  ? 9   DG  B P     1 
ATOM   1297 O  OP1   . DG  B 2 9   ? -19.847 19.170  -9.278  1.00 61.40  ? 9   DG  B OP1   1 
ATOM   1298 O  OP2   . DG  B 2 9   ? -17.397 19.064  -10.016 1.00 70.97  ? 9   DG  B OP2   1 
ATOM   1299 O  "O5'" . DG  B 2 9   ? -18.272 21.066  -8.829  1.00 57.87  ? 9   DG  B "O5'" 1 
ATOM   1300 C  "C5'" . DG  B 2 9   ? -18.815 21.672  -7.666  1.00 65.39  ? 9   DG  B "C5'" 1 
ATOM   1301 C  "C4'" . DG  B 2 9   ? -18.003 22.886  -7.261  1.00 65.30  ? 9   DG  B "C4'" 1 
ATOM   1302 O  "O4'" . DG  B 2 9   ? -16.731 22.469  -6.740  1.00 67.14  ? 9   DG  B "O4'" 1 
ATOM   1303 C  "C3'" . DG  B 2 9   ? -17.668 23.842  -8.400  1.00 60.40  ? 9   DG  B "C3'" 1 
ATOM   1304 O  "O3'" . DG  B 2 9   ? -18.588 24.925  -8.405  1.00 77.89  ? 9   DG  B "O3'" 1 
ATOM   1305 C  "C2'" . DG  B 2 9   ? -16.234 24.317  -8.094  1.00 65.50  ? 9   DG  B "C2'" 1 
ATOM   1306 C  "C1'" . DG  B 2 9   ? -15.861 23.564  -6.815  1.00 60.95  ? 9   DG  B "C1'" 1 
ATOM   1307 N  N9    . DG  B 2 9   ? -14.484 23.076  -6.801  1.00 54.62  ? 9   DG  B N9    1 
ATOM   1308 C  C8    . DG  B 2 9   ? -13.973 22.015  -7.509  1.00 58.36  ? 9   DG  B C8    1 
ATOM   1309 N  N7    . DG  B 2 9   ? -12.703 21.811  -7.293  1.00 60.78  ? 9   DG  B N7    1 
ATOM   1310 C  C5    . DG  B 2 9   ? -12.349 22.801  -6.385  1.00 56.56  ? 9   DG  B C5    1 
ATOM   1311 C  C6    . DG  B 2 9   ? -11.098 23.083  -5.784  1.00 56.77  ? 9   DG  B C6    1 
ATOM   1312 O  O6    . DG  B 2 9   ? -10.020 22.493  -5.941  1.00 57.82  ? 9   DG  B O6    1 
ATOM   1313 N  N1    . DG  B 2 9   ? -11.176 24.176  -4.923  1.00 53.37  ? 9   DG  B N1    1 
ATOM   1314 C  C2    . DG  B 2 9   ? -12.316 24.901  -4.675  1.00 54.63  ? 9   DG  B C2    1 
ATOM   1315 N  N2    . DG  B 2 9   ? -12.196 25.922  -3.813  1.00 59.20  ? 9   DG  B N2    1 
ATOM   1316 N  N3    . DG  B 2 9   ? -13.493 24.648  -5.231  1.00 61.43  ? 9   DG  B N3    1 
ATOM   1317 C  C4    . DG  B 2 9   ? -13.435 23.588  -6.074  1.00 58.20  ? 9   DG  B C4    1 
ATOM   1318 P  P     . DT  B 2 10  ? -18.539 26.023  -9.575  1.00 78.52  ? 10  DT  B P     1 
ATOM   1319 O  OP1   . DT  B 2 10  ? -19.892 26.611  -9.691  1.00 79.61  ? 10  DT  B OP1   1 
ATOM   1320 O  OP2   . DT  B 2 10  ? -17.906 25.394  -10.756 1.00 75.84  ? 10  DT  B OP2   1 
ATOM   1321 O  "O5'" . DT  B 2 10  ? -17.535 27.135  -9.015  1.00 76.05  ? 10  DT  B "O5'" 1 
ATOM   1322 C  "C5'" . DT  B 2 10  ? -17.725 27.669  -7.710  1.00 69.22  ? 10  DT  B "C5'" 1 
ATOM   1323 C  "C4'" . DT  B 2 10  ? -16.544 28.530  -7.299  1.00 72.60  ? 10  DT  B "C4'" 1 
ATOM   1324 O  "O4'" . DT  B 2 10  ? -15.383 27.689  -7.067  1.00 74.35  ? 10  DT  B "O4'" 1 
ATOM   1325 C  "C3'" . DT  B 2 10  ? -16.117 29.577  -8.333  1.00 75.23  ? 10  DT  B "C3'" 1 
ATOM   1326 O  "O3'" . DT  B 2 10  ? -15.923 30.835  -7.698  1.00 67.59  ? 10  DT  B "O3'" 1 
ATOM   1327 C  "C2'" . DT  B 2 10  ? -14.806 29.018  -8.889  1.00 68.01  ? 10  DT  B "C2'" 1 
ATOM   1328 C  "C1'" . DT  B 2 10  ? -14.261 28.270  -7.685  1.00 73.09  ? 10  DT  B "C1'" 1 
ATOM   1329 N  N1    . DT  B 2 10  ? -13.292 27.187  -8.037  1.00 67.09  ? 10  DT  B N1    1 
ATOM   1330 C  C2    . DT  B 2 10  ? -12.092 27.113  -7.367  1.00 64.96  ? 10  DT  B C2    1 
ATOM   1331 O  O2    . DT  B 2 10  ? -11.769 27.890  -6.488  1.00 64.41  ? 10  DT  B O2    1 
ATOM   1332 N  N3    . DT  B 2 10  ? -11.276 26.086  -7.764  1.00 58.66  ? 10  DT  B N3    1 
ATOM   1333 C  C4    . DT  B 2 10  ? -11.534 25.145  -8.744  1.00 61.70  ? 10  DT  B C4    1 
ATOM   1334 O  O4    . DT  B 2 10  ? -10.736 24.258  -9.030  1.00 58.82  ? 10  DT  B O4    1 
ATOM   1335 C  C5    . DT  B 2 10  ? -12.810 25.280  -9.409  1.00 65.28  ? 10  DT  B C5    1 
ATOM   1336 C  C7    . DT  B 2 10  ? -13.201 24.318  -10.491 1.00 62.31  ? 10  DT  B C7    1 
ATOM   1337 C  C6    . DT  B 2 10  ? -13.615 26.284  -9.029  1.00 63.15  ? 10  DT  B C6    1 
HETATM 1338 MG MG    . MG  C 3 .   ? 15.041  6.438   -4.018  1.00 69.25  ? 601 MG  A MG    1 
HETATM 1339 MG MG    . MG  D 3 .   ? -14.524 31.645  -5.111  1.00 80.24  ? 101 MG  B MG    1 
HETATM 1340 MG MG    . MG  E 3 .   ? -9.753  19.842  -8.094  1.00 72.25  ? 102 MG  B MG    1 
HETATM 1341 O  O     . HOH F 4 .   ? 2.862   4.688   -19.479 1.00 69.73  ? 701 HOH A O     1 
HETATM 1342 O  O     . HOH F 4 .   ? -16.833 -9.545  -1.530  1.00 68.02  ? 702 HOH A O     1 
HETATM 1343 O  O     . HOH F 4 .   ? 14.246  -8.576  -0.192  1.00 65.36  ? 703 HOH A O     1 
HETATM 1344 O  O     . HOH F 4 .   ? -5.881  8.107   -3.112  1.00 57.85  ? 704 HOH A O     1 
HETATM 1345 O  O     . HOH F 4 .   ? -7.938  7.955   6.143   1.00 53.40  ? 705 HOH A O     1 
HETATM 1346 O  O     . HOH F 4 .   ? -16.714 2.039   -10.002 1.00 70.39  ? 706 HOH A O     1 
HETATM 1347 O  O     . HOH F 4 .   ? -13.817 -1.957  -14.160 1.00 71.99  ? 707 HOH A O     1 
HETATM 1348 O  O     . HOH F 4 .   ? -6.507  0.454   9.297   1.00 73.42  ? 708 HOH A O     1 
HETATM 1349 O  O     . HOH F 4 .   ? 14.806  -11.498 -7.108  1.00 57.27  ? 709 HOH A O     1 
HETATM 1350 O  O     . HOH F 4 .   ? 10.390  7.953   18.781  1.00 86.02  ? 710 HOH A O     1 
HETATM 1351 O  O     . HOH F 4 .   ? 12.270  8.345   20.797  1.00 82.22  ? 711 HOH A O     1 
HETATM 1352 O  O     . HOH G 4 .   ? -16.563 32.955  -7.235  1.00 68.35  ? 201 HOH B O     1 
HETATM 1353 O  O     . HOH G 4 .   ? -1.771  13.844  8.321   1.00 60.57  ? 202 HOH B O     1 
HETATM 1354 O  O     . HOH G 4 .   ? -11.297 16.626  -8.387  1.00 64.75  ? 203 HOH B O     1 
HETATM 1355 O  O     . HOH G 4 .   ? -8.127  16.810  5.305   1.00 60.37  ? 204 HOH B O     1 
HETATM 1356 O  O     . HOH G 4 .   ? -9.159  15.158  -8.613  1.00 79.90  ? 205 HOH B O     1 
# 
loop_
_pdbx_poly_seq_scheme.asym_id 
_pdbx_poly_seq_scheme.entity_id 
_pdbx_poly_seq_scheme.seq_id 
_pdbx_poly_seq_scheme.mon_id 
_pdbx_poly_seq_scheme.ndb_seq_num 
_pdbx_poly_seq_scheme.pdb_seq_num 
_pdbx_poly_seq_scheme.auth_seq_num 
_pdbx_poly_seq_scheme.pdb_mon_id 
_pdbx_poly_seq_scheme.auth_mon_id 
_pdbx_poly_seq_scheme.pdb_strand_id 
_pdbx_poly_seq_scheme.pdb_ins_code 
_pdbx_poly_seq_scheme.hetero 
A 1 1   GLN 1   362 362 GLN GLN A . n 
A 1 2   ILE 2   363 363 ILE ILE A . n 
A 1 3   ILE 3   364 364 ILE ILE A . n 
A 1 4   GLY 4   365 365 GLY GLY A . n 
A 1 5   THR 5   366 366 THR THR A . n 
A 1 6   VAL 6   367 367 VAL VAL A . n 
A 1 7   PRO 7   368 368 PRO PRO A . n 
A 1 8   GLY 8   369 369 GLY GLY A . n 
A 1 9   VAL 9   370 370 VAL VAL A . n 
A 1 10  GLU 10  371 371 GLU GLU A . n 
A 1 11  VAL 11  372 372 VAL VAL A . n 
A 1 12  GLY 12  373 373 GLY GLY A . n 
A 1 13  ASP 13  374 374 ASP ASP A . n 
A 1 14  GLU 14  375 375 GLU GLU A . n 
A 1 15  PHE 15  376 376 PHE PHE A . n 
A 1 16  GLN 16  377 377 GLN GLN A . n 
A 1 17  TYR 17  378 378 TYR TYR A . n 
A 1 18  ARG 18  379 379 ARG ARG A . n 
A 1 19  MET 19  380 380 MET MET A . n 
A 1 20  GLU 20  381 381 GLU GLU A . n 
A 1 21  LEU 21  382 382 LEU LEU A . n 
A 1 22  ASN 22  383 383 ASN ASN A . n 
A 1 23  LEU 23  384 384 LEU LEU A . n 
A 1 24  LEU 24  385 385 LEU LEU A . n 
A 1 25  GLY 25  386 386 GLY GLY A . n 
A 1 26  ILE 26  387 387 ILE ILE A . n 
A 1 27  HIS 27  388 388 HIS HIS A . n 
A 1 28  ARG 28  389 389 ARG ARG A . n 
A 1 29  PRO 29  390 390 PRO PRO A . n 
A 1 30  SER 30  391 391 SER SER A . n 
A 1 31  GLN 31  392 392 GLN GLN A . n 
A 1 32  SER 32  393 393 SER SER A . n 
A 1 33  GLY 33  394 394 GLY GLY A . n 
A 1 34  ILE 34  395 395 ILE ILE A . n 
A 1 35  ASP 35  396 396 ASP ASP A . n 
A 1 36  TYR 36  397 397 TYR TYR A . n 
A 1 37  MET 37  398 398 MET MET A . n 
A 1 38  LYS 38  399 399 LYS LYS A . n 
A 1 39  ASP 39  400 400 ASP ASP A . n 
A 1 40  ASP 40  401 401 ASP GLY A . n 
A 1 41  GLY 41  402 402 GLY GLY A . n 
A 1 42  GLY 42  403 403 GLY GLY A . n 
A 1 43  GLU 43  404 404 GLU GLU A . n 
A 1 44  LEU 44  405 405 LEU LEU A . n 
A 1 45  VAL 45  406 406 VAL VAL A . n 
A 1 46  ALA 46  407 407 ALA ALA A . n 
A 1 47  THR 47  408 408 THR THR A . n 
A 1 48  SER 48  409 409 SER SER A . n 
A 1 49  ILE 49  410 410 ILE ILE A . n 
A 1 50  VAL 50  411 411 VAL VAL A . n 
A 1 51  SER 51  412 412 SER SER A . n 
A 1 52  SER 52  413 413 SER SER A . n 
A 1 53  GLY 53  414 414 GLY GLY A . n 
A 1 54  GLY 54  415 415 GLY GLY A . n 
A 1 55  TYR 55  416 416 TYR TYR A . n 
A 1 56  ASN 56  417 417 ASN ASN A . n 
A 1 57  ASP 57  418 418 ASP ASP A . n 
A 1 58  VAL 58  419 419 VAL VAL A . n 
A 1 59  LEU 59  420 420 LEU LEU A . n 
A 1 60  ASP 60  421 421 ASP ASP A . n 
A 1 61  ASN 61  422 422 ASN ASN A . n 
A 1 62  SER 62  423 423 SER SER A . n 
A 1 63  ASP 63  424 424 ASP ASP A . n 
A 1 64  VAL 64  425 425 VAL VAL A . n 
A 1 65  LEU 65  426 426 LEU LEU A . n 
A 1 66  ILE 66  427 427 ILE ILE A . n 
A 1 67  TYR 67  428 428 TYR TYR A . n 
A 1 68  THR 68  429 429 THR THR A . n 
A 1 69  GLY 69  430 430 GLY GLY A . n 
A 1 70  GLN 70  431 431 GLN GLN A . n 
A 1 71  GLY 71  432 432 GLY GLY A . n 
A 1 72  GLY 72  433 433 GLY GLY A . n 
A 1 73  ASN 73  434 434 ASN ASN A . n 
A 1 74  VAL 74  435 435 VAL VAL A . n 
A 1 75  GLY 75  436 436 GLY GLY A . n 
A 1 76  LYS 76  437 437 LYS LYS A . n 
A 1 77  LYS 77  438 438 LYS LYS A . n 
A 1 78  LYS 78  439 ?   ?   ?   A . n 
A 1 79  ASN 79  440 ?   ?   ?   A . n 
A 1 80  ASN 80  441 ?   ?   ?   A . n 
A 1 81  GLU 81  442 442 GLU ALA A . n 
A 1 82  PRO 82  443 443 PRO PRO A . n 
A 1 83  PRO 83  444 444 PRO PRO A . n 
A 1 84  LYS 84  445 445 LYS LYS A . n 
A 1 85  ASP 85  446 446 ASP ASP A . n 
A 1 86  GLN 86  447 447 GLN GLN A . n 
A 1 87  GLN 87  448 448 GLN GLN A . n 
A 1 88  LEU 88  449 449 LEU LEU A . n 
A 1 89  VAL 89  450 450 VAL VAL A . n 
A 1 90  THR 90  451 451 THR THR A . n 
A 1 91  GLY 91  452 452 GLY GLY A . n 
A 1 92  ASN 92  453 453 ASN ASN A . n 
A 1 93  LEU 93  454 454 LEU LEU A . n 
A 1 94  ALA 94  455 455 ALA ALA A . n 
A 1 95  LEU 95  456 456 LEU LEU A . n 
A 1 96  LYS 96  457 457 LYS LYS A . n 
A 1 97  ASN 97  458 458 ASN ASN A . n 
A 1 98  SER 98  459 459 SER SER A . n 
A 1 99  ILE 99  460 460 ILE ILE A . n 
A 1 100 ASN 100 461 461 ASN ASN A . n 
A 1 101 LYS 101 462 462 LYS LYS A . n 
A 1 102 LYS 102 463 463 LYS LYS A . n 
A 1 103 ASN 103 464 464 ASN ASN A . n 
A 1 104 PRO 104 465 465 PRO PRO A . n 
A 1 105 VAL 105 466 466 VAL VAL A . n 
A 1 106 ARG 106 467 467 ARG ARG A . n 
A 1 107 VAL 107 468 468 VAL VAL A . n 
A 1 108 ILE 108 469 469 ILE ILE A . n 
A 1 109 ARG 109 470 470 ARG ARG A . n 
A 1 110 GLY 110 471 471 GLY GLY A . n 
A 1 111 ILE 111 472 472 ILE ILE A . n 
A 1 112 LYS 112 473 473 LYS LYS A . n 
A 1 113 ASN 113 474 ?   ?   ?   A . n 
A 1 114 THR 114 475 ?   ?   ?   A . n 
A 1 115 THR 115 476 ?   ?   ?   A . n 
A 1 116 LEU 116 477 ?   ?   ?   A . n 
A 1 117 GLN 117 478 ?   ?   ?   A . n 
A 1 118 SER 118 479 ?   ?   ?   A . n 
A 1 119 SER 119 480 ?   ?   ?   A . n 
A 1 120 VAL 120 481 ?   ?   ?   A . n 
A 1 121 VAL 121 482 ?   ?   ?   A . n 
A 1 122 ALA 122 483 ?   ?   ?   A . n 
A 1 123 LYS 123 484 484 LYS LYS A . n 
A 1 124 ASN 124 485 485 ASN ASN A . n 
A 1 125 TYR 125 486 486 TYR TYR A . n 
A 1 126 VAL 126 487 487 VAL VAL A . n 
A 1 127 TYR 127 488 488 TYR TYR A . n 
A 1 128 ASP 128 489 489 ASP ASP A . n 
A 1 129 GLY 129 490 490 GLY GLY A . n 
A 1 130 LEU 130 491 491 LEU LEU A . n 
A 1 131 TYR 131 492 492 TYR TYR A . n 
A 1 132 LEU 132 493 493 LEU LEU A . n 
A 1 133 VAL 133 494 494 VAL VAL A . n 
A 1 134 GLU 134 495 495 GLU GLU A . n 
A 1 135 GLU 135 496 496 GLU GLU A . n 
A 1 136 TYR 136 497 497 TYR TYR A . n 
A 1 137 TRP 137 498 498 TRP TRP A . n 
A 1 138 GLU 138 499 499 GLU GLU A . n 
A 1 139 GLU 139 500 500 GLU GLU A . n 
A 1 140 THR 140 501 501 THR THR A . n 
A 1 141 GLY 141 502 502 GLY GLY A . n 
A 1 142 SER 142 503 503 SER GLY A . n 
A 1 143 HIS 143 504 504 HIS HIS A . n 
A 1 144 GLY 144 505 505 GLY GLY A . n 
A 1 145 LYS 145 506 506 LYS LYS A . n 
A 1 146 LEU 146 507 507 LEU LEU A . n 
A 1 147 VAL 147 508 508 VAL VAL A . n 
A 1 148 PHE 148 509 509 PHE PHE A . n 
A 1 149 LYS 149 510 510 LYS LYS A . n 
A 1 150 PHE 150 511 511 PHE PHE A . n 
A 1 151 LYS 151 512 512 LYS LYS A . n 
A 1 152 LEU 152 513 513 LEU LEU A . n 
A 1 153 ARG 153 514 514 ARG ARG A . n 
A 1 154 ARG 154 515 515 ARG ARG A . n 
A 1 155 ILE 155 516 516 ILE ILE A . n 
A 1 156 PRO 156 517 517 PRO PRO A . n 
A 1 157 GLY 157 518 518 GLY GLY A . n 
A 1 158 GLN 158 519 519 GLN GLN A . n 
A 1 159 PRO 159 520 520 PRO PRO A . n 
A 1 160 GLU 160 521 521 GLU GLU A . n 
A 1 161 LEU 161 522 522 LEU LEU A . n 
A 1 162 PRO 162 523 523 PRO PRO A . n 
A 1 163 TRP 163 524 524 TRP ALA A . n 
A 1 164 LYS 164 525 ?   ?   ?   A . n 
A 1 165 GLU 165 526 ?   ?   ?   A . n 
A 1 166 VAL 166 527 ?   ?   ?   A . n 
A 1 167 ALA 167 528 ?   ?   ?   A . n 
B 2 1   DA  1   1   1   DA  Ad  B . n 
B 2 2   DC  2   2   2   DC  Cd  B . n 
B 2 3   DT  3   3   3   DT  Td  B . n 
B 2 4   DA  4   4   4   DA  Ad  B . n 
B 2 5   5HC 5   5   5   5HC HMC B . n 
B 2 6   DG  6   6   6   DG  Gd  B . n 
B 2 7   DT  7   7   7   DT  Td  B . n 
B 2 8   DA  8   8   8   DA  Ad  B . n 
B 2 9   DG  9   9   9   DG  Gd  B . n 
B 2 10  DT  10  10  10  DT  Td  B . n 
B 2 11  DT  11  11  ?   ?   ?   B . n 
# 
loop_
_pdbx_nonpoly_scheme.asym_id 
_pdbx_nonpoly_scheme.entity_id 
_pdbx_nonpoly_scheme.mon_id 
_pdbx_nonpoly_scheme.ndb_seq_num 
_pdbx_nonpoly_scheme.pdb_seq_num 
_pdbx_nonpoly_scheme.auth_seq_num 
_pdbx_nonpoly_scheme.pdb_mon_id 
_pdbx_nonpoly_scheme.auth_mon_id 
_pdbx_nonpoly_scheme.pdb_strand_id 
_pdbx_nonpoly_scheme.pdb_ins_code 
C 3 MG  1  601 3  MG  MG  A . 
D 3 MG  1  101 1  MG  MG  B . 
E 3 MG  1  102 2  MG  MG  B . 
F 4 HOH 1  701 15 HOH HOH A . 
F 4 HOH 2  702 3  HOH HOH A . 
F 4 HOH 3  703 2  HOH HOH A . 
F 4 HOH 4  704 4  HOH HOH A . 
F 4 HOH 5  705 7  HOH HOH A . 
F 4 HOH 6  706 10 HOH HOH A . 
F 4 HOH 7  707 6  HOH HOH A . 
F 4 HOH 8  708 8  HOH HOH A . 
F 4 HOH 9  709 5  HOH HOH A . 
F 4 HOH 10 710 13 HOH HOH A . 
F 4 HOH 11 711 14 HOH HOH A . 
G 4 HOH 1  201 12 HOH HOH B . 
G 4 HOH 2  202 1  HOH HOH B . 
G 4 HOH 3  203 9  HOH HOH B . 
G 4 HOH 4  204 16 HOH HOH B . 
G 4 HOH 5  205 11 HOH HOH B . 
# 
_pdbx_struct_assembly.id                   1 
_pdbx_struct_assembly.details              author_and_software_defined_assembly 
_pdbx_struct_assembly.method_details       PISA 
_pdbx_struct_assembly.oligomeric_details   tetrameric 
_pdbx_struct_assembly.oligomeric_count     4 
# 
_pdbx_struct_assembly_gen.assembly_id       1 
_pdbx_struct_assembly_gen.oper_expression   1,2 
_pdbx_struct_assembly_gen.asym_id_list      A,B,C,D,E,F,G 
# 
loop_
_pdbx_struct_assembly_prop.biol_id 
_pdbx_struct_assembly_prop.type 
_pdbx_struct_assembly_prop.value 
_pdbx_struct_assembly_prop.details 
1 'ABSA (A^2)' 5010  ? 
1 MORE         -41   ? 
1 'SSA (A^2)'  16480 ? 
# 
loop_
_pdbx_struct_oper_list.id 
_pdbx_struct_oper_list.type 
_pdbx_struct_oper_list.name 
_pdbx_struct_oper_list.symmetry_operation 
_pdbx_struct_oper_list.matrix[1][1] 
_pdbx_struct_oper_list.matrix[1][2] 
_pdbx_struct_oper_list.matrix[1][3] 
_pdbx_struct_oper_list.vector[1] 
_pdbx_struct_oper_list.matrix[2][1] 
_pdbx_struct_oper_list.matrix[2][2] 
_pdbx_struct_oper_list.matrix[2][3] 
_pdbx_struct_oper_list.vector[2] 
_pdbx_struct_oper_list.matrix[3][1] 
_pdbx_struct_oper_list.matrix[3][2] 
_pdbx_struct_oper_list.matrix[3][3] 
_pdbx_struct_oper_list.vector[3] 
1 'identity operation'         1_555 x,y,z  1.0000000000  0.0000000000 0.0000000000 0.0000000000   0.0000000000 1.0000000000  0.0000000000 0.0000000000  0.0000000000 0.0000000000 1.0000000000  0.0000000000 
2 'crystal symmetry operation' 7_555 y,x,-z -0.2628344118 0.7793207131 0.5688385519 -28.8465093767 0.7793207131 -0.1761135035 0.6013678243 25.3769867623 0.5688385519 0.6013678243 -0.5610520847 2.6155798136 
# 
loop_
_pdbx_audit_revision_history.ordinal 
_pdbx_audit_revision_history.data_content_type 
_pdbx_audit_revision_history.major_revision 
_pdbx_audit_revision_history.minor_revision 
_pdbx_audit_revision_history.revision_date 
1 'Structure model' 1 0 2016-02-17 
2 'Structure model' 1 1 2016-03-02 
3 'Structure model' 1 2 2023-11-08 
# 
_pdbx_audit_revision_details.ordinal             1 
_pdbx_audit_revision_details.revision_ordinal    1 
_pdbx_audit_revision_details.data_content_type   'Structure model' 
_pdbx_audit_revision_details.provider            repository 
_pdbx_audit_revision_details.type                'Initial release' 
_pdbx_audit_revision_details.description         ? 
_pdbx_audit_revision_details.details             ? 
# 
loop_
_pdbx_audit_revision_group.ordinal 
_pdbx_audit_revision_group.revision_ordinal 
_pdbx_audit_revision_group.data_content_type 
_pdbx_audit_revision_group.group 
1 2 'Structure model' 'Database references'    
2 3 'Structure model' 'Data collection'        
3 3 'Structure model' 'Database references'    
4 3 'Structure model' 'Derived calculations'   
5 3 'Structure model' 'Refinement description' 
# 
loop_
_pdbx_audit_revision_category.ordinal 
_pdbx_audit_revision_category.revision_ordinal 
_pdbx_audit_revision_category.data_content_type 
_pdbx_audit_revision_category.category 
1 3 'Structure model' chem_comp_atom                
2 3 'Structure model' chem_comp_bond                
3 3 'Structure model' database_2                    
4 3 'Structure model' pdbx_initial_refinement_model 
5 3 'Structure model' pdbx_struct_oper_list         
# 
loop_
_pdbx_audit_revision_item.ordinal 
_pdbx_audit_revision_item.revision_ordinal 
_pdbx_audit_revision_item.data_content_type 
_pdbx_audit_revision_item.item 
1 3 'Structure model' '_database_2.pdbx_DOI'                      
2 3 'Structure model' '_database_2.pdbx_database_accession'       
3 3 'Structure model' '_pdbx_struct_oper_list.symmetry_operation' 
# 
_phasing.method   MR 
# 
loop_
_software.citation_id 
_software.classification 
_software.compiler_name 
_software.compiler_version 
_software.contact_author 
_software.contact_author_email 
_software.date 
_software.description 
_software.dependencies 
_software.hardware 
_software.language 
_software.location 
_software.mods 
_software.name 
_software.os 
_software.os_version 
_software.type 
_software.version 
_software.pdbx_ordinal 
? refinement        ? ? ? ? ? ? ? ? ? ? ? PHENIX      ? ? ? 1.9_1692 1 
? 'data scaling'    ? ? ? ? ? ? ? ? ? ? ? HKL-2000    ? ? ? .        2 
? phasing           ? ? ? ? ? ? ? ? ? ? ? MOLREP      ? ? ? .        3 
? 'data extraction' ? ? ? ? ? ? ? ? ? ? ? PDB_EXTRACT ? ? ? 3.15     4 
? 'data reduction'  ? ? ? ? ? ? ? ? ? ? ? HKL-2000    ? ? ? .        5 
# 
loop_
_pdbx_validate_torsion.id 
_pdbx_validate_torsion.PDB_model_num 
_pdbx_validate_torsion.auth_comp_id 
_pdbx_validate_torsion.auth_asym_id 
_pdbx_validate_torsion.auth_seq_id 
_pdbx_validate_torsion.PDB_ins_code 
_pdbx_validate_torsion.label_alt_id 
_pdbx_validate_torsion.phi 
_pdbx_validate_torsion.psi 
1 1 TYR A 416 ? ? -124.09 -146.71 
2 1 ASN A 434 ? ? 55.94   74.87   
3 1 LYS A 437 ? ? -96.45  30.86   
4 1 THR A 451 ? ? 53.22   -123.49 
# 
_pdbx_distant_solvent_atoms.id                                1 
_pdbx_distant_solvent_atoms.PDB_model_num                     1 
_pdbx_distant_solvent_atoms.auth_atom_id                      O 
_pdbx_distant_solvent_atoms.label_alt_id                      ? 
_pdbx_distant_solvent_atoms.auth_asym_id                      A 
_pdbx_distant_solvent_atoms.auth_comp_id                      HOH 
_pdbx_distant_solvent_atoms.auth_seq_id                       711 
_pdbx_distant_solvent_atoms.PDB_ins_code                      ? 
_pdbx_distant_solvent_atoms.neighbor_macromolecule_distance   6.58 
_pdbx_distant_solvent_atoms.neighbor_ligand_distance          . 
# 
loop_
_pdbx_unobs_or_zero_occ_atoms.id 
_pdbx_unobs_or_zero_occ_atoms.PDB_model_num 
_pdbx_unobs_or_zero_occ_atoms.polymer_flag 
_pdbx_unobs_or_zero_occ_atoms.occupancy_flag 
_pdbx_unobs_or_zero_occ_atoms.auth_asym_id 
_pdbx_unobs_or_zero_occ_atoms.auth_comp_id 
_pdbx_unobs_or_zero_occ_atoms.auth_seq_id 
_pdbx_unobs_or_zero_occ_atoms.PDB_ins_code 
_pdbx_unobs_or_zero_occ_atoms.auth_atom_id 
_pdbx_unobs_or_zero_occ_atoms.label_alt_id 
_pdbx_unobs_or_zero_occ_atoms.label_asym_id 
_pdbx_unobs_or_zero_occ_atoms.label_comp_id 
_pdbx_unobs_or_zero_occ_atoms.label_seq_id 
_pdbx_unobs_or_zero_occ_atoms.label_atom_id 
1  1 Y 1 A LYS 399 ? CG  ? A LYS 38  CG  
2  1 Y 1 A LYS 399 ? CD  ? A LYS 38  CD  
3  1 Y 1 A LYS 399 ? CE  ? A LYS 38  CE  
4  1 Y 1 A LYS 399 ? NZ  ? A LYS 38  NZ  
5  1 Y 1 A ASP 401 ? CB  ? A ASP 40  CB  
6  1 Y 1 A ASP 401 ? CG  ? A ASP 40  CG  
7  1 Y 1 A ASP 401 ? OD1 ? A ASP 40  OD1 
8  1 Y 1 A ASP 401 ? OD2 ? A ASP 40  OD2 
9  1 Y 1 A GLU 404 ? CG  ? A GLU 43  CG  
10 1 Y 1 A GLU 404 ? CD  ? A GLU 43  CD  
11 1 Y 1 A GLU 404 ? OE1 ? A GLU 43  OE1 
12 1 Y 1 A GLU 404 ? OE2 ? A GLU 43  OE2 
13 1 Y 1 A ASN 417 ? CG  ? A ASN 56  CG  
14 1 Y 1 A ASN 417 ? OD1 ? A ASN 56  OD1 
15 1 Y 1 A ASN 417 ? ND2 ? A ASN 56  ND2 
16 1 Y 1 A LYS 437 ? CG  ? A LYS 76  CG  
17 1 Y 1 A LYS 437 ? CD  ? A LYS 76  CD  
18 1 Y 1 A LYS 437 ? CE  ? A LYS 76  CE  
19 1 Y 1 A LYS 437 ? NZ  ? A LYS 76  NZ  
20 1 Y 1 A LYS 438 ? CG  ? A LYS 77  CG  
21 1 Y 1 A LYS 438 ? CD  ? A LYS 77  CD  
22 1 Y 1 A LYS 438 ? CE  ? A LYS 77  CE  
23 1 Y 1 A LYS 438 ? NZ  ? A LYS 77  NZ  
24 1 Y 1 A GLU 442 ? CG  ? A GLU 81  CG  
25 1 Y 1 A GLU 442 ? CD  ? A GLU 81  CD  
26 1 Y 1 A GLU 442 ? OE1 ? A GLU 81  OE1 
27 1 Y 1 A GLU 442 ? OE2 ? A GLU 81  OE2 
28 1 Y 1 A LYS 473 ? CG  ? A LYS 112 CG  
29 1 Y 1 A LYS 473 ? CD  ? A LYS 112 CD  
30 1 Y 1 A LYS 473 ? CE  ? A LYS 112 CE  
31 1 Y 1 A LYS 473 ? NZ  ? A LYS 112 NZ  
32 1 Y 1 A SER 503 ? CB  ? A SER 142 CB  
33 1 Y 1 A SER 503 ? OG  ? A SER 142 OG  
34 1 Y 1 A GLU 521 ? CG  ? A GLU 160 CG  
35 1 Y 1 A GLU 521 ? CD  ? A GLU 160 CD  
36 1 Y 1 A GLU 521 ? OE1 ? A GLU 160 OE1 
37 1 Y 1 A GLU 521 ? OE2 ? A GLU 160 OE2 
38 1 Y 1 A TRP 524 ? CG  ? A TRP 163 CG  
39 1 Y 1 A TRP 524 ? CD1 ? A TRP 163 CD1 
40 1 Y 1 A TRP 524 ? CD2 ? A TRP 163 CD2 
41 1 Y 1 A TRP 524 ? NE1 ? A TRP 163 NE1 
42 1 Y 1 A TRP 524 ? CE2 ? A TRP 163 CE2 
43 1 Y 1 A TRP 524 ? CE3 ? A TRP 163 CE3 
44 1 Y 1 A TRP 524 ? CZ2 ? A TRP 163 CZ2 
45 1 Y 1 A TRP 524 ? CZ3 ? A TRP 163 CZ3 
46 1 Y 1 A TRP 524 ? CH2 ? A TRP 163 CH2 
# 
loop_
_pdbx_unobs_or_zero_occ_residues.id 
_pdbx_unobs_or_zero_occ_residues.PDB_model_num 
_pdbx_unobs_or_zero_occ_residues.polymer_flag 
_pdbx_unobs_or_zero_occ_residues.occupancy_flag 
_pdbx_unobs_or_zero_occ_residues.auth_asym_id 
_pdbx_unobs_or_zero_occ_residues.auth_comp_id 
_pdbx_unobs_or_zero_occ_residues.auth_seq_id 
_pdbx_unobs_or_zero_occ_residues.PDB_ins_code 
_pdbx_unobs_or_zero_occ_residues.label_asym_id 
_pdbx_unobs_or_zero_occ_residues.label_comp_id 
_pdbx_unobs_or_zero_occ_residues.label_seq_id 
1  1 Y 1 A LYS 439 ? A LYS 78  
2  1 Y 1 A ASN 440 ? A ASN 79  
3  1 Y 1 A ASN 441 ? A ASN 80  
4  1 Y 1 A ASN 474 ? A ASN 113 
5  1 Y 1 A THR 475 ? A THR 114 
6  1 Y 1 A THR 476 ? A THR 115 
7  1 Y 1 A LEU 477 ? A LEU 116 
8  1 Y 1 A GLN 478 ? A GLN 117 
9  1 Y 1 A SER 479 ? A SER 118 
10 1 Y 1 A SER 480 ? A SER 119 
11 1 Y 1 A VAL 481 ? A VAL 120 
12 1 Y 1 A VAL 482 ? A VAL 121 
13 1 Y 1 A ALA 483 ? A ALA 122 
14 1 Y 1 A LYS 525 ? A LYS 164 
15 1 Y 1 A GLU 526 ? A GLU 165 
16 1 Y 1 A VAL 527 ? A VAL 166 
17 1 Y 1 A ALA 528 ? A ALA 167 
18 1 Y 1 B DT  11  ? B DT  11  
# 
loop_
_chem_comp_atom.comp_id 
_chem_comp_atom.atom_id 
_chem_comp_atom.type_symbol 
_chem_comp_atom.pdbx_aromatic_flag 
_chem_comp_atom.pdbx_stereo_config 
_chem_comp_atom.pdbx_ordinal 
5HC P      P  N N 1   
5HC OP1    O  N N 2   
5HC OP2    O  N N 3   
5HC "O5'"  O  N N 4   
5HC "C5'"  C  N N 5   
5HC "C4'"  C  N R 6   
5HC "O4'"  O  N N 7   
5HC "C3'"  C  N S 8   
5HC "O3'"  O  N N 9   
5HC "C2'"  C  N N 10  
5HC "C1'"  C  N R 11  
5HC N1     N  N N 12  
5HC C2     C  N N 13  
5HC O2     O  N N 14  
5HC N3     N  N N 15  
5HC C4     C  N N 16  
5HC N4     N  N N 17  
5HC C5     C  N N 18  
5HC C5M    C  N N 19  
5HC O5     O  N N 20  
5HC C6     C  N N 21  
5HC OP3    O  N N 22  
5HC HOP2   H  N N 23  
5HC "H5'"  H  N N 24  
5HC "H5''" H  N N 25  
5HC H4     H  N N 26  
5HC "H3'"  H  N N 27  
5HC "HO3'" H  N N 28  
5HC "H2'"  H  N N 29  
5HC "H2''" H  N N 30  
5HC "H1'"  H  N N 31  
5HC HN41   H  N N 32  
5HC HN42   H  N N 33  
5HC H5M2   H  N N 34  
5HC H5M1   H  N N 35  
5HC HO5    H  N N 36  
5HC H6     H  N N 37  
5HC HOP3   H  N N 38  
ALA N      N  N N 39  
ALA CA     C  N S 40  
ALA C      C  N N 41  
ALA O      O  N N 42  
ALA CB     C  N N 43  
ALA OXT    O  N N 44  
ALA H      H  N N 45  
ALA H2     H  N N 46  
ALA HA     H  N N 47  
ALA HB1    H  N N 48  
ALA HB2    H  N N 49  
ALA HB3    H  N N 50  
ALA HXT    H  N N 51  
ARG N      N  N N 52  
ARG CA     C  N S 53  
ARG C      C  N N 54  
ARG O      O  N N 55  
ARG CB     C  N N 56  
ARG CG     C  N N 57  
ARG CD     C  N N 58  
ARG NE     N  N N 59  
ARG CZ     C  N N 60  
ARG NH1    N  N N 61  
ARG NH2    N  N N 62  
ARG OXT    O  N N 63  
ARG H      H  N N 64  
ARG H2     H  N N 65  
ARG HA     H  N N 66  
ARG HB2    H  N N 67  
ARG HB3    H  N N 68  
ARG HG2    H  N N 69  
ARG HG3    H  N N 70  
ARG HD2    H  N N 71  
ARG HD3    H  N N 72  
ARG HE     H  N N 73  
ARG HH11   H  N N 74  
ARG HH12   H  N N 75  
ARG HH21   H  N N 76  
ARG HH22   H  N N 77  
ARG HXT    H  N N 78  
ASN N      N  N N 79  
ASN CA     C  N S 80  
ASN C      C  N N 81  
ASN O      O  N N 82  
ASN CB     C  N N 83  
ASN CG     C  N N 84  
ASN OD1    O  N N 85  
ASN ND2    N  N N 86  
ASN OXT    O  N N 87  
ASN H      H  N N 88  
ASN H2     H  N N 89  
ASN HA     H  N N 90  
ASN HB2    H  N N 91  
ASN HB3    H  N N 92  
ASN HD21   H  N N 93  
ASN HD22   H  N N 94  
ASN HXT    H  N N 95  
ASP N      N  N N 96  
ASP CA     C  N S 97  
ASP C      C  N N 98  
ASP O      O  N N 99  
ASP CB     C  N N 100 
ASP CG     C  N N 101 
ASP OD1    O  N N 102 
ASP OD2    O  N N 103 
ASP OXT    O  N N 104 
ASP H      H  N N 105 
ASP H2     H  N N 106 
ASP HA     H  N N 107 
ASP HB2    H  N N 108 
ASP HB3    H  N N 109 
ASP HD2    H  N N 110 
ASP HXT    H  N N 111 
DA  OP3    O  N N 112 
DA  P      P  N N 113 
DA  OP1    O  N N 114 
DA  OP2    O  N N 115 
DA  "O5'"  O  N N 116 
DA  "C5'"  C  N N 117 
DA  "C4'"  C  N R 118 
DA  "O4'"  O  N N 119 
DA  "C3'"  C  N S 120 
DA  "O3'"  O  N N 121 
DA  "C2'"  C  N N 122 
DA  "C1'"  C  N R 123 
DA  N9     N  Y N 124 
DA  C8     C  Y N 125 
DA  N7     N  Y N 126 
DA  C5     C  Y N 127 
DA  C6     C  Y N 128 
DA  N6     N  N N 129 
DA  N1     N  Y N 130 
DA  C2     C  Y N 131 
DA  N3     N  Y N 132 
DA  C4     C  Y N 133 
DA  HOP3   H  N N 134 
DA  HOP2   H  N N 135 
DA  "H5'"  H  N N 136 
DA  "H5''" H  N N 137 
DA  "H4'"  H  N N 138 
DA  "H3'"  H  N N 139 
DA  "HO3'" H  N N 140 
DA  "H2'"  H  N N 141 
DA  "H2''" H  N N 142 
DA  "H1'"  H  N N 143 
DA  H8     H  N N 144 
DA  H61    H  N N 145 
DA  H62    H  N N 146 
DA  H2     H  N N 147 
DC  OP3    O  N N 148 
DC  P      P  N N 149 
DC  OP1    O  N N 150 
DC  OP2    O  N N 151 
DC  "O5'"  O  N N 152 
DC  "C5'"  C  N N 153 
DC  "C4'"  C  N R 154 
DC  "O4'"  O  N N 155 
DC  "C3'"  C  N S 156 
DC  "O3'"  O  N N 157 
DC  "C2'"  C  N N 158 
DC  "C1'"  C  N R 159 
DC  N1     N  N N 160 
DC  C2     C  N N 161 
DC  O2     O  N N 162 
DC  N3     N  N N 163 
DC  C4     C  N N 164 
DC  N4     N  N N 165 
DC  C5     C  N N 166 
DC  C6     C  N N 167 
DC  HOP3   H  N N 168 
DC  HOP2   H  N N 169 
DC  "H5'"  H  N N 170 
DC  "H5''" H  N N 171 
DC  "H4'"  H  N N 172 
DC  "H3'"  H  N N 173 
DC  "HO3'" H  N N 174 
DC  "H2'"  H  N N 175 
DC  "H2''" H  N N 176 
DC  "H1'"  H  N N 177 
DC  H41    H  N N 178 
DC  H42    H  N N 179 
DC  H5     H  N N 180 
DC  H6     H  N N 181 
DG  OP3    O  N N 182 
DG  P      P  N N 183 
DG  OP1    O  N N 184 
DG  OP2    O  N N 185 
DG  "O5'"  O  N N 186 
DG  "C5'"  C  N N 187 
DG  "C4'"  C  N R 188 
DG  "O4'"  O  N N 189 
DG  "C3'"  C  N S 190 
DG  "O3'"  O  N N 191 
DG  "C2'"  C  N N 192 
DG  "C1'"  C  N R 193 
DG  N9     N  Y N 194 
DG  C8     C  Y N 195 
DG  N7     N  Y N 196 
DG  C5     C  Y N 197 
DG  C6     C  N N 198 
DG  O6     O  N N 199 
DG  N1     N  N N 200 
DG  C2     C  N N 201 
DG  N2     N  N N 202 
DG  N3     N  N N 203 
DG  C4     C  Y N 204 
DG  HOP3   H  N N 205 
DG  HOP2   H  N N 206 
DG  "H5'"  H  N N 207 
DG  "H5''" H  N N 208 
DG  "H4'"  H  N N 209 
DG  "H3'"  H  N N 210 
DG  "HO3'" H  N N 211 
DG  "H2'"  H  N N 212 
DG  "H2''" H  N N 213 
DG  "H1'"  H  N N 214 
DG  H8     H  N N 215 
DG  H1     H  N N 216 
DG  H21    H  N N 217 
DG  H22    H  N N 218 
DT  OP3    O  N N 219 
DT  P      P  N N 220 
DT  OP1    O  N N 221 
DT  OP2    O  N N 222 
DT  "O5'"  O  N N 223 
DT  "C5'"  C  N N 224 
DT  "C4'"  C  N R 225 
DT  "O4'"  O  N N 226 
DT  "C3'"  C  N S 227 
DT  "O3'"  O  N N 228 
DT  "C2'"  C  N N 229 
DT  "C1'"  C  N R 230 
DT  N1     N  N N 231 
DT  C2     C  N N 232 
DT  O2     O  N N 233 
DT  N3     N  N N 234 
DT  C4     C  N N 235 
DT  O4     O  N N 236 
DT  C5     C  N N 237 
DT  C7     C  N N 238 
DT  C6     C  N N 239 
DT  HOP3   H  N N 240 
DT  HOP2   H  N N 241 
DT  "H5'"  H  N N 242 
DT  "H5''" H  N N 243 
DT  "H4'"  H  N N 244 
DT  "H3'"  H  N N 245 
DT  "HO3'" H  N N 246 
DT  "H2'"  H  N N 247 
DT  "H2''" H  N N 248 
DT  "H1'"  H  N N 249 
DT  H3     H  N N 250 
DT  H71    H  N N 251 
DT  H72    H  N N 252 
DT  H73    H  N N 253 
DT  H6     H  N N 254 
GLN N      N  N N 255 
GLN CA     C  N S 256 
GLN C      C  N N 257 
GLN O      O  N N 258 
GLN CB     C  N N 259 
GLN CG     C  N N 260 
GLN CD     C  N N 261 
GLN OE1    O  N N 262 
GLN NE2    N  N N 263 
GLN OXT    O  N N 264 
GLN H      H  N N 265 
GLN H2     H  N N 266 
GLN HA     H  N N 267 
GLN HB2    H  N N 268 
GLN HB3    H  N N 269 
GLN HG2    H  N N 270 
GLN HG3    H  N N 271 
GLN HE21   H  N N 272 
GLN HE22   H  N N 273 
GLN HXT    H  N N 274 
GLU N      N  N N 275 
GLU CA     C  N S 276 
GLU C      C  N N 277 
GLU O      O  N N 278 
GLU CB     C  N N 279 
GLU CG     C  N N 280 
GLU CD     C  N N 281 
GLU OE1    O  N N 282 
GLU OE2    O  N N 283 
GLU OXT    O  N N 284 
GLU H      H  N N 285 
GLU H2     H  N N 286 
GLU HA     H  N N 287 
GLU HB2    H  N N 288 
GLU HB3    H  N N 289 
GLU HG2    H  N N 290 
GLU HG3    H  N N 291 
GLU HE2    H  N N 292 
GLU HXT    H  N N 293 
GLY N      N  N N 294 
GLY CA     C  N N 295 
GLY C      C  N N 296 
GLY O      O  N N 297 
GLY OXT    O  N N 298 
GLY H      H  N N 299 
GLY H2     H  N N 300 
GLY HA2    H  N N 301 
GLY HA3    H  N N 302 
GLY HXT    H  N N 303 
HIS N      N  N N 304 
HIS CA     C  N S 305 
HIS C      C  N N 306 
HIS O      O  N N 307 
HIS CB     C  N N 308 
HIS CG     C  Y N 309 
HIS ND1    N  Y N 310 
HIS CD2    C  Y N 311 
HIS CE1    C  Y N 312 
HIS NE2    N  Y N 313 
HIS OXT    O  N N 314 
HIS H      H  N N 315 
HIS H2     H  N N 316 
HIS HA     H  N N 317 
HIS HB2    H  N N 318 
HIS HB3    H  N N 319 
HIS HD1    H  N N 320 
HIS HD2    H  N N 321 
HIS HE1    H  N N 322 
HIS HE2    H  N N 323 
HIS HXT    H  N N 324 
HOH O      O  N N 325 
HOH H1     H  N N 326 
HOH H2     H  N N 327 
ILE N      N  N N 328 
ILE CA     C  N S 329 
ILE C      C  N N 330 
ILE O      O  N N 331 
ILE CB     C  N S 332 
ILE CG1    C  N N 333 
ILE CG2    C  N N 334 
ILE CD1    C  N N 335 
ILE OXT    O  N N 336 
ILE H      H  N N 337 
ILE H2     H  N N 338 
ILE HA     H  N N 339 
ILE HB     H  N N 340 
ILE HG12   H  N N 341 
ILE HG13   H  N N 342 
ILE HG21   H  N N 343 
ILE HG22   H  N N 344 
ILE HG23   H  N N 345 
ILE HD11   H  N N 346 
ILE HD12   H  N N 347 
ILE HD13   H  N N 348 
ILE HXT    H  N N 349 
LEU N      N  N N 350 
LEU CA     C  N S 351 
LEU C      C  N N 352 
LEU O      O  N N 353 
LEU CB     C  N N 354 
LEU CG     C  N N 355 
LEU CD1    C  N N 356 
LEU CD2    C  N N 357 
LEU OXT    O  N N 358 
LEU H      H  N N 359 
LEU H2     H  N N 360 
LEU HA     H  N N 361 
LEU HB2    H  N N 362 
LEU HB3    H  N N 363 
LEU HG     H  N N 364 
LEU HD11   H  N N 365 
LEU HD12   H  N N 366 
LEU HD13   H  N N 367 
LEU HD21   H  N N 368 
LEU HD22   H  N N 369 
LEU HD23   H  N N 370 
LEU HXT    H  N N 371 
LYS N      N  N N 372 
LYS CA     C  N S 373 
LYS C      C  N N 374 
LYS O      O  N N 375 
LYS CB     C  N N 376 
LYS CG     C  N N 377 
LYS CD     C  N N 378 
LYS CE     C  N N 379 
LYS NZ     N  N N 380 
LYS OXT    O  N N 381 
LYS H      H  N N 382 
LYS H2     H  N N 383 
LYS HA     H  N N 384 
LYS HB2    H  N N 385 
LYS HB3    H  N N 386 
LYS HG2    H  N N 387 
LYS HG3    H  N N 388 
LYS HD2    H  N N 389 
LYS HD3    H  N N 390 
LYS HE2    H  N N 391 
LYS HE3    H  N N 392 
LYS HZ1    H  N N 393 
LYS HZ2    H  N N 394 
LYS HZ3    H  N N 395 
LYS HXT    H  N N 396 
MET N      N  N N 397 
MET CA     C  N S 398 
MET C      C  N N 399 
MET O      O  N N 400 
MET CB     C  N N 401 
MET CG     C  N N 402 
MET SD     S  N N 403 
MET CE     C  N N 404 
MET OXT    O  N N 405 
MET H      H  N N 406 
MET H2     H  N N 407 
MET HA     H  N N 408 
MET HB2    H  N N 409 
MET HB3    H  N N 410 
MET HG2    H  N N 411 
MET HG3    H  N N 412 
MET HE1    H  N N 413 
MET HE2    H  N N 414 
MET HE3    H  N N 415 
MET HXT    H  N N 416 
MG  MG     MG N N 417 
PHE N      N  N N 418 
PHE CA     C  N S 419 
PHE C      C  N N 420 
PHE O      O  N N 421 
PHE CB     C  N N 422 
PHE CG     C  Y N 423 
PHE CD1    C  Y N 424 
PHE CD2    C  Y N 425 
PHE CE1    C  Y N 426 
PHE CE2    C  Y N 427 
PHE CZ     C  Y N 428 
PHE OXT    O  N N 429 
PHE H      H  N N 430 
PHE H2     H  N N 431 
PHE HA     H  N N 432 
PHE HB2    H  N N 433 
PHE HB3    H  N N 434 
PHE HD1    H  N N 435 
PHE HD2    H  N N 436 
PHE HE1    H  N N 437 
PHE HE2    H  N N 438 
PHE HZ     H  N N 439 
PHE HXT    H  N N 440 
PRO N      N  N N 441 
PRO CA     C  N S 442 
PRO C      C  N N 443 
PRO O      O  N N 444 
PRO CB     C  N N 445 
PRO CG     C  N N 446 
PRO CD     C  N N 447 
PRO OXT    O  N N 448 
PRO H      H  N N 449 
PRO HA     H  N N 450 
PRO HB2    H  N N 451 
PRO HB3    H  N N 452 
PRO HG2    H  N N 453 
PRO HG3    H  N N 454 
PRO HD2    H  N N 455 
PRO HD3    H  N N 456 
PRO HXT    H  N N 457 
SER N      N  N N 458 
SER CA     C  N S 459 
SER C      C  N N 460 
SER O      O  N N 461 
SER CB     C  N N 462 
SER OG     O  N N 463 
SER OXT    O  N N 464 
SER H      H  N N 465 
SER H2     H  N N 466 
SER HA     H  N N 467 
SER HB2    H  N N 468 
SER HB3    H  N N 469 
SER HG     H  N N 470 
SER HXT    H  N N 471 
THR N      N  N N 472 
THR CA     C  N S 473 
THR C      C  N N 474 
THR O      O  N N 475 
THR CB     C  N R 476 
THR OG1    O  N N 477 
THR CG2    C  N N 478 
THR OXT    O  N N 479 
THR H      H  N N 480 
THR H2     H  N N 481 
THR HA     H  N N 482 
THR HB     H  N N 483 
THR HG1    H  N N 484 
THR HG21   H  N N 485 
THR HG22   H  N N 486 
THR HG23   H  N N 487 
THR HXT    H  N N 488 
TRP N      N  N N 489 
TRP CA     C  N S 490 
TRP C      C  N N 491 
TRP O      O  N N 492 
TRP CB     C  N N 493 
TRP CG     C  Y N 494 
TRP CD1    C  Y N 495 
TRP CD2    C  Y N 496 
TRP NE1    N  Y N 497 
TRP CE2    C  Y N 498 
TRP CE3    C  Y N 499 
TRP CZ2    C  Y N 500 
TRP CZ3    C  Y N 501 
TRP CH2    C  Y N 502 
TRP OXT    O  N N 503 
TRP H      H  N N 504 
TRP H2     H  N N 505 
TRP HA     H  N N 506 
TRP HB2    H  N N 507 
TRP HB3    H  N N 508 
TRP HD1    H  N N 509 
TRP HE1    H  N N 510 
TRP HE3    H  N N 511 
TRP HZ2    H  N N 512 
TRP HZ3    H  N N 513 
TRP HH2    H  N N 514 
TRP HXT    H  N N 515 
TYR N      N  N N 516 
TYR CA     C  N S 517 
TYR C      C  N N 518 
TYR O      O  N N 519 
TYR CB     C  N N 520 
TYR CG     C  Y N 521 
TYR CD1    C  Y N 522 
TYR CD2    C  Y N 523 
TYR CE1    C  Y N 524 
TYR CE2    C  Y N 525 
TYR CZ     C  Y N 526 
TYR OH     O  N N 527 
TYR OXT    O  N N 528 
TYR H      H  N N 529 
TYR H2     H  N N 530 
TYR HA     H  N N 531 
TYR HB2    H  N N 532 
TYR HB3    H  N N 533 
TYR HD1    H  N N 534 
TYR HD2    H  N N 535 
TYR HE1    H  N N 536 
TYR HE2    H  N N 537 
TYR HH     H  N N 538 
TYR HXT    H  N N 539 
VAL N      N  N N 540 
VAL CA     C  N S 541 
VAL C      C  N N 542 
VAL O      O  N N 543 
VAL CB     C  N N 544 
VAL CG1    C  N N 545 
VAL CG2    C  N N 546 
VAL OXT    O  N N 547 
VAL H      H  N N 548 
VAL H2     H  N N 549 
VAL HA     H  N N 550 
VAL HB     H  N N 551 
VAL HG11   H  N N 552 
VAL HG12   H  N N 553 
VAL HG13   H  N N 554 
VAL HG21   H  N N 555 
VAL HG22   H  N N 556 
VAL HG23   H  N N 557 
VAL HXT    H  N N 558 
# 
loop_
_chem_comp_bond.comp_id 
_chem_comp_bond.atom_id_1 
_chem_comp_bond.atom_id_2 
_chem_comp_bond.value_order 
_chem_comp_bond.pdbx_aromatic_flag 
_chem_comp_bond.pdbx_stereo_config 
_chem_comp_bond.pdbx_ordinal 
5HC "O4'" "C4'"  sing N N 1   
5HC "O4'" "C1'"  sing N N 2   
5HC "C4'" "C5'"  sing N N 3   
5HC "C4'" "C3'"  sing N N 4   
5HC O2    C2     doub N N 5   
5HC "C1'" N1     sing N N 6   
5HC "C1'" "C2'"  sing N N 7   
5HC "C5'" "O5'"  sing N N 8   
5HC C2    N1     sing N N 9   
5HC C2    N3     sing N N 10  
5HC N1    C6     sing N N 11  
5HC N3    C4     doub N N 12  
5HC "O5'" P      sing N N 13  
5HC "C2'" "C3'"  sing N N 14  
5HC C6    C5     doub N N 15  
5HC "C3'" "O3'"  sing N N 16  
5HC P     OP1    doub N N 17  
5HC P     OP2    sing N N 18  
5HC C4    C5     sing N N 19  
5HC C4    N4     sing N N 20  
5HC C5    C5M    sing N N 21  
5HC C5M   O5     sing N N 22  
5HC P     OP3    sing N N 23  
5HC OP2   HOP2   sing N N 24  
5HC "C5'" "H5'"  sing N N 25  
5HC "C5'" "H5''" sing N N 26  
5HC "C4'" H4     sing N N 27  
5HC "C3'" "H3'"  sing N N 28  
5HC "O3'" "HO3'" sing N N 29  
5HC "C2'" "H2'"  sing N N 30  
5HC "C2'" "H2''" sing N N 31  
5HC "C1'" "H1'"  sing N N 32  
5HC N4    HN41   sing N N 33  
5HC N4    HN42   sing N N 34  
5HC C5M   H5M2   sing N N 35  
5HC C5M   H5M1   sing N N 36  
5HC O5    HO5    sing N N 37  
5HC C6    H6     sing N N 38  
5HC OP3   HOP3   sing N N 39  
ALA N     CA     sing N N 40  
ALA N     H      sing N N 41  
ALA N     H2     sing N N 42  
ALA CA    C      sing N N 43  
ALA CA    CB     sing N N 44  
ALA CA    HA     sing N N 45  
ALA C     O      doub N N 46  
ALA C     OXT    sing N N 47  
ALA CB    HB1    sing N N 48  
ALA CB    HB2    sing N N 49  
ALA CB    HB3    sing N N 50  
ALA OXT   HXT    sing N N 51  
ARG N     CA     sing N N 52  
ARG N     H      sing N N 53  
ARG N     H2     sing N N 54  
ARG CA    C      sing N N 55  
ARG CA    CB     sing N N 56  
ARG CA    HA     sing N N 57  
ARG C     O      doub N N 58  
ARG C     OXT    sing N N 59  
ARG CB    CG     sing N N 60  
ARG CB    HB2    sing N N 61  
ARG CB    HB3    sing N N 62  
ARG CG    CD     sing N N 63  
ARG CG    HG2    sing N N 64  
ARG CG    HG3    sing N N 65  
ARG CD    NE     sing N N 66  
ARG CD    HD2    sing N N 67  
ARG CD    HD3    sing N N 68  
ARG NE    CZ     sing N N 69  
ARG NE    HE     sing N N 70  
ARG CZ    NH1    sing N N 71  
ARG CZ    NH2    doub N N 72  
ARG NH1   HH11   sing N N 73  
ARG NH1   HH12   sing N N 74  
ARG NH2   HH21   sing N N 75  
ARG NH2   HH22   sing N N 76  
ARG OXT   HXT    sing N N 77  
ASN N     CA     sing N N 78  
ASN N     H      sing N N 79  
ASN N     H2     sing N N 80  
ASN CA    C      sing N N 81  
ASN CA    CB     sing N N 82  
ASN CA    HA     sing N N 83  
ASN C     O      doub N N 84  
ASN C     OXT    sing N N 85  
ASN CB    CG     sing N N 86  
ASN CB    HB2    sing N N 87  
ASN CB    HB3    sing N N 88  
ASN CG    OD1    doub N N 89  
ASN CG    ND2    sing N N 90  
ASN ND2   HD21   sing N N 91  
ASN ND2   HD22   sing N N 92  
ASN OXT   HXT    sing N N 93  
ASP N     CA     sing N N 94  
ASP N     H      sing N N 95  
ASP N     H2     sing N N 96  
ASP CA    C      sing N N 97  
ASP CA    CB     sing N N 98  
ASP CA    HA     sing N N 99  
ASP C     O      doub N N 100 
ASP C     OXT    sing N N 101 
ASP CB    CG     sing N N 102 
ASP CB    HB2    sing N N 103 
ASP CB    HB3    sing N N 104 
ASP CG    OD1    doub N N 105 
ASP CG    OD2    sing N N 106 
ASP OD2   HD2    sing N N 107 
ASP OXT   HXT    sing N N 108 
DA  OP3   P      sing N N 109 
DA  OP3   HOP3   sing N N 110 
DA  P     OP1    doub N N 111 
DA  P     OP2    sing N N 112 
DA  P     "O5'"  sing N N 113 
DA  OP2   HOP2   sing N N 114 
DA  "O5'" "C5'"  sing N N 115 
DA  "C5'" "C4'"  sing N N 116 
DA  "C5'" "H5'"  sing N N 117 
DA  "C5'" "H5''" sing N N 118 
DA  "C4'" "O4'"  sing N N 119 
DA  "C4'" "C3'"  sing N N 120 
DA  "C4'" "H4'"  sing N N 121 
DA  "O4'" "C1'"  sing N N 122 
DA  "C3'" "O3'"  sing N N 123 
DA  "C3'" "C2'"  sing N N 124 
DA  "C3'" "H3'"  sing N N 125 
DA  "O3'" "HO3'" sing N N 126 
DA  "C2'" "C1'"  sing N N 127 
DA  "C2'" "H2'"  sing N N 128 
DA  "C2'" "H2''" sing N N 129 
DA  "C1'" N9     sing N N 130 
DA  "C1'" "H1'"  sing N N 131 
DA  N9    C8     sing Y N 132 
DA  N9    C4     sing Y N 133 
DA  C8    N7     doub Y N 134 
DA  C8    H8     sing N N 135 
DA  N7    C5     sing Y N 136 
DA  C5    C6     sing Y N 137 
DA  C5    C4     doub Y N 138 
DA  C6    N6     sing N N 139 
DA  C6    N1     doub Y N 140 
DA  N6    H61    sing N N 141 
DA  N6    H62    sing N N 142 
DA  N1    C2     sing Y N 143 
DA  C2    N3     doub Y N 144 
DA  C2    H2     sing N N 145 
DA  N3    C4     sing Y N 146 
DC  OP3   P      sing N N 147 
DC  OP3   HOP3   sing N N 148 
DC  P     OP1    doub N N 149 
DC  P     OP2    sing N N 150 
DC  P     "O5'"  sing N N 151 
DC  OP2   HOP2   sing N N 152 
DC  "O5'" "C5'"  sing N N 153 
DC  "C5'" "C4'"  sing N N 154 
DC  "C5'" "H5'"  sing N N 155 
DC  "C5'" "H5''" sing N N 156 
DC  "C4'" "O4'"  sing N N 157 
DC  "C4'" "C3'"  sing N N 158 
DC  "C4'" "H4'"  sing N N 159 
DC  "O4'" "C1'"  sing N N 160 
DC  "C3'" "O3'"  sing N N 161 
DC  "C3'" "C2'"  sing N N 162 
DC  "C3'" "H3'"  sing N N 163 
DC  "O3'" "HO3'" sing N N 164 
DC  "C2'" "C1'"  sing N N 165 
DC  "C2'" "H2'"  sing N N 166 
DC  "C2'" "H2''" sing N N 167 
DC  "C1'" N1     sing N N 168 
DC  "C1'" "H1'"  sing N N 169 
DC  N1    C2     sing N N 170 
DC  N1    C6     sing N N 171 
DC  C2    O2     doub N N 172 
DC  C2    N3     sing N N 173 
DC  N3    C4     doub N N 174 
DC  C4    N4     sing N N 175 
DC  C4    C5     sing N N 176 
DC  N4    H41    sing N N 177 
DC  N4    H42    sing N N 178 
DC  C5    C6     doub N N 179 
DC  C5    H5     sing N N 180 
DC  C6    H6     sing N N 181 
DG  OP3   P      sing N N 182 
DG  OP3   HOP3   sing N N 183 
DG  P     OP1    doub N N 184 
DG  P     OP2    sing N N 185 
DG  P     "O5'"  sing N N 186 
DG  OP2   HOP2   sing N N 187 
DG  "O5'" "C5'"  sing N N 188 
DG  "C5'" "C4'"  sing N N 189 
DG  "C5'" "H5'"  sing N N 190 
DG  "C5'" "H5''" sing N N 191 
DG  "C4'" "O4'"  sing N N 192 
DG  "C4'" "C3'"  sing N N 193 
DG  "C4'" "H4'"  sing N N 194 
DG  "O4'" "C1'"  sing N N 195 
DG  "C3'" "O3'"  sing N N 196 
DG  "C3'" "C2'"  sing N N 197 
DG  "C3'" "H3'"  sing N N 198 
DG  "O3'" "HO3'" sing N N 199 
DG  "C2'" "C1'"  sing N N 200 
DG  "C2'" "H2'"  sing N N 201 
DG  "C2'" "H2''" sing N N 202 
DG  "C1'" N9     sing N N 203 
DG  "C1'" "H1'"  sing N N 204 
DG  N9    C8     sing Y N 205 
DG  N9    C4     sing Y N 206 
DG  C8    N7     doub Y N 207 
DG  C8    H8     sing N N 208 
DG  N7    C5     sing Y N 209 
DG  C5    C6     sing N N 210 
DG  C5    C4     doub Y N 211 
DG  C6    O6     doub N N 212 
DG  C6    N1     sing N N 213 
DG  N1    C2     sing N N 214 
DG  N1    H1     sing N N 215 
DG  C2    N2     sing N N 216 
DG  C2    N3     doub N N 217 
DG  N2    H21    sing N N 218 
DG  N2    H22    sing N N 219 
DG  N3    C4     sing N N 220 
DT  OP3   P      sing N N 221 
DT  OP3   HOP3   sing N N 222 
DT  P     OP1    doub N N 223 
DT  P     OP2    sing N N 224 
DT  P     "O5'"  sing N N 225 
DT  OP2   HOP2   sing N N 226 
DT  "O5'" "C5'"  sing N N 227 
DT  "C5'" "C4'"  sing N N 228 
DT  "C5'" "H5'"  sing N N 229 
DT  "C5'" "H5''" sing N N 230 
DT  "C4'" "O4'"  sing N N 231 
DT  "C4'" "C3'"  sing N N 232 
DT  "C4'" "H4'"  sing N N 233 
DT  "O4'" "C1'"  sing N N 234 
DT  "C3'" "O3'"  sing N N 235 
DT  "C3'" "C2'"  sing N N 236 
DT  "C3'" "H3'"  sing N N 237 
DT  "O3'" "HO3'" sing N N 238 
DT  "C2'" "C1'"  sing N N 239 
DT  "C2'" "H2'"  sing N N 240 
DT  "C2'" "H2''" sing N N 241 
DT  "C1'" N1     sing N N 242 
DT  "C1'" "H1'"  sing N N 243 
DT  N1    C2     sing N N 244 
DT  N1    C6     sing N N 245 
DT  C2    O2     doub N N 246 
DT  C2    N3     sing N N 247 
DT  N3    C4     sing N N 248 
DT  N3    H3     sing N N 249 
DT  C4    O4     doub N N 250 
DT  C4    C5     sing N N 251 
DT  C5    C7     sing N N 252 
DT  C5    C6     doub N N 253 
DT  C7    H71    sing N N 254 
DT  C7    H72    sing N N 255 
DT  C7    H73    sing N N 256 
DT  C6    H6     sing N N 257 
GLN N     CA     sing N N 258 
GLN N     H      sing N N 259 
GLN N     H2     sing N N 260 
GLN CA    C      sing N N 261 
GLN CA    CB     sing N N 262 
GLN CA    HA     sing N N 263 
GLN C     O      doub N N 264 
GLN C     OXT    sing N N 265 
GLN CB    CG     sing N N 266 
GLN CB    HB2    sing N N 267 
GLN CB    HB3    sing N N 268 
GLN CG    CD     sing N N 269 
GLN CG    HG2    sing N N 270 
GLN CG    HG3    sing N N 271 
GLN CD    OE1    doub N N 272 
GLN CD    NE2    sing N N 273 
GLN NE2   HE21   sing N N 274 
GLN NE2   HE22   sing N N 275 
GLN OXT   HXT    sing N N 276 
GLU N     CA     sing N N 277 
GLU N     H      sing N N 278 
GLU N     H2     sing N N 279 
GLU CA    C      sing N N 280 
GLU CA    CB     sing N N 281 
GLU CA    HA     sing N N 282 
GLU C     O      doub N N 283 
GLU C     OXT    sing N N 284 
GLU CB    CG     sing N N 285 
GLU CB    HB2    sing N N 286 
GLU CB    HB3    sing N N 287 
GLU CG    CD     sing N N 288 
GLU CG    HG2    sing N N 289 
GLU CG    HG3    sing N N 290 
GLU CD    OE1    doub N N 291 
GLU CD    OE2    sing N N 292 
GLU OE2   HE2    sing N N 293 
GLU OXT   HXT    sing N N 294 
GLY N     CA     sing N N 295 
GLY N     H      sing N N 296 
GLY N     H2     sing N N 297 
GLY CA    C      sing N N 298 
GLY CA    HA2    sing N N 299 
GLY CA    HA3    sing N N 300 
GLY C     O      doub N N 301 
GLY C     OXT    sing N N 302 
GLY OXT   HXT    sing N N 303 
HIS N     CA     sing N N 304 
HIS N     H      sing N N 305 
HIS N     H2     sing N N 306 
HIS CA    C      sing N N 307 
HIS CA    CB     sing N N 308 
HIS CA    HA     sing N N 309 
HIS C     O      doub N N 310 
HIS C     OXT    sing N N 311 
HIS CB    CG     sing N N 312 
HIS CB    HB2    sing N N 313 
HIS CB    HB3    sing N N 314 
HIS CG    ND1    sing Y N 315 
HIS CG    CD2    doub Y N 316 
HIS ND1   CE1    doub Y N 317 
HIS ND1   HD1    sing N N 318 
HIS CD2   NE2    sing Y N 319 
HIS CD2   HD2    sing N N 320 
HIS CE1   NE2    sing Y N 321 
HIS CE1   HE1    sing N N 322 
HIS NE2   HE2    sing N N 323 
HIS OXT   HXT    sing N N 324 
HOH O     H1     sing N N 325 
HOH O     H2     sing N N 326 
ILE N     CA     sing N N 327 
ILE N     H      sing N N 328 
ILE N     H2     sing N N 329 
ILE CA    C      sing N N 330 
ILE CA    CB     sing N N 331 
ILE CA    HA     sing N N 332 
ILE C     O      doub N N 333 
ILE C     OXT    sing N N 334 
ILE CB    CG1    sing N N 335 
ILE CB    CG2    sing N N 336 
ILE CB    HB     sing N N 337 
ILE CG1   CD1    sing N N 338 
ILE CG1   HG12   sing N N 339 
ILE CG1   HG13   sing N N 340 
ILE CG2   HG21   sing N N 341 
ILE CG2   HG22   sing N N 342 
ILE CG2   HG23   sing N N 343 
ILE CD1   HD11   sing N N 344 
ILE CD1   HD12   sing N N 345 
ILE CD1   HD13   sing N N 346 
ILE OXT   HXT    sing N N 347 
LEU N     CA     sing N N 348 
LEU N     H      sing N N 349 
LEU N     H2     sing N N 350 
LEU CA    C      sing N N 351 
LEU CA    CB     sing N N 352 
LEU CA    HA     sing N N 353 
LEU C     O      doub N N 354 
LEU C     OXT    sing N N 355 
LEU CB    CG     sing N N 356 
LEU CB    HB2    sing N N 357 
LEU CB    HB3    sing N N 358 
LEU CG    CD1    sing N N 359 
LEU CG    CD2    sing N N 360 
LEU CG    HG     sing N N 361 
LEU CD1   HD11   sing N N 362 
LEU CD1   HD12   sing N N 363 
LEU CD1   HD13   sing N N 364 
LEU CD2   HD21   sing N N 365 
LEU CD2   HD22   sing N N 366 
LEU CD2   HD23   sing N N 367 
LEU OXT   HXT    sing N N 368 
LYS N     CA     sing N N 369 
LYS N     H      sing N N 370 
LYS N     H2     sing N N 371 
LYS CA    C      sing N N 372 
LYS CA    CB     sing N N 373 
LYS CA    HA     sing N N 374 
LYS C     O      doub N N 375 
LYS C     OXT    sing N N 376 
LYS CB    CG     sing N N 377 
LYS CB    HB2    sing N N 378 
LYS CB    HB3    sing N N 379 
LYS CG    CD     sing N N 380 
LYS CG    HG2    sing N N 381 
LYS CG    HG3    sing N N 382 
LYS CD    CE     sing N N 383 
LYS CD    HD2    sing N N 384 
LYS CD    HD3    sing N N 385 
LYS CE    NZ     sing N N 386 
LYS CE    HE2    sing N N 387 
LYS CE    HE3    sing N N 388 
LYS NZ    HZ1    sing N N 389 
LYS NZ    HZ2    sing N N 390 
LYS NZ    HZ3    sing N N 391 
LYS OXT   HXT    sing N N 392 
MET N     CA     sing N N 393 
MET N     H      sing N N 394 
MET N     H2     sing N N 395 
MET CA    C      sing N N 396 
MET CA    CB     sing N N 397 
MET CA    HA     sing N N 398 
MET C     O      doub N N 399 
MET C     OXT    sing N N 400 
MET CB    CG     sing N N 401 
MET CB    HB2    sing N N 402 
MET CB    HB3    sing N N 403 
MET CG    SD     sing N N 404 
MET CG    HG2    sing N N 405 
MET CG    HG3    sing N N 406 
MET SD    CE     sing N N 407 
MET CE    HE1    sing N N 408 
MET CE    HE2    sing N N 409 
MET CE    HE3    sing N N 410 
MET OXT   HXT    sing N N 411 
PHE N     CA     sing N N 412 
PHE N     H      sing N N 413 
PHE N     H2     sing N N 414 
PHE CA    C      sing N N 415 
PHE CA    CB     sing N N 416 
PHE CA    HA     sing N N 417 
PHE C     O      doub N N 418 
PHE C     OXT    sing N N 419 
PHE CB    CG     sing N N 420 
PHE CB    HB2    sing N N 421 
PHE CB    HB3    sing N N 422 
PHE CG    CD1    doub Y N 423 
PHE CG    CD2    sing Y N 424 
PHE CD1   CE1    sing Y N 425 
PHE CD1   HD1    sing N N 426 
PHE CD2   CE2    doub Y N 427 
PHE CD2   HD2    sing N N 428 
PHE CE1   CZ     doub Y N 429 
PHE CE1   HE1    sing N N 430 
PHE CE2   CZ     sing Y N 431 
PHE CE2   HE2    sing N N 432 
PHE CZ    HZ     sing N N 433 
PHE OXT   HXT    sing N N 434 
PRO N     CA     sing N N 435 
PRO N     CD     sing N N 436 
PRO N     H      sing N N 437 
PRO CA    C      sing N N 438 
PRO CA    CB     sing N N 439 
PRO CA    HA     sing N N 440 
PRO C     O      doub N N 441 
PRO C     OXT    sing N N 442 
PRO CB    CG     sing N N 443 
PRO CB    HB2    sing N N 444 
PRO CB    HB3    sing N N 445 
PRO CG    CD     sing N N 446 
PRO CG    HG2    sing N N 447 
PRO CG    HG3    sing N N 448 
PRO CD    HD2    sing N N 449 
PRO CD    HD3    sing N N 450 
PRO OXT   HXT    sing N N 451 
SER N     CA     sing N N 452 
SER N     H      sing N N 453 
SER N     H2     sing N N 454 
SER CA    C      sing N N 455 
SER CA    CB     sing N N 456 
SER CA    HA     sing N N 457 
SER C     O      doub N N 458 
SER C     OXT    sing N N 459 
SER CB    OG     sing N N 460 
SER CB    HB2    sing N N 461 
SER CB    HB3    sing N N 462 
SER OG    HG     sing N N 463 
SER OXT   HXT    sing N N 464 
THR N     CA     sing N N 465 
THR N     H      sing N N 466 
THR N     H2     sing N N 467 
THR CA    C      sing N N 468 
THR CA    CB     sing N N 469 
THR CA    HA     sing N N 470 
THR C     O      doub N N 471 
THR C     OXT    sing N N 472 
THR CB    OG1    sing N N 473 
THR CB    CG2    sing N N 474 
THR CB    HB     sing N N 475 
THR OG1   HG1    sing N N 476 
THR CG2   HG21   sing N N 477 
THR CG2   HG22   sing N N 478 
THR CG2   HG23   sing N N 479 
THR OXT   HXT    sing N N 480 
TRP N     CA     sing N N 481 
TRP N     H      sing N N 482 
TRP N     H2     sing N N 483 
TRP CA    C      sing N N 484 
TRP CA    CB     sing N N 485 
TRP CA    HA     sing N N 486 
TRP C     O      doub N N 487 
TRP C     OXT    sing N N 488 
TRP CB    CG     sing N N 489 
TRP CB    HB2    sing N N 490 
TRP CB    HB3    sing N N 491 
TRP CG    CD1    doub Y N 492 
TRP CG    CD2    sing Y N 493 
TRP CD1   NE1    sing Y N 494 
TRP CD1   HD1    sing N N 495 
TRP CD2   CE2    doub Y N 496 
TRP CD2   CE3    sing Y N 497 
TRP NE1   CE2    sing Y N 498 
TRP NE1   HE1    sing N N 499 
TRP CE2   CZ2    sing Y N 500 
TRP CE3   CZ3    doub Y N 501 
TRP CE3   HE3    sing N N 502 
TRP CZ2   CH2    doub Y N 503 
TRP CZ2   HZ2    sing N N 504 
TRP CZ3   CH2    sing Y N 505 
TRP CZ3   HZ3    sing N N 506 
TRP CH2   HH2    sing N N 507 
TRP OXT   HXT    sing N N 508 
TYR N     CA     sing N N 509 
TYR N     H      sing N N 510 
TYR N     H2     sing N N 511 
TYR CA    C      sing N N 512 
TYR CA    CB     sing N N 513 
TYR CA    HA     sing N N 514 
TYR C     O      doub N N 515 
TYR C     OXT    sing N N 516 
TYR CB    CG     sing N N 517 
TYR CB    HB2    sing N N 518 
TYR CB    HB3    sing N N 519 
TYR CG    CD1    doub Y N 520 
TYR CG    CD2    sing Y N 521 
TYR CD1   CE1    sing Y N 522 
TYR CD1   HD1    sing N N 523 
TYR CD2   CE2    doub Y N 524 
TYR CD2   HD2    sing N N 525 
TYR CE1   CZ     doub Y N 526 
TYR CE1   HE1    sing N N 527 
TYR CE2   CZ     sing Y N 528 
TYR CE2   HE2    sing N N 529 
TYR CZ    OH     sing N N 530 
TYR OH    HH     sing N N 531 
TYR OXT   HXT    sing N N 532 
VAL N     CA     sing N N 533 
VAL N     H      sing N N 534 
VAL N     H2     sing N N 535 
VAL CA    C      sing N N 536 
VAL CA    CB     sing N N 537 
VAL CA    HA     sing N N 538 
VAL C     O      doub N N 539 
VAL C     OXT    sing N N 540 
VAL CB    CG1    sing N N 541 
VAL CB    CG2    sing N N 542 
VAL CB    HB     sing N N 543 
VAL CG1   HG11   sing N N 544 
VAL CG1   HG12   sing N N 545 
VAL CG1   HG13   sing N N 546 
VAL CG2   HG21   sing N N 547 
VAL CG2   HG22   sing N N 548 
VAL CG2   HG23   sing N N 549 
VAL OXT   HXT    sing N N 550 
# 
_ndb_struct_conf_na.entry_id   4YGI 
_ndb_struct_conf_na.feature    'b-form double helix' 
# 
loop_
_ndb_struct_na_base_pair.model_number 
_ndb_struct_na_base_pair.i_label_asym_id 
_ndb_struct_na_base_pair.i_label_comp_id 
_ndb_struct_na_base_pair.i_label_seq_id 
_ndb_struct_na_base_pair.i_symmetry 
_ndb_struct_na_base_pair.j_label_asym_id 
_ndb_struct_na_base_pair.j_label_comp_id 
_ndb_struct_na_base_pair.j_label_seq_id 
_ndb_struct_na_base_pair.j_symmetry 
_ndb_struct_na_base_pair.shear 
_ndb_struct_na_base_pair.stretch 
_ndb_struct_na_base_pair.stagger 
_ndb_struct_na_base_pair.buckle 
_ndb_struct_na_base_pair.propeller 
_ndb_struct_na_base_pair.opening 
_ndb_struct_na_base_pair.pair_number 
_ndb_struct_na_base_pair.pair_name 
_ndb_struct_na_base_pair.i_auth_asym_id 
_ndb_struct_na_base_pair.i_auth_seq_id 
_ndb_struct_na_base_pair.i_PDB_ins_code 
_ndb_struct_na_base_pair.j_auth_asym_id 
_ndb_struct_na_base_pair.j_auth_seq_id 
_ndb_struct_na_base_pair.j_PDB_ins_code 
_ndb_struct_na_base_pair.hbond_type_28 
_ndb_struct_na_base_pair.hbond_type_12 
1 B DA 1 1_555 B DT 10 7_555 -0.029 -0.078 -0.314 -14.310 -4.105 4.557  1 B_DA1:DT10_B B 1 ? B 10 ? 20 1 
1 B DC 2 1_555 B DG 9  7_555 -0.317 -0.204 -0.091 2.841   -9.550 -1.041 2 B_DC2:DG9_B  B 2 ? B 9  ? 19 1 
1 B DT 3 1_555 B DA 8  7_555 0.226  -0.287 0.192  1.618   -9.336 1.987  3 B_DT3:DA8_B  B 3 ? B 8  ? 20 1 
1 B DA 4 1_555 B DT 7  7_555 -0.186 -0.182 0.083  11.678  -7.553 6.559  4 B_DA4:DT7_B  B 4 ? B 7  ? 20 1 
1 B DA 1 1_555 B DT 10 1_555 -0.029 -0.078 -0.314 -14.310 -4.105 4.557  5 B_DA1:DT10_B B 1 ? B 10 ? 20 1 
1 B DC 2 1_555 B DG 9  1_555 -0.317 -0.204 -0.091 2.841   -9.550 -1.041 6 B_DC2:DG9_B  B 2 ? B 9  ? 19 1 
1 B DT 3 1_555 B DA 8  1_555 0.226  -0.287 0.192  1.618   -9.336 1.987  7 B_DT3:DA8_B  B 3 ? B 8  ? 20 1 
1 B DA 4 1_555 B DT 7  1_555 -0.186 -0.182 0.083  11.678  -7.553 6.559  8 B_DA4:DT7_B  B 4 ? B 7  ? 20 1 
# 
loop_
_ndb_struct_na_base_pair_step.model_number 
_ndb_struct_na_base_pair_step.i_label_asym_id_1 
_ndb_struct_na_base_pair_step.i_label_comp_id_1 
_ndb_struct_na_base_pair_step.i_label_seq_id_1 
_ndb_struct_na_base_pair_step.i_symmetry_1 
_ndb_struct_na_base_pair_step.j_label_asym_id_1 
_ndb_struct_na_base_pair_step.j_label_comp_id_1 
_ndb_struct_na_base_pair_step.j_label_seq_id_1 
_ndb_struct_na_base_pair_step.j_symmetry_1 
_ndb_struct_na_base_pair_step.i_label_asym_id_2 
_ndb_struct_na_base_pair_step.i_label_comp_id_2 
_ndb_struct_na_base_pair_step.i_label_seq_id_2 
_ndb_struct_na_base_pair_step.i_symmetry_2 
_ndb_struct_na_base_pair_step.j_label_asym_id_2 
_ndb_struct_na_base_pair_step.j_label_comp_id_2 
_ndb_struct_na_base_pair_step.j_label_seq_id_2 
_ndb_struct_na_base_pair_step.j_symmetry_2 
_ndb_struct_na_base_pair_step.shift 
_ndb_struct_na_base_pair_step.slide 
_ndb_struct_na_base_pair_step.rise 
_ndb_struct_na_base_pair_step.tilt 
_ndb_struct_na_base_pair_step.roll 
_ndb_struct_na_base_pair_step.twist 
_ndb_struct_na_base_pair_step.x_displacement 
_ndb_struct_na_base_pair_step.y_displacement 
_ndb_struct_na_base_pair_step.helical_rise 
_ndb_struct_na_base_pair_step.inclination 
_ndb_struct_na_base_pair_step.tip 
_ndb_struct_na_base_pair_step.helical_twist 
_ndb_struct_na_base_pair_step.step_number 
_ndb_struct_na_base_pair_step.step_name 
_ndb_struct_na_base_pair_step.i_auth_asym_id_1 
_ndb_struct_na_base_pair_step.i_auth_seq_id_1 
_ndb_struct_na_base_pair_step.i_PDB_ins_code_1 
_ndb_struct_na_base_pair_step.j_auth_asym_id_1 
_ndb_struct_na_base_pair_step.j_auth_seq_id_1 
_ndb_struct_na_base_pair_step.j_PDB_ins_code_1 
_ndb_struct_na_base_pair_step.i_auth_asym_id_2 
_ndb_struct_na_base_pair_step.i_auth_seq_id_2 
_ndb_struct_na_base_pair_step.i_PDB_ins_code_2 
_ndb_struct_na_base_pair_step.j_auth_asym_id_2 
_ndb_struct_na_base_pair_step.j_auth_seq_id_2 
_ndb_struct_na_base_pair_step.j_PDB_ins_code_2 
1 B DA 1 1_555 B DT 10 7_555 B DC 2 1_555 B DG 9 7_555 -0.273 -0.404 2.954 -1.520 -0.909 28.822 -0.626 0.240  2.976 -1.824 3.051  
28.876 1 BB_DA1DC2:DG9DT10_BB B 1 ? B 10 ? B 2 ? B 9 ? 
1 B DC 2 1_555 B DG 9  7_555 B DT 3 1_555 B DA 8 7_555 0.278  -0.429 3.384 -0.426 -1.253 32.683 -0.538 -0.571 3.394 -2.226 0.756  
32.709 2 BB_DC2DT3:DA8DG9_BB  B 2 ? B 9  ? B 3 ? B 8 ? 
1 B DT 3 1_555 B DA 8  7_555 B DA 4 1_555 B DT 7 7_555 0.793  0.133  3.022 3.836  9.754  30.753 -1.383 -0.781 2.999 17.756 -6.984 
32.449 3 BB_DT3DA4:DT7DA8_BB  B 3 ? B 8  ? B 4 ? B 7 ? 
1 B DA 1 1_555 B DT 10 1_555 B DC 2 1_555 B DG 9 1_555 -0.273 -0.404 2.954 -1.520 -0.909 28.822 -0.626 0.240  2.976 -1.824 3.051  
28.876 4 BB_DA1DC2:DG9DT10_BB B 1 ? B 10 ? B 2 ? B 9 ? 
1 B DC 2 1_555 B DG 9  1_555 B DT 3 1_555 B DA 8 1_555 0.278  -0.429 3.384 -0.426 -1.253 32.683 -0.538 -0.571 3.394 -2.226 0.756  
32.709 5 BB_DC2DT3:DA8DG9_BB  B 2 ? B 9  ? B 3 ? B 8 ? 
1 B DT 3 1_555 B DA 8  1_555 B DA 4 1_555 B DT 7 1_555 0.793  0.133  3.022 3.836  9.754  30.753 -1.383 -0.781 2.999 17.756 -6.984 
32.449 6 BB_DT3DA4:DT7DA8_BB  B 3 ? B 8  ? B 4 ? B 7 ? 
# 
loop_
_pdbx_entity_nonpoly.entity_id 
_pdbx_entity_nonpoly.name 
_pdbx_entity_nonpoly.comp_id 
3 'MAGNESIUM ION' MG  
4 water           HOH 
# 
_pdbx_initial_refinement_model.id               1 
_pdbx_initial_refinement_model.entity_id_list   ? 
_pdbx_initial_refinement_model.type             'experimental model' 
_pdbx_initial_refinement_model.source_name      PDB 
_pdbx_initial_refinement_model.accession_code   3Q0B 
_pdbx_initial_refinement_model.details          ? 
# 
